data_3GQK
# 
_entry.id   3GQK 
# 
_audit_conform.dict_name       mmcif_pdbx.dic 
_audit_conform.dict_version    5.378 
_audit_conform.dict_location   http://mmcif.pdb.org/dictionaries/ascii/mmcif_pdbx.dic 
# 
loop_
_database_2.database_id 
_database_2.database_code 
_database_2.pdbx_database_accession 
_database_2.pdbx_DOI 
PDB   3GQK         pdb_00003gqk 10.2210/pdb3gqk/pdb 
RCSB  RCSB052189   ?            ?                   
WWPDB D_1000052189 ?            ?                   
# 
loop_
_pdbx_database_related.db_name 
_pdbx_database_related.db_id 
_pdbx_database_related.details 
_pdbx_database_related.content_type 
PDB 3GQ7 'Crystal Structure of the Bacteriophage Phi29 Gene Product 12 N-terminal Fragment' unspecified 
PDB 3GQ8 
;Crystal Structure of the Bacteriophage phi29 gene product 12 N-terminal fragment in complex with 2-(N-cyclohexylamino)ethane sulfonic acid (CHES)
;
unspecified 
PDB 3GQ9 'Crystal Structure of the Bacteriophage phi29 gene product 12 N-terminal fragment in an apo form' unspecified 
PDB 3GQA 'Crystal Structure of the Bacteriophage phi29 gene product 12 N-terminal fragment in complex with cobalt ions' 
unspecified 
PDB 3GQH 'Crystal Structure of the Bacteriophage phi29 gene product 12 C-terminal fragment' unspecified 
PDB 3GQN 'Crystal Structure of the Pre-mature Bacteriophage phi29 gene product 12' unspecified 
# 
_pdbx_database_status.entry_id                        3GQK 
_pdbx_database_status.deposit_site                    RCSB 
_pdbx_database_status.process_site                    RCSB 
_pdbx_database_status.recvd_initial_deposition_date   2009-03-24 
_pdbx_database_status.status_code                     REL 
_pdbx_database_status.status_code_sf                  REL 
_pdbx_database_status.status_code_mr                  ? 
_pdbx_database_status.SG_entry                        ? 
_pdbx_database_status.status_code_cs                  ? 
_pdbx_database_status.pdb_format_compatible           Y 
_pdbx_database_status.methods_development_category    ? 
_pdbx_database_status.status_code_nmr_data            ? 
# 
loop_
_audit_author.name 
_audit_author.pdbx_ordinal 
'Xiang, Y.'      1 
'Rossmann, M.G.' 2 
# 
_citation.id                        primary 
_citation.title                     
'Crystallographic insights into the autocatalytic assembly mechanism of a bacteriophage tail spike.' 
_citation.journal_abbrev            Mol.Cell 
_citation.journal_volume            34 
_citation.page_first                375 
_citation.page_last                 386 
_citation.year                      2009 
_citation.journal_id_ASTM           MOCEFL 
_citation.country                   US 
_citation.journal_id_ISSN           1097-2765 
_citation.journal_id_CSD            2168 
_citation.book_publisher            ? 
_citation.pdbx_database_id_PubMed   19450535 
_citation.pdbx_database_id_DOI      10.1016/j.molcel.2009.04.009 
# 
loop_
_citation_author.citation_id 
_citation_author.name 
_citation_author.ordinal 
_citation_author.identifier_ORCID 
primary 'Xiang, Y.'      1 ? 
primary 'Leiman, P.G.'   2 ? 
primary 'Li, L.'         3 ? 
primary 'Grimes, S.'     4 ? 
primary 'Anderson, D.L.' 5 ? 
primary 'Rossmann, M.G.' 6 ? 
# 
_cell.length_a           85.211 
_cell.length_b           85.211 
_cell.length_c           85.211 
_cell.angle_alpha        90.000 
_cell.angle_beta         90.000 
_cell.angle_gamma        90.000 
_cell.entry_id           3GQK 
_cell.pdbx_unique_axis   ? 
_cell.Z_PDB              12 
_cell.length_a_esd       ? 
_cell.length_b_esd       ? 
_cell.length_c_esd       ? 
_cell.angle_alpha_esd    ? 
_cell.angle_beta_esd     ? 
_cell.angle_gamma_esd    ? 
# 
_symmetry.space_group_name_H-M             'P 21 3' 
_symmetry.entry_id                         3GQK 
_symmetry.Int_Tables_number                198 
_symmetry.pdbx_full_space_group_name_H-M   ? 
_symmetry.cell_setting                     ? 
_symmetry.space_group_name_Hall            ? 
# 
loop_
_entity.id 
_entity.type 
_entity.src_method 
_entity.pdbx_description 
_entity.formula_weight 
_entity.pdbx_number_of_molecules 
_entity.pdbx_ec 
_entity.pdbx_mutation 
_entity.pdbx_fragment 
_entity.details 
1 polymer     man 'Preneck appendage protein' 18014.301 1 ? ? 'D4, Residues 692-854' ? 
2 non-polymer syn "ADENOSINE-5'-TRIPHOSPHATE" 507.181   1 ? ? ?                      ? 
3 non-polymer syn 'MAGNESIUM ION'             24.305    1 ? ? ?                      ? 
4 water       nat water                       18.015    3 ? ? ?                      ? 
# 
_entity_poly.entity_id                      1 
_entity_poly.type                           'polypeptide(L)' 
_entity_poly.nstd_linkage                   no 
_entity_poly.nstd_monomer                   no 
_entity_poly.pdbx_seq_one_letter_code       
;DFAEYFESLGGQVIETGYLVTLEKGKIRKAEKGEKIIGVISETAGFVLGESSFEWQGAVLKNEFGGIIYEEVTTEDGVKF
KRPLPNPDFDPNKNYIPRSQRREWHVVGLLGQIAVRIDETVKQGHSIDAVGGVATDGDNFIVQEITTPYTKEKGYGVAIV
LVK
;
_entity_poly.pdbx_seq_one_letter_code_can   
;DFAEYFESLGGQVIETGYLVTLEKGKIRKAEKGEKIIGVISETAGFVLGESSFEWQGAVLKNEFGGIIYEEVTTEDGVKF
KRPLPNPDFDPNKNYIPRSQRREWHVVGLLGQIAVRIDETVKQGHSIDAVGGVATDGDNFIVQEITTPYTKEKGYGVAIV
LVK
;
_entity_poly.pdbx_strand_id                 A 
_entity_poly.pdbx_target_identifier         ? 
# 
loop_
_entity_poly_seq.entity_id 
_entity_poly_seq.num 
_entity_poly_seq.mon_id 
_entity_poly_seq.hetero 
1 1   ASP n 
1 2   PHE n 
1 3   ALA n 
1 4   GLU n 
1 5   TYR n 
1 6   PHE n 
1 7   GLU n 
1 8   SER n 
1 9   LEU n 
1 10  GLY n 
1 11  GLY n 
1 12  GLN n 
1 13  VAL n 
1 14  ILE n 
1 15  GLU n 
1 16  THR n 
1 17  GLY n 
1 18  TYR n 
1 19  LEU n 
1 20  VAL n 
1 21  THR n 
1 22  LEU n 
1 23  GLU n 
1 24  LYS n 
1 25  GLY n 
1 26  LYS n 
1 27  ILE n 
1 28  ARG n 
1 29  LYS n 
1 30  ALA n 
1 31  GLU n 
1 32  LYS n 
1 33  GLY n 
1 34  GLU n 
1 35  LYS n 
1 36  ILE n 
1 37  ILE n 
1 38  GLY n 
1 39  VAL n 
1 40  ILE n 
1 41  SER n 
1 42  GLU n 
1 43  THR n 
1 44  ALA n 
1 45  GLY n 
1 46  PHE n 
1 47  VAL n 
1 48  LEU n 
1 49  GLY n 
1 50  GLU n 
1 51  SER n 
1 52  SER n 
1 53  PHE n 
1 54  GLU n 
1 55  TRP n 
1 56  GLN n 
1 57  GLY n 
1 58  ALA n 
1 59  VAL n 
1 60  LEU n 
1 61  LYS n 
1 62  ASN n 
1 63  GLU n 
1 64  PHE n 
1 65  GLY n 
1 66  GLY n 
1 67  ILE n 
1 68  ILE n 
1 69  TYR n 
1 70  GLU n 
1 71  GLU n 
1 72  VAL n 
1 73  THR n 
1 74  THR n 
1 75  GLU n 
1 76  ASP n 
1 77  GLY n 
1 78  VAL n 
1 79  LYS n 
1 80  PHE n 
1 81  LYS n 
1 82  ARG n 
1 83  PRO n 
1 84  LEU n 
1 85  PRO n 
1 86  ASN n 
1 87  PRO n 
1 88  ASP n 
1 89  PHE n 
1 90  ASP n 
1 91  PRO n 
1 92  ASN n 
1 93  LYS n 
1 94  ASN n 
1 95  TYR n 
1 96  ILE n 
1 97  PRO n 
1 98  ARG n 
1 99  SER n 
1 100 GLN n 
1 101 ARG n 
1 102 ARG n 
1 103 GLU n 
1 104 TRP n 
1 105 HIS n 
1 106 VAL n 
1 107 VAL n 
1 108 GLY n 
1 109 LEU n 
1 110 LEU n 
1 111 GLY n 
1 112 GLN n 
1 113 ILE n 
1 114 ALA n 
1 115 VAL n 
1 116 ARG n 
1 117 ILE n 
1 118 ASP n 
1 119 GLU n 
1 120 THR n 
1 121 VAL n 
1 122 LYS n 
1 123 GLN n 
1 124 GLY n 
1 125 HIS n 
1 126 SER n 
1 127 ILE n 
1 128 ASP n 
1 129 ALA n 
1 130 VAL n 
1 131 GLY n 
1 132 GLY n 
1 133 VAL n 
1 134 ALA n 
1 135 THR n 
1 136 ASP n 
1 137 GLY n 
1 138 ASP n 
1 139 ASN n 
1 140 PHE n 
1 141 ILE n 
1 142 VAL n 
1 143 GLN n 
1 144 GLU n 
1 145 ILE n 
1 146 THR n 
1 147 THR n 
1 148 PRO n 
1 149 TYR n 
1 150 THR n 
1 151 LYS n 
1 152 GLU n 
1 153 LYS n 
1 154 GLY n 
1 155 TYR n 
1 156 GLY n 
1 157 VAL n 
1 158 ALA n 
1 159 ILE n 
1 160 VAL n 
1 161 LEU n 
1 162 VAL n 
1 163 LYS n 
# 
_entity_src_gen.entity_id                          1 
_entity_src_gen.pdbx_src_id                        1 
_entity_src_gen.pdbx_alt_source_flag               sample 
_entity_src_gen.pdbx_seq_type                      ? 
_entity_src_gen.pdbx_beg_seq_num                   ? 
_entity_src_gen.pdbx_end_seq_num                   ? 
_entity_src_gen.gene_src_common_name               ? 
_entity_src_gen.gene_src_genus                     ? 
_entity_src_gen.pdbx_gene_src_gene                 '12, gene product 12' 
_entity_src_gen.gene_src_species                   ? 
_entity_src_gen.gene_src_strain                    ? 
_entity_src_gen.gene_src_tissue                    ? 
_entity_src_gen.gene_src_tissue_fraction           ? 
_entity_src_gen.gene_src_details                   'RESIDUES 692-854 EXPRESSED WITH A N-TERMIINAL HIS6 TAG' 
_entity_src_gen.pdbx_gene_src_fragment             ? 
_entity_src_gen.pdbx_gene_src_scientific_name      'Bacillus phage phi29' 
_entity_src_gen.pdbx_gene_src_ncbi_taxonomy_id     10756 
_entity_src_gen.pdbx_gene_src_variant              ? 
_entity_src_gen.pdbx_gene_src_cell_line            ? 
_entity_src_gen.pdbx_gene_src_atcc                 ? 
_entity_src_gen.pdbx_gene_src_organ                ? 
_entity_src_gen.pdbx_gene_src_organelle            ? 
_entity_src_gen.pdbx_gene_src_cell                 ? 
_entity_src_gen.pdbx_gene_src_cellular_location    ? 
_entity_src_gen.host_org_common_name               ? 
_entity_src_gen.pdbx_host_org_scientific_name      'Escherichia coli' 
_entity_src_gen.pdbx_host_org_ncbi_taxonomy_id     562 
_entity_src_gen.host_org_genus                     ? 
_entity_src_gen.pdbx_host_org_gene                 ? 
_entity_src_gen.pdbx_host_org_organ                ? 
_entity_src_gen.host_org_species                   ? 
_entity_src_gen.pdbx_host_org_tissue               ? 
_entity_src_gen.pdbx_host_org_tissue_fraction      ? 
_entity_src_gen.pdbx_host_org_strain               'BL21(DE3)RIL' 
_entity_src_gen.pdbx_host_org_variant              ? 
_entity_src_gen.pdbx_host_org_cell_line            ? 
_entity_src_gen.pdbx_host_org_atcc                 ? 
_entity_src_gen.pdbx_host_org_culture_collection   ? 
_entity_src_gen.pdbx_host_org_cell                 ? 
_entity_src_gen.pdbx_host_org_organelle            ? 
_entity_src_gen.pdbx_host_org_cellular_location    ? 
_entity_src_gen.pdbx_host_org_vector_type          plasmid 
_entity_src_gen.pdbx_host_org_vector               ? 
_entity_src_gen.host_org_details                   ? 
_entity_src_gen.expression_system_id               ? 
_entity_src_gen.plasmid_name                       PET28B 
_entity_src_gen.plasmid_details                    ? 
_entity_src_gen.pdbx_description                   ? 
# 
_struct_ref.id                         1 
_struct_ref.db_name                    UNP 
_struct_ref.db_code                    B3VMP8_BPPH2 
_struct_ref.pdbx_db_accession          B3VMP8 
_struct_ref.entity_id                  1 
_struct_ref.pdbx_seq_one_letter_code   
;DFAEYFESLDGQVIETGYLVTLEKGKIRKAEKGEKIIGVISETAGFVLGESSFEWQGAVLKNEFGGIIYEEVTTEDGVKF
KRPLPNPDFDPNKNYIPRSQRREWHVVGLLGQIAVRIDETVKQGHGIDAVGGVATDGDNFIVQEITTPYTKEKGYGVAIV
LVK
;
_struct_ref.pdbx_align_begin           692 
_struct_ref.pdbx_db_isoform            ? 
# 
_struct_ref_seq.align_id                      1 
_struct_ref_seq.ref_id                        1 
_struct_ref_seq.pdbx_PDB_id_code              3GQK 
_struct_ref_seq.pdbx_strand_id                A 
_struct_ref_seq.seq_align_beg                 1 
_struct_ref_seq.pdbx_seq_align_beg_ins_code   ? 
_struct_ref_seq.seq_align_end                 163 
_struct_ref_seq.pdbx_seq_align_end_ins_code   ? 
_struct_ref_seq.pdbx_db_accession             B3VMP8 
_struct_ref_seq.db_align_beg                  692 
_struct_ref_seq.pdbx_db_align_beg_ins_code    ? 
_struct_ref_seq.db_align_end                  854 
_struct_ref_seq.pdbx_db_align_end_ins_code    ? 
_struct_ref_seq.pdbx_auth_seq_align_beg       692 
_struct_ref_seq.pdbx_auth_seq_align_end       854 
# 
loop_
_struct_ref_seq_dif.align_id 
_struct_ref_seq_dif.pdbx_pdb_id_code 
_struct_ref_seq_dif.mon_id 
_struct_ref_seq_dif.pdbx_pdb_strand_id 
_struct_ref_seq_dif.seq_num 
_struct_ref_seq_dif.pdbx_pdb_ins_code 
_struct_ref_seq_dif.pdbx_seq_db_name 
_struct_ref_seq_dif.pdbx_seq_db_accession_code 
_struct_ref_seq_dif.db_mon_id 
_struct_ref_seq_dif.pdbx_seq_db_seq_num 
_struct_ref_seq_dif.details 
_struct_ref_seq_dif.pdbx_auth_seq_num 
_struct_ref_seq_dif.pdbx_ordinal 
1 3GQK GLY A 10  ? UNP B3VMP8 ASP 701 'SEE REMARK 999' 701 1 
1 3GQK SER A 126 ? UNP B3VMP8 GLY 817 'SEE REMARK 999' 817 2 
# 
loop_
_chem_comp.id 
_chem_comp.type 
_chem_comp.mon_nstd_flag 
_chem_comp.name 
_chem_comp.pdbx_synonyms 
_chem_comp.formula 
_chem_comp.formula_weight 
ALA 'L-peptide linking' y ALANINE                     ? 'C3 H7 N O2'        89.093  
ARG 'L-peptide linking' y ARGININE                    ? 'C6 H15 N4 O2 1'    175.209 
ASN 'L-peptide linking' y ASPARAGINE                  ? 'C4 H8 N2 O3'       132.118 
ASP 'L-peptide linking' y 'ASPARTIC ACID'             ? 'C4 H7 N O4'        133.103 
ATP non-polymer         . "ADENOSINE-5'-TRIPHOSPHATE" ? 'C10 H16 N5 O13 P3' 507.181 
GLN 'L-peptide linking' y GLUTAMINE                   ? 'C5 H10 N2 O3'      146.144 
GLU 'L-peptide linking' y 'GLUTAMIC ACID'             ? 'C5 H9 N O4'        147.129 
GLY 'peptide linking'   y GLYCINE                     ? 'C2 H5 N O2'        75.067  
HIS 'L-peptide linking' y HISTIDINE                   ? 'C6 H10 N3 O2 1'    156.162 
HOH non-polymer         . WATER                       ? 'H2 O'              18.015  
ILE 'L-peptide linking' y ISOLEUCINE                  ? 'C6 H13 N O2'       131.173 
LEU 'L-peptide linking' y LEUCINE                     ? 'C6 H13 N O2'       131.173 
LYS 'L-peptide linking' y LYSINE                      ? 'C6 H15 N2 O2 1'    147.195 
MG  non-polymer         . 'MAGNESIUM ION'             ? 'Mg 2'              24.305  
PHE 'L-peptide linking' y PHENYLALANINE               ? 'C9 H11 N O2'       165.189 
PRO 'L-peptide linking' y PROLINE                     ? 'C5 H9 N O2'        115.130 
SER 'L-peptide linking' y SERINE                      ? 'C3 H7 N O3'        105.093 
THR 'L-peptide linking' y THREONINE                   ? 'C4 H9 N O3'        119.119 
TRP 'L-peptide linking' y TRYPTOPHAN                  ? 'C11 H12 N2 O2'     204.225 
TYR 'L-peptide linking' y TYROSINE                    ? 'C9 H11 N O3'       181.189 
VAL 'L-peptide linking' y VALINE                      ? 'C5 H11 N O2'       117.146 
# 
_exptl.crystals_number   1 
_exptl.entry_id          3GQK 
_exptl.method            'X-RAY DIFFRACTION' 
# 
_exptl_crystal.id                    1 
_exptl_crystal.density_Matthews      2.86 
_exptl_crystal.density_meas          ? 
_exptl_crystal.density_percent_sol   57.02 
_exptl_crystal.description           ? 
_exptl_crystal.F_000                 ? 
_exptl_crystal.preparation           ? 
# 
_exptl_crystal_grow.crystal_id      1 
_exptl_crystal_grow.method          'VAPOR DIFFUSION, HANGING DROP' 
_exptl_crystal_grow.pH              7.0 
_exptl_crystal_grow.temp            298 
_exptl_crystal_grow.pdbx_details    
'100mM Bis-Tris at pH 7.0, 20% PEG4K, 10%v/v MPD, 10mM MgCl2 and 10mM ATP, VAPOR DIFFUSION, HANGING DROP, temperature 298K' 
_exptl_crystal_grow.temp_details    ? 
_exptl_crystal_grow.pdbx_pH_range   ? 
# 
_diffrn.id                     1 
_diffrn.ambient_temp           100 
_diffrn.ambient_temp_details   ? 
_diffrn.crystal_id             1 
# 
_diffrn_detector.diffrn_id              1 
_diffrn_detector.detector               CCD 
_diffrn_detector.type                   'MARMOSAIC 300 mm CCD' 
_diffrn_detector.pdbx_collection_date   2008-04-21 
_diffrn_detector.details                ? 
# 
_diffrn_radiation.diffrn_id                        1 
_diffrn_radiation.pdbx_diffrn_protocol             'SINGLE WAVELENGTH' 
_diffrn_radiation.monochromator                    'SI(111) double-crystal' 
_diffrn_radiation.wavelength_id                    1 
_diffrn_radiation.pdbx_monochromatic_or_laue_m_l   M 
_diffrn_radiation.pdbx_scattering_type             x-ray 
# 
_diffrn_radiation_wavelength.id           1 
_diffrn_radiation_wavelength.wavelength   0.98 
_diffrn_radiation_wavelength.wt           1.0 
# 
_diffrn_source.diffrn_id                   1 
_diffrn_source.source                      SYNCHROTRON 
_diffrn_source.type                        'APS BEAMLINE 23-ID-D' 
_diffrn_source.pdbx_wavelength_list        0.98 
_diffrn_source.pdbx_wavelength             ? 
_diffrn_source.pdbx_synchrotron_site       APS 
_diffrn_source.pdbx_synchrotron_beamline   23-ID-D 
# 
_reflns.entry_id                     3GQK 
_reflns.d_resolution_high            2.500 
_reflns.d_resolution_low             26.95 
_reflns.number_obs                   7288 
_reflns.pdbx_Rmerge_I_obs            0.042 
_reflns.pdbx_netI_over_sigmaI        56.473 
_reflns.pdbx_chi_squared             1.350 
_reflns.pdbx_redundancy              10.800 
_reflns.percent_possible_obs         98.600 
_reflns.observed_criterion_sigma_F   ? 
_reflns.observed_criterion_sigma_I   ? 
_reflns.number_all                   ? 
_reflns.pdbx_Rsym_value              ? 
_reflns.B_iso_Wilson_estimate        ? 
_reflns.R_free_details               ? 
_reflns.limit_h_max                  ? 
_reflns.limit_h_min                  ? 
_reflns.limit_k_max                  ? 
_reflns.limit_k_min                  ? 
_reflns.limit_l_max                  ? 
_reflns.limit_l_min                  ? 
_reflns.observed_criterion_F_max     ? 
_reflns.observed_criterion_F_min     ? 
_reflns.pdbx_scaling_rejects         ? 
_reflns.pdbx_ordinal                 1 
_reflns.pdbx_diffrn_id               1 
# 
loop_
_reflns_shell.d_res_high 
_reflns_shell.d_res_low 
_reflns_shell.number_measured_obs 
_reflns_shell.number_measured_all 
_reflns_shell.number_unique_obs 
_reflns_shell.Rmerge_I_obs 
_reflns_shell.meanI_over_sigI_obs 
_reflns_shell.pdbx_Rsym_value 
_reflns_shell.pdbx_chi_squared 
_reflns_shell.pdbx_redundancy 
_reflns_shell.percent_possible_obs 
_reflns_shell.number_unique_all 
_reflns_shell.percent_possible_all 
_reflns_shell.pdbx_ordinal 
_reflns_shell.pdbx_diffrn_id 
2.50 2.59  ? ? ? 0.550 ? ? 1.446 11.10 ? 730 100.00 1  1 
2.59 2.69  ? ? ? 0.328 ? ? 1.501 11.10 ? 731 100.00 2  1 
2.69 2.82  ? ? ? 0.216 ? ? 1.530 11.10 ? 715 100.00 3  1 
2.82 2.96  ? ? ? 0.142 ? ? 1.558 11.10 ? 721 100.00 4  1 
2.96 3.15  ? ? ? 0.093 ? ? 1.533 11.10 ? 735 100.00 5  1 
3.15 3.39  ? ? ? 0.059 ? ? 1.166 11.10 ? 724 100.00 6  1 
3.39 3.73  ? ? ? 0.043 ? ? 1.029 11.00 ? 754 100.00 7  1 
3.73 4.27  ? ? ? 0.044 ? ? 1.402 10.60 ? 734 99.90  8  1 
4.27 5.38  ? ? ? 0.035 ? ? 1.024 10.60 ? 745 100.00 9  1 
5.38 50.00 ? ? ? 0.024 ? ? 1.305 9.50  ? 699 87.30  10 1 
# 
_refine.entry_id                                 3GQK 
_refine.ls_d_res_high                            2.500 
_refine.ls_d_res_low                             26.95 
_refine.pdbx_ls_sigma_F                          0.00 
_refine.ls_percent_reflns_obs                    98.540 
_refine.ls_number_reflns_obs                     7244 
_refine.pdbx_ls_cross_valid_method               THROUGHOUT 
_refine.pdbx_R_Free_selection_details            RANDOM 
_refine.ls_R_factor_obs                          0.267 
_refine.ls_R_factor_R_work                       0.264 
_refine.ls_R_factor_R_free                       0.334 
_refine.ls_percent_reflns_R_free                 4.600 
_refine.ls_number_reflns_R_free                  334 
_refine.B_iso_mean                               43.909 
_refine.correlation_coeff_Fo_to_Fc               0.930 
_refine.correlation_coeff_Fo_to_Fc_free          0.880 
_refine.pdbx_overall_ESU_R                       0.596 
_refine.pdbx_overall_ESU_R_Free                  0.371 
_refine.overall_SU_ML                            0.343 
_refine.overall_SU_B                             30.871 
_refine.solvent_model_details                    'BABINET MODEL WITH MASK' 
_refine.pdbx_solvent_vdw_probe_radii             1.400 
_refine.pdbx_solvent_ion_probe_radii             0.800 
_refine.pdbx_solvent_shrinkage_radii             0.800 
_refine.pdbx_method_to_determine_struct          'MOLECULAR REPLACEMENT' 
_refine.pdbx_stereochemistry_target_values       'MAXIMUM LIKELIHOOD' 
_refine.B_iso_max                                84.60 
_refine.B_iso_min                                26.73 
_refine.occupancy_max                            1.00 
_refine.occupancy_min                            0.50 
_refine.pdbx_ls_sigma_I                          ? 
_refine.ls_number_reflns_all                     ? 
_refine.ls_R_factor_all                          ? 
_refine.ls_redundancy_reflns_obs                 ? 
_refine.pdbx_data_cutoff_high_absF               ? 
_refine.pdbx_data_cutoff_low_absF                ? 
_refine.ls_number_parameters                     ? 
_refine.ls_number_restraints                     ? 
_refine.ls_R_factor_R_free_error                 ? 
_refine.ls_R_factor_R_free_error_details         ? 
_refine.pdbx_starting_model                      3GQH 
_refine.pdbx_stereochem_target_val_spec_case     ? 
_refine.solvent_model_param_bsol                 ? 
_refine.solvent_model_param_ksol                 ? 
_refine.pdbx_isotropic_thermal_model             ? 
_refine.aniso_B[1][1]                            ? 
_refine.aniso_B[1][2]                            ? 
_refine.aniso_B[1][3]                            ? 
_refine.aniso_B[2][2]                            ? 
_refine.aniso_B[2][3]                            ? 
_refine.aniso_B[3][3]                            ? 
_refine.details                                  ? 
_refine.overall_SU_R_Cruickshank_DPI             ? 
_refine.overall_SU_R_free                        ? 
_refine.pdbx_data_cutoff_high_rms_absF           ? 
_refine.ls_wR_factor_R_free                      ? 
_refine.ls_wR_factor_R_work                      ? 
_refine.overall_FOM_free_R_set                   ? 
_refine.overall_FOM_work_R_set                   ? 
_refine.pdbx_overall_phase_error                 ? 
_refine.pdbx_refine_id                           'X-RAY DIFFRACTION' 
_refine.pdbx_TLS_residual_ADP_flag               'LIKELY RESIDUAL' 
_refine.pdbx_diffrn_id                           1 
_refine.pdbx_overall_SU_R_free_Cruickshank_DPI   ? 
_refine.pdbx_overall_SU_R_Blow_DPI               ? 
_refine.pdbx_overall_SU_R_free_Blow_DPI          ? 
# 
_refine_hist.pdbx_refine_id                   'X-RAY DIFFRACTION' 
_refine_hist.cycle_id                         LAST 
_refine_hist.pdbx_number_atoms_protein        1274 
_refine_hist.pdbx_number_atoms_nucleic_acid   0 
_refine_hist.pdbx_number_atoms_ligand         32 
_refine_hist.number_atoms_solvent             3 
_refine_hist.number_atoms_total               1309 
_refine_hist.d_res_high                       2.500 
_refine_hist.d_res_low                        26.95 
# 
loop_
_refine_ls_restr.type 
_refine_ls_restr.number 
_refine_ls_restr.dev_ideal 
_refine_ls_restr.dev_ideal_target 
_refine_ls_restr.weight 
_refine_ls_restr.pdbx_refine_id 
_refine_ls_restr.pdbx_restraint_function 
r_bond_refined_d         1332 0.010  0.022  ? 'X-RAY DIFFRACTION' ? 
r_angle_refined_deg      1808 1.430  1.991  ? 'X-RAY DIFFRACTION' ? 
r_dihedral_angle_1_deg   162  8.459  5.000  ? 'X-RAY DIFFRACTION' ? 
r_dihedral_angle_2_deg   60   41.054 25.000 ? 'X-RAY DIFFRACTION' ? 
r_dihedral_angle_3_deg   226  18.461 15.000 ? 'X-RAY DIFFRACTION' ? 
r_dihedral_angle_4_deg   6    9.560  15.000 ? 'X-RAY DIFFRACTION' ? 
r_chiral_restr           197  0.108  0.200  ? 'X-RAY DIFFRACTION' ? 
r_gen_planes_refined     997  0.004  0.020  ? 'X-RAY DIFFRACTION' ? 
r_nbd_refined            562  0.231  0.200  ? 'X-RAY DIFFRACTION' ? 
r_nbtor_refined          905  0.304  0.200  ? 'X-RAY DIFFRACTION' ? 
r_xyhbond_nbd_refined    52   0.177  0.200  ? 'X-RAY DIFFRACTION' ? 
r_symmetry_vdw_refined   45   0.267  0.200  ? 'X-RAY DIFFRACTION' ? 
r_symmetry_hbond_refined 7    0.117  0.200  ? 'X-RAY DIFFRACTION' ? 
r_mcbond_it              826  0.687  1.500  ? 'X-RAY DIFFRACTION' ? 
r_mcangle_it             1294 1.171  2.000  ? 'X-RAY DIFFRACTION' ? 
r_scbond_it              584  1.827  3.000  ? 'X-RAY DIFFRACTION' ? 
r_scangle_it             514  2.998  4.500  ? 'X-RAY DIFFRACTION' ? 
# 
_refine_ls_shell.d_res_high                       2.50 
_refine_ls_shell.d_res_low                        2.566 
_refine_ls_shell.pdbx_total_number_of_bins_used   20 
_refine_ls_shell.percent_reflns_obs               100.000 
_refine_ls_shell.number_reflns_R_work             497 
_refine_ls_shell.R_factor_all                     ? 
_refine_ls_shell.R_factor_R_work                  0.409 
_refine_ls_shell.R_factor_R_free                  0.517 
_refine_ls_shell.percent_reflns_R_free            ? 
_refine_ls_shell.number_reflns_R_free             27 
_refine_ls_shell.R_factor_R_free_error            ? 
_refine_ls_shell.number_reflns_all                524 
_refine_ls_shell.number_reflns_obs                ? 
_refine_ls_shell.redundancy_reflns_obs            ? 
_refine_ls_shell.pdbx_refine_id                   'X-RAY DIFFRACTION' 
# 
_struct.entry_id                  3GQK 
_struct.title                     
'Crystal Structure of the Bacteriophage phi29 gene product 12 C-terminal fragment in complex with ATP' 
_struct.pdbx_model_details        ? 
_struct.pdbx_CASP_flag            ? 
_struct.pdbx_model_type_details   ? 
# 
_struct_keywords.entry_id        3GQK 
_struct_keywords.text            'beta barrel, VIRAL PROTEIN' 
_struct_keywords.pdbx_keywords   'VIRAL PROTEIN' 
# 
loop_
_struct_asym.id 
_struct_asym.pdbx_blank_PDB_chainid_flag 
_struct_asym.pdbx_modified 
_struct_asym.entity_id 
_struct_asym.details 
A N N 1 ? 
B N N 2 ? 
C N N 3 ? 
D N N 4 ? 
# 
_struct_biol.id        1 
_struct_biol.details   ? 
# 
loop_
_struct_conn.id 
_struct_conn.conn_type_id 
_struct_conn.pdbx_leaving_atom_flag 
_struct_conn.pdbx_PDB_id 
_struct_conn.ptnr1_label_asym_id 
_struct_conn.ptnr1_label_comp_id 
_struct_conn.ptnr1_label_seq_id 
_struct_conn.ptnr1_label_atom_id 
_struct_conn.pdbx_ptnr1_label_alt_id 
_struct_conn.pdbx_ptnr1_PDB_ins_code 
_struct_conn.pdbx_ptnr1_standard_comp_id 
_struct_conn.ptnr1_symmetry 
_struct_conn.ptnr2_label_asym_id 
_struct_conn.ptnr2_label_comp_id 
_struct_conn.ptnr2_label_seq_id 
_struct_conn.ptnr2_label_atom_id 
_struct_conn.pdbx_ptnr2_label_alt_id 
_struct_conn.pdbx_ptnr2_PDB_ins_code 
_struct_conn.ptnr1_auth_asym_id 
_struct_conn.ptnr1_auth_comp_id 
_struct_conn.ptnr1_auth_seq_id 
_struct_conn.ptnr2_auth_asym_id 
_struct_conn.ptnr2_auth_comp_id 
_struct_conn.ptnr2_auth_seq_id 
_struct_conn.ptnr2_symmetry 
_struct_conn.pdbx_ptnr3_label_atom_id 
_struct_conn.pdbx_ptnr3_label_seq_id 
_struct_conn.pdbx_ptnr3_label_comp_id 
_struct_conn.pdbx_ptnr3_label_asym_id 
_struct_conn.pdbx_ptnr3_label_alt_id 
_struct_conn.pdbx_ptnr3_PDB_ins_code 
_struct_conn.details 
_struct_conn.pdbx_dist_value 
_struct_conn.pdbx_value_order 
_struct_conn.pdbx_role 
metalc1 metalc ? ? B ATP . O2G ? ? ? 1_555 C MG . MG ? ? A ATP 1 A MG 855 1_555 ? ? ? ? ? ? ? 2.328 ? ? 
metalc2 metalc ? ? B ATP . O1B ? ? ? 1_555 C MG . MG ? ? A ATP 1 A MG 855 1_555 ? ? ? ? ? ? ? 2.282 ? ? 
# 
_struct_conn_type.id          metalc 
_struct_conn_type.criteria    ? 
_struct_conn_type.reference   ? 
# 
loop_
_struct_sheet.id 
_struct_sheet.type 
_struct_sheet.number_strands 
_struct_sheet.details 
A ? 6 ? 
B ? 6 ? 
C ? 2 ? 
D ? 2 ? 
# 
loop_
_struct_sheet_order.sheet_id 
_struct_sheet_order.range_id_1 
_struct_sheet_order.range_id_2 
_struct_sheet_order.offset 
_struct_sheet_order.sense 
A 1 2 ? anti-parallel 
A 2 3 ? anti-parallel 
A 3 4 ? anti-parallel 
A 4 5 ? anti-parallel 
A 5 6 ? parallel      
B 1 2 ? anti-parallel 
B 2 3 ? anti-parallel 
B 3 4 ? anti-parallel 
B 4 5 ? anti-parallel 
B 5 6 ? anti-parallel 
C 1 2 ? anti-parallel 
D 1 2 ? anti-parallel 
# 
loop_
_struct_sheet_range.sheet_id 
_struct_sheet_range.id 
_struct_sheet_range.beg_label_comp_id 
_struct_sheet_range.beg_label_asym_id 
_struct_sheet_range.beg_label_seq_id 
_struct_sheet_range.pdbx_beg_PDB_ins_code 
_struct_sheet_range.end_label_comp_id 
_struct_sheet_range.end_label_asym_id 
_struct_sheet_range.end_label_seq_id 
_struct_sheet_range.pdbx_end_PDB_ins_code 
_struct_sheet_range.beg_auth_comp_id 
_struct_sheet_range.beg_auth_asym_id 
_struct_sheet_range.beg_auth_seq_id 
_struct_sheet_range.end_auth_comp_id 
_struct_sheet_range.end_auth_asym_id 
_struct_sheet_range.end_auth_seq_id 
A 1 LYS A 26  ? LYS A 29  ? LYS A 717 LYS A 720 
A 2 LEU A 19  ? GLU A 23  ? LEU A 710 GLU A 714 
A 3 GLY A 38  ? ILE A 40  ? GLY A 729 ILE A 731 
A 4 TRP A 104 ? ILE A 117 ? TRP A 795 ILE A 808 
A 5 PHE A 2   ? GLU A 7   ? PHE A 693 GLU A 698 
A 6 PHE A 46  ? LEU A 48  ? PHE A 737 LEU A 739 
B 1 LYS A 26  ? LYS A 29  ? LYS A 717 LYS A 720 
B 2 LEU A 19  ? GLU A 23  ? LEU A 710 GLU A 714 
B 3 GLY A 38  ? ILE A 40  ? GLY A 729 ILE A 731 
B 4 TRP A 104 ? ILE A 117 ? TRP A 795 ILE A 808 
B 5 TYR A 155 ? VAL A 162 ? TYR A 846 VAL A 853 
B 6 ILE A 141 ? THR A 150 ? ILE A 832 THR A 841 
C 1 TYR A 69  ? VAL A 72  ? TYR A 760 VAL A 763 
C 2 PHE A 80  ? PRO A 83  ? PHE A 771 PRO A 774 
D 1 ILE A 127 ? VAL A 130 ? ILE A 818 VAL A 821 
D 2 VAL A 133 ? ASN A 139 ? VAL A 824 ASN A 830 
# 
loop_
_pdbx_struct_sheet_hbond.sheet_id 
_pdbx_struct_sheet_hbond.range_id_1 
_pdbx_struct_sheet_hbond.range_id_2 
_pdbx_struct_sheet_hbond.range_1_label_atom_id 
_pdbx_struct_sheet_hbond.range_1_label_comp_id 
_pdbx_struct_sheet_hbond.range_1_label_asym_id 
_pdbx_struct_sheet_hbond.range_1_label_seq_id 
_pdbx_struct_sheet_hbond.range_1_PDB_ins_code 
_pdbx_struct_sheet_hbond.range_1_auth_atom_id 
_pdbx_struct_sheet_hbond.range_1_auth_comp_id 
_pdbx_struct_sheet_hbond.range_1_auth_asym_id 
_pdbx_struct_sheet_hbond.range_1_auth_seq_id 
_pdbx_struct_sheet_hbond.range_2_label_atom_id 
_pdbx_struct_sheet_hbond.range_2_label_comp_id 
_pdbx_struct_sheet_hbond.range_2_label_asym_id 
_pdbx_struct_sheet_hbond.range_2_label_seq_id 
_pdbx_struct_sheet_hbond.range_2_PDB_ins_code 
_pdbx_struct_sheet_hbond.range_2_auth_atom_id 
_pdbx_struct_sheet_hbond.range_2_auth_comp_id 
_pdbx_struct_sheet_hbond.range_2_auth_asym_id 
_pdbx_struct_sheet_hbond.range_2_auth_seq_id 
A 1 2 O LYS A 26  ? O LYS A 717 N GLU A 23  ? N GLU A 714 
A 2 3 N VAL A 20  ? N VAL A 711 O GLY A 38  ? O GLY A 729 
A 3 4 N VAL A 39  ? N VAL A 730 O GLY A 108 ? O GLY A 799 
A 4 5 O HIS A 105 ? O HIS A 796 N PHE A 6   ? N PHE A 697 
A 5 6 N TYR A 5   ? N TYR A 696 O LEU A 48  ? O LEU A 739 
B 1 2 O LYS A 26  ? O LYS A 717 N GLU A 23  ? N GLU A 714 
B 2 3 N VAL A 20  ? N VAL A 711 O GLY A 38  ? O GLY A 729 
B 3 4 N VAL A 39  ? N VAL A 730 O GLY A 108 ? O GLY A 799 
B 4 5 N ILE A 117 ? N ILE A 808 O GLY A 156 ? O GLY A 847 
B 5 6 O VAL A 157 ? O VAL A 848 N THR A 146 ? N THR A 837 
C 1 2 N VAL A 72  ? N VAL A 763 O PHE A 80  ? O PHE A 771 
D 1 2 N ASP A 128 ? N ASP A 819 O THR A 135 ? O THR A 826 
# 
loop_
_struct_site.id 
_struct_site.pdbx_evidence_code 
_struct_site.pdbx_auth_asym_id 
_struct_site.pdbx_auth_comp_id 
_struct_site.pdbx_auth_seq_id 
_struct_site.pdbx_auth_ins_code 
_struct_site.pdbx_num_residues 
_struct_site.details 
AC1 Software A ATP 1   ? 11 'BINDING SITE FOR RESIDUE ATP A 1'  
AC2 Software A MG  855 ? 2  'BINDING SITE FOR RESIDUE MG A 855' 
# 
loop_
_struct_site_gen.id 
_struct_site_gen.site_id 
_struct_site_gen.pdbx_num_res 
_struct_site_gen.label_comp_id 
_struct_site_gen.label_asym_id 
_struct_site_gen.label_seq_id 
_struct_site_gen.pdbx_auth_ins_code 
_struct_site_gen.auth_comp_id 
_struct_site_gen.auth_asym_id 
_struct_site_gen.auth_seq_id 
_struct_site_gen.label_atom_id 
_struct_site_gen.label_alt_id 
_struct_site_gen.symmetry 
_struct_site_gen.details 
1  AC1 11 TRP A 55  ? TRP A 746 . ? 1_555 ? 
2  AC1 11 GLN A 56  ? GLN A 747 . ? 1_555 ? 
3  AC1 11 ASP A 88  ? ASP A 779 . ? 1_555 ? 
4  AC1 11 ASP A 90  ? ASP A 781 . ? 1_555 ? 
5  AC1 11 ASN A 94  ? ASN A 785 . ? 1_555 ? 
6  AC1 11 TYR A 95  ? TYR A 786 . ? 1_555 ? 
7  AC1 11 ILE A 96  ? ILE A 787 . ? 1_555 ? 
8  AC1 11 ARG A 98  ? ARG A 789 . ? 1_555 ? 
9  AC1 11 ARG A 101 ? ARG A 792 . ? 1_555 ? 
10 AC1 11 TRP A 104 ? TRP A 795 . ? 1_555 ? 
11 AC1 11 MG  C .   ? MG  A 855 . ? 1_555 ? 
12 AC2 2  ATP B .   ? ATP A 1   . ? 1_555 ? 
13 AC2 2  GLU A 7   ? GLU A 698 . ? 1_555 ? 
# 
_atom_sites.entry_id                    3GQK 
_atom_sites.fract_transf_matrix[1][1]   0.00518778 
_atom_sites.fract_transf_matrix[1][2]   0.00783677 
_atom_sites.fract_transf_matrix[1][3]   -0.00702891 
_atom_sites.fract_transf_matrix[2][1]   0.01022909 
_atom_sites.fract_transf_matrix[2][2]   -0.00560405 
_atom_sites.fract_transf_matrix[2][3]   0.00130157 
_atom_sites.fract_transf_matrix[3][1]   -0.00248725 
_atom_sites.fract_transf_matrix[3][2]   -0.00670173 
_atom_sites.fract_transf_matrix[3][3]   -0.00930774 
_atom_sites.fract_transf_vector[1]      -0.070277 
_atom_sites.fract_transf_vector[2]      0.135042 
_atom_sites.fract_transf_vector[3]      0.054280 
# 
loop_
_atom_type.symbol 
C  
MG 
N  
O  
P  
# 
loop_
_atom_site.group_PDB 
_atom_site.id 
_atom_site.type_symbol 
_atom_site.label_atom_id 
_atom_site.label_alt_id 
_atom_site.label_comp_id 
_atom_site.label_asym_id 
_atom_site.label_entity_id 
_atom_site.label_seq_id 
_atom_site.pdbx_PDB_ins_code 
_atom_site.Cartn_x 
_atom_site.Cartn_y 
_atom_site.Cartn_z 
_atom_site.occupancy 
_atom_site.B_iso_or_equiv 
_atom_site.pdbx_formal_charge 
_atom_site.auth_seq_id 
_atom_site.auth_comp_id 
_atom_site.auth_asym_id 
_atom_site.auth_atom_id 
_atom_site.pdbx_PDB_model_num 
ATOM   1    N  N     . ASP A 1 1   ? 2.442   10.984  2.386   1.00 33.91 ? 692 ASP A N     1 
ATOM   2    C  CA    . ASP A 1 1   ? 2.319   10.507  1.013   1.00 32.94 ? 692 ASP A CA    1 
ATOM   3    C  C     . ASP A 1 1   ? 0.886   10.083  0.852   1.00 33.42 ? 692 ASP A C     1 
ATOM   4    O  O     . ASP A 1 1   ? 0.161   9.981   1.865   1.00 33.73 ? 692 ASP A O     1 
ATOM   5    C  CB    . ASP A 1 1   ? 3.226   9.323   0.837   1.00 33.24 ? 692 ASP A CB    1 
ATOM   6    C  CG    . ASP A 1 1   ? 3.366   8.490   2.115   1.00 37.63 ? 692 ASP A CG    1 
ATOM   7    O  OD1   . ASP A 1 1   ? 3.476   9.039   3.258   1.00 42.52 ? 692 ASP A OD1   1 
ATOM   8    O  OD2   . ASP A 1 1   ? 3.365   7.256   1.968   1.00 42.49 ? 692 ASP A OD2   1 
ATOM   9    N  N     . PHE A 1 2   ? 0.480   9.880   -0.408  1.00 32.64 ? 693 PHE A N     1 
ATOM   10   C  CA    . PHE A 1 2   ? -0.768  9.224   -0.777  1.00 32.74 ? 693 PHE A CA    1 
ATOM   11   C  C     . PHE A 1 2   ? -0.446  7.751   -1.004  1.00 34.31 ? 693 PHE A C     1 
ATOM   12   O  O     . PHE A 1 2   ? 0.443   7.444   -1.799  1.00 35.76 ? 693 PHE A O     1 
ATOM   13   C  CB    . PHE A 1 2   ? -1.305  9.803   -2.082  1.00 32.16 ? 693 PHE A CB    1 
ATOM   14   C  CG    . PHE A 1 2   ? -1.585  11.279  -2.019  1.00 32.85 ? 693 PHE A CG    1 
ATOM   15   C  CD1   . PHE A 1 2   ? -0.639  12.196  -2.449  1.00 30.09 ? 693 PHE A CD1   1 
ATOM   16   C  CD2   . PHE A 1 2   ? -2.783  11.745  -1.500  1.00 29.33 ? 693 PHE A CD2   1 
ATOM   17   C  CE1   . PHE A 1 2   ? -0.881  13.562  -2.357  1.00 31.22 ? 693 PHE A CE1   1 
ATOM   18   C  CE2   . PHE A 1 2   ? -3.042  13.083  -1.419  1.00 32.11 ? 693 PHE A CE2   1 
ATOM   19   C  CZ    . PHE A 1 2   ? -2.091  14.006  -1.850  1.00 31.55 ? 693 PHE A CZ    1 
ATOM   20   N  N     . ALA A 1 3   ? -1.221  6.866   -0.368  1.00 34.58 ? 694 ALA A N     1 
ATOM   21   C  CA    . ALA A 1 3   ? -0.910  5.462   -0.197  1.00 34.68 ? 694 ALA A CA    1 
ATOM   22   C  C     . ALA A 1 3   ? -2.118  4.540   -0.378  1.00 35.82 ? 694 ALA A C     1 
ATOM   23   O  O     . ALA A 1 3   ? -3.276  4.982   -0.363  1.00 36.33 ? 694 ALA A O     1 
ATOM   24   C  CB    . ALA A 1 3   ? -0.380  5.267   1.172   1.00 33.42 ? 694 ALA A CB    1 
ATOM   25   N  N     . GLU A 1 4   ? -1.841  3.241   -0.458  1.00 36.46 ? 695 GLU A N     1 
ATOM   26   C  CA    . GLU A 1 4   ? -2.879  2.234   -0.586  1.00 37.11 ? 695 GLU A CA    1 
ATOM   27   C  C     . GLU A 1 4   ? -2.546  1.008   0.257   1.00 36.82 ? 695 GLU A C     1 
ATOM   28   O  O     . GLU A 1 4   ? -1.369  0.698   0.477   1.00 36.25 ? 695 GLU A O     1 
ATOM   29   C  CB    . GLU A 1 4   ? -2.972  1.825   -2.043  1.00 37.72 ? 695 GLU A CB    1 
ATOM   30   C  CG    . GLU A 1 4   ? -4.262  1.122   -2.425  1.00 42.65 ? 695 GLU A CG    1 
ATOM   31   C  CD    . GLU A 1 4   ? -4.640  1.410   -3.863  1.00 49.19 ? 695 GLU A CD    1 
ATOM   32   O  OE1   . GLU A 1 4   ? -4.033  0.833   -4.778  1.00 49.73 ? 695 GLU A OE1   1 
ATOM   33   O  OE2   . GLU A 1 4   ? -5.535  2.245   -4.095  1.00 59.55 ? 695 GLU A OE2   1 
ATOM   34   N  N     . TYR A 1 5   ? -3.572  0.290   0.711   1.00 37.22 ? 696 TYR A N     1 
ATOM   35   C  CA    . TYR A 1 5   ? -3.334  -0.999  1.388   1.00 37.27 ? 696 TYR A CA    1 
ATOM   36   C  C     . TYR A 1 5   ? -3.107  -2.114  0.382   1.00 37.46 ? 696 TYR A C     1 
ATOM   37   O  O     . TYR A 1 5   ? -3.903  -2.273  -0.548  1.00 36.46 ? 696 TYR A O     1 
ATOM   38   C  CB    . TYR A 1 5   ? -4.450  -1.382  2.367   1.00 37.26 ? 696 TYR A CB    1 
ATOM   39   C  CG    . TYR A 1 5   ? -4.201  -0.917  3.783   1.00 36.13 ? 696 TYR A CG    1 
ATOM   40   C  CD1   . TYR A 1 5   ? -4.838  0.201   4.265   1.00 37.02 ? 696 TYR A CD1   1 
ATOM   41   C  CD2   . TYR A 1 5   ? -3.317  -1.597  4.637   1.00 37.75 ? 696 TYR A CD2   1 
ATOM   42   C  CE1   . TYR A 1 5   ? -4.605  0.669   5.553   1.00 38.83 ? 696 TYR A CE1   1 
ATOM   43   C  CE2   . TYR A 1 5   ? -3.082  -1.144  5.954   1.00 36.93 ? 696 TYR A CE2   1 
ATOM   44   C  CZ    . TYR A 1 5   ? -3.739  -0.006  6.391   1.00 38.98 ? 696 TYR A CZ    1 
ATOM   45   O  OH    . TYR A 1 5   ? -3.562  0.505   7.658   1.00 38.32 ? 696 TYR A OH    1 
ATOM   46   N  N     . PHE A 1 6   ? -1.998  -2.844  0.577   1.00 38.45 ? 697 PHE A N     1 
ATOM   47   C  CA    . PHE A 1 6   ? -1.629  -4.050  -0.184  1.00 38.86 ? 697 PHE A CA    1 
ATOM   48   C  C     . PHE A 1 6   ? -1.265  -5.221  0.745   1.00 40.47 ? 697 PHE A C     1 
ATOM   49   O  O     . PHE A 1 6   ? -0.831  -5.024  1.898   1.00 40.74 ? 697 PHE A O     1 
ATOM   50   C  CB    . PHE A 1 6   ? -0.391  -3.808  -1.036  1.00 38.09 ? 697 PHE A CB    1 
ATOM   51   C  CG    . PHE A 1 6   ? -0.625  -3.004  -2.268  1.00 36.79 ? 697 PHE A CG    1 
ATOM   52   C  CD1   . PHE A 1 6   ? -0.655  -1.612  -2.215  1.00 37.43 ? 697 PHE A CD1   1 
ATOM   53   C  CD2   . PHE A 1 6   ? -0.723  -3.629  -3.492  1.00 35.46 ? 697 PHE A CD2   1 
ATOM   54   C  CE1   . PHE A 1 6   ? -0.833  -0.858  -3.366  1.00 38.66 ? 697 PHE A CE1   1 
ATOM   55   C  CE2   . PHE A 1 6   ? -0.898  -2.890  -4.643  1.00 32.98 ? 697 PHE A CE2   1 
ATOM   56   C  CZ    . PHE A 1 6   ? -0.963  -1.495  -4.582  1.00 35.30 ? 697 PHE A CZ    1 
ATOM   57   N  N     . GLU A 1 7   ? -1.384  -6.430  0.188   1.00 41.30 ? 698 GLU A N     1 
ATOM   58   C  CA    . GLU A 1 7   ? -1.100  -7.690  0.868   1.00 42.15 ? 698 GLU A CA    1 
ATOM   59   C  C     . GLU A 1 7   ? 0.282   -8.186  0.464   1.00 42.17 ? 698 GLU A C     1 
ATOM   60   O  O     . GLU A 1 7   ? 0.576   -8.278  -0.734  1.00 42.59 ? 698 GLU A O     1 
ATOM   61   C  CB    . GLU A 1 7   ? -2.145  -8.722  0.443   1.00 42.39 ? 698 GLU A CB    1 
ATOM   62   C  CG    . GLU A 1 7   ? -2.494  -9.777  1.489   1.00 44.38 ? 698 GLU A CG    1 
ATOM   63   C  CD    . GLU A 1 7   ? -3.907  -10.335 1.286   1.00 48.90 ? 698 GLU A CD    1 
ATOM   64   O  OE1   . GLU A 1 7   ? -4.614  -10.622 2.287   1.00 48.46 ? 698 GLU A OE1   1 
ATOM   65   O  OE2   . GLU A 1 7   ? -4.311  -10.468 0.107   1.00 52.45 ? 698 GLU A OE2   1 
ATOM   66   N  N     . SER A 1 8   ? 1.124   -8.512  1.447   1.00 41.91 ? 699 SER A N     1 
ATOM   67   C  CA    . SER A 1 8   ? 2.453   -9.085  1.161   1.00 41.85 ? 699 SER A CA    1 
ATOM   68   C  C     . SER A 1 8   ? 2.371   -10.545 0.700   1.00 42.09 ? 699 SER A C     1 
ATOM   69   O  O     . SER A 1 8   ? 1.480   -11.302 1.129   1.00 41.78 ? 699 SER A O     1 
ATOM   70   C  CB    . SER A 1 8   ? 3.415   -8.933  2.346   1.00 41.96 ? 699 SER A CB    1 
ATOM   71   O  OG    . SER A 1 8   ? 2.909   -9.548  3.520   1.00 41.14 ? 699 SER A OG    1 
ATOM   72   N  N     . LEU A 1 9   ? 3.303   -10.924 -0.175  1.00 42.16 ? 700 LEU A N     1 
ATOM   73   C  CA    . LEU A 1 9   ? 3.211   -12.186 -0.930  1.00 42.73 ? 700 LEU A CA    1 
ATOM   74   C  C     . LEU A 1 9   ? 3.141   -13.452 -0.079  1.00 43.15 ? 700 LEU A C     1 
ATOM   75   O  O     . LEU A 1 9   ? 2.279   -14.311 -0.305  1.00 43.12 ? 700 LEU A O     1 
ATOM   76   C  CB    . LEU A 1 9   ? 4.342   -12.305 -1.965  1.00 42.60 ? 700 LEU A CB    1 
ATOM   77   C  CG    . LEU A 1 9   ? 4.434   -13.576 -2.809  1.00 41.27 ? 700 LEU A CG    1 
ATOM   78   C  CD1   . LEU A 1 9   ? 3.072   -14.046 -3.340  1.00 39.95 ? 700 LEU A CD1   1 
ATOM   79   C  CD2   . LEU A 1 9   ? 5.383   -13.325 -3.958  1.00 39.97 ? 700 LEU A CD2   1 
ATOM   80   N  N     . GLY A 1 10  ? 4.044   -13.576 0.886   1.00 43.66 ? 701 GLY A N     1 
ATOM   81   C  CA    . GLY A 1 10  ? 4.074   -14.766 1.719   1.00 44.91 ? 701 GLY A CA    1 
ATOM   82   C  C     . GLY A 1 10  ? 3.314   -14.523 3.012   1.00 45.30 ? 701 GLY A C     1 
ATOM   83   O  O     . GLY A 1 10  ? 3.455   -15.282 3.974   1.00 45.33 ? 701 GLY A O     1 
ATOM   84   N  N     . GLY A 1 11  ? 2.495   -13.476 3.031   1.00 45.22 ? 702 GLY A N     1 
ATOM   85   C  CA    . GLY A 1 11  ? 1.863   -13.034 4.264   1.00 45.94 ? 702 GLY A CA    1 
ATOM   86   C  C     . GLY A 1 11  ? 2.943   -12.549 5.210   1.00 46.89 ? 702 GLY A C     1 
ATOM   87   O  O     . GLY A 1 11  ? 2.735   -12.501 6.427   1.00 46.44 ? 702 GLY A O     1 
ATOM   88   N  N     . GLN A 1 12  ? 4.095   -12.197 4.625   1.00 48.53 ? 703 GLN A N     1 
ATOM   89   C  CA    . GLN A 1 12  ? 5.292   -11.699 5.332   1.00 50.33 ? 703 GLN A CA    1 
ATOM   90   C  C     . GLN A 1 12  ? 4.995   -10.523 6.257   1.00 50.41 ? 703 GLN A C     1 
ATOM   91   O  O     . GLN A 1 12  ? 3.872   -10.337 6.731   1.00 51.24 ? 703 GLN A O     1 
ATOM   92   C  CB    . GLN A 1 12  ? 6.366   -11.209 4.330   1.00 50.79 ? 703 GLN A CB    1 
ATOM   93   C  CG    . GLN A 1 12  ? 6.389   -11.855 2.947   1.00 52.00 ? 703 GLN A CG    1 
ATOM   94   C  CD    . GLN A 1 12  ? 7.328   -11.127 1.976   1.00 51.68 ? 703 GLN A CD    1 
ATOM   95   O  OE1   . GLN A 1 12  ? 6.968   -10.876 0.824   1.00 52.41 ? 703 GLN A OE1   1 
ATOM   96   N  NE2   . GLN A 1 12  ? 8.536   -10.790 2.438   1.00 53.07 ? 703 GLN A NE2   1 
ATOM   97   N  N     . VAL A 1 13  ? 6.036   -9.731  6.511   1.00 49.79 ? 704 VAL A N     1 
ATOM   98   C  CA    . VAL A 1 13  ? 5.911   -8.435  7.154   1.00 48.96 ? 704 VAL A CA    1 
ATOM   99   C  C     . VAL A 1 13  ? 7.090   -7.628  6.647   1.00 48.95 ? 704 VAL A C     1 
ATOM   100  O  O     . VAL A 1 13  ? 8.236   -7.883  7.019   1.00 49.49 ? 704 VAL A O     1 
ATOM   101  C  CB    . VAL A 1 13  ? 5.879   -8.530  8.705   1.00 48.76 ? 704 VAL A CB    1 
ATOM   102  C  CG1   . VAL A 1 13  ? 6.199   -7.174  9.355   1.00 48.35 ? 704 VAL A CG1   1 
ATOM   103  C  CG2   . VAL A 1 13  ? 4.515   -9.018  9.173   1.00 47.72 ? 704 VAL A CG2   1 
ATOM   104  N  N     . ILE A 1 14  ? 6.806   -6.690  5.752   1.00 48.50 ? 705 ILE A N     1 
ATOM   105  C  CA    . ILE A 1 14  ? 7.832   -5.818  5.213   1.00 48.85 ? 705 ILE A CA    1 
ATOM   106  C  C     . ILE A 1 14  ? 7.858   -4.512  6.006   1.00 48.60 ? 705 ILE A C     1 
ATOM   107  O  O     . ILE A 1 14  ? 6.891   -3.739  5.996   1.00 48.13 ? 705 ILE A O     1 
ATOM   108  C  CB    . ILE A 1 14  ? 7.644   -5.587  3.696   1.00 48.99 ? 705 ILE A CB    1 
ATOM   109  C  CG1   . ILE A 1 14  ? 7.336   -6.925  3.013   1.00 49.00 ? 705 ILE A CG1   1 
ATOM   110  C  CG2   . ILE A 1 14  ? 8.885   -4.923  3.094   1.00 49.40 ? 705 ILE A CG2   1 
ATOM   111  C  CD1   . ILE A 1 14  ? 6.938   -6.818  1.574   1.00 46.60 ? 705 ILE A CD1   1 
ATOM   112  N  N     . GLU A 1 15  ? 8.969   -4.305  6.714   1.00 48.80 ? 706 GLU A N     1 
ATOM   113  C  CA    . GLU A 1 15  ? 9.188   -3.131  7.548   1.00 49.37 ? 706 GLU A CA    1 
ATOM   114  C  C     . GLU A 1 15  ? 9.190   -1.873  6.698   1.00 48.87 ? 706 GLU A C     1 
ATOM   115  O  O     . GLU A 1 15  ? 9.388   -1.933  5.481   1.00 49.74 ? 706 GLU A O     1 
ATOM   116  C  CB    . GLU A 1 15  ? 10.523  -3.228  8.305   1.00 50.12 ? 706 GLU A CB    1 
ATOM   117  C  CG    . GLU A 1 15  ? 10.570  -4.242  9.452   1.00 53.95 ? 706 GLU A CG    1 
ATOM   118  C  CD    . GLU A 1 15  ? 11.445  -5.456  9.143   1.00 61.67 ? 706 GLU A CD    1 
ATOM   119  O  OE1   . GLU A 1 15  ? 12.661  -5.268  8.869   1.00 64.48 ? 706 GLU A OE1   1 
ATOM   120  O  OE2   . GLU A 1 15  ? 10.918  -6.599  9.189   1.00 65.04 ? 706 GLU A OE2   1 
ATOM   121  N  N     . THR A 1 16  ? 8.998   -0.731  7.353   1.00 47.26 ? 707 THR A N     1 
ATOM   122  C  CA    . THR A 1 16  ? 8.804   0.526   6.651   1.00 46.27 ? 707 THR A CA    1 
ATOM   123  C  C     . THR A 1 16  ? 10.110  1.004   6.046   1.00 45.27 ? 707 THR A C     1 
ATOM   124  O  O     . THR A 1 16  ? 11.176  0.785   6.612   1.00 44.95 ? 707 THR A O     1 
ATOM   125  C  CB    . THR A 1 16  ? 8.178   1.608   7.568   1.00 46.42 ? 707 THR A CB    1 
ATOM   126  O  OG1   . THR A 1 16  ? 9.200   2.264   8.312   1.00 48.23 ? 707 THR A OG1   1 
ATOM   127  C  CG2   . THR A 1 16  ? 7.172   0.996   8.539   1.00 46.31 ? 707 THR A CG2   1 
ATOM   128  N  N     . GLY A 1 17  ? 10.023  1.631   4.879   1.00 45.07 ? 708 GLY A N     1 
ATOM   129  C  CA    . GLY A 1 17  ? 11.198  2.175   4.192   1.00 44.16 ? 708 GLY A CA    1 
ATOM   130  C  C     . GLY A 1 17  ? 11.689  1.361   3.010   1.00 43.03 ? 708 GLY A C     1 
ATOM   131  O  O     . GLY A 1 17  ? 12.359  1.888   2.124   1.00 43.18 ? 708 GLY A O     1 
ATOM   132  N  N     . TYR A 1 18  ? 11.372  0.070   2.995   1.00 42.05 ? 709 TYR A N     1 
ATOM   133  C  CA    . TYR A 1 18  ? 11.736  -0.785  1.874   1.00 41.30 ? 709 TYR A CA    1 
ATOM   134  C  C     . TYR A 1 18  ? 10.899  -0.457  0.656   1.00 40.84 ? 709 TYR A C     1 
ATOM   135  O  O     . TYR A 1 18  ? 9.690   -0.254  0.771   1.00 41.07 ? 709 TYR A O     1 
ATOM   136  C  CB    . TYR A 1 18  ? 11.476  -2.240  2.221   1.00 40.99 ? 709 TYR A CB    1 
ATOM   137  C  CG    . TYR A 1 18  ? 12.509  -2.909  3.095   1.00 40.27 ? 709 TYR A CG    1 
ATOM   138  C  CD1   . TYR A 1 18  ? 12.185  -3.301  4.391   1.00 39.85 ? 709 TYR A CD1   1 
ATOM   139  C  CD2   . TYR A 1 18  ? 13.791  -3.198  2.611   1.00 38.11 ? 709 TYR A CD2   1 
ATOM   140  C  CE1   . TYR A 1 18  ? 13.107  -3.940  5.192   1.00 40.91 ? 709 TYR A CE1   1 
ATOM   141  C  CE2   . TYR A 1 18  ? 14.727  -3.839  3.411   1.00 39.90 ? 709 TYR A CE2   1 
ATOM   142  C  CZ    . TYR A 1 18  ? 14.375  -4.208  4.707   1.00 39.93 ? 709 TYR A CZ    1 
ATOM   143  O  OH    . TYR A 1 18  ? 15.277  -4.850  5.528   1.00 39.80 ? 709 TYR A OH    1 
ATOM   144  N  N     . LEU A 1 19  ? 11.544  -0.430  -0.510  1.00 40.98 ? 710 LEU A N     1 
ATOM   145  C  CA    . LEU A 1 19  ? 10.849  -0.297  -1.789  1.00 40.66 ? 710 LEU A CA    1 
ATOM   146  C  C     . LEU A 1 19  ? 10.201  -1.627  -2.127  1.00 40.42 ? 710 LEU A C     1 
ATOM   147  O  O     . LEU A 1 19  ? 10.739  -2.682  -1.797  1.00 39.96 ? 710 LEU A O     1 
ATOM   148  C  CB    . LEU A 1 19  ? 11.803  0.154   -2.893  1.00 40.34 ? 710 LEU A CB    1 
ATOM   149  C  CG    . LEU A 1 19  ? 12.647  1.399   -2.570  1.00 40.77 ? 710 LEU A CG    1 
ATOM   150  C  CD1   . LEU A 1 19  ? 13.764  1.593   -3.575  1.00 41.21 ? 710 LEU A CD1   1 
ATOM   151  C  CD2   . LEU A 1 19  ? 11.809  2.646   -2.501  1.00 38.93 ? 710 LEU A CD2   1 
ATOM   152  N  N     . VAL A 1 20  ? 9.029   -1.583  -2.750  1.00 39.79 ? 711 VAL A N     1 
ATOM   153  C  CA    . VAL A 1 20  ? 8.263   -2.807  -3.002  1.00 39.24 ? 711 VAL A CA    1 
ATOM   154  C  C     . VAL A 1 20  ? 7.754   -2.918  -4.431  1.00 39.36 ? 711 VAL A C     1 
ATOM   155  O  O     . VAL A 1 20  ? 7.559   -1.913  -5.118  1.00 39.94 ? 711 VAL A O     1 
ATOM   156  C  CB    . VAL A 1 20  ? 7.077   -2.986  -2.025  1.00 39.87 ? 711 VAL A CB    1 
ATOM   157  C  CG1   . VAL A 1 20  ? 7.574   -3.262  -0.600  1.00 39.92 ? 711 VAL A CG1   1 
ATOM   158  C  CG2   . VAL A 1 20  ? 6.134   -1.771  -2.072  1.00 37.70 ? 711 VAL A CG2   1 
ATOM   159  N  N     . THR A 1 21  ? 7.545   -4.160  -4.859  1.00 39.02 ? 712 THR A N     1 
ATOM   160  C  CA    . THR A 1 21  ? 7.078   -4.466  -6.198  1.00 39.52 ? 712 THR A CA    1 
ATOM   161  C  C     . THR A 1 21  ? 5.957   -5.502  -6.132  1.00 40.25 ? 712 THR A C     1 
ATOM   162  O  O     . THR A 1 21  ? 5.634   -6.007  -5.055  1.00 40.37 ? 712 THR A O     1 
ATOM   163  C  CB    . THR A 1 21  ? 8.235   -4.968  -7.088  1.00 40.08 ? 712 THR A CB    1 
ATOM   164  O  OG1   . THR A 1 21  ? 7.782   -5.063  -8.443  1.00 40.31 ? 712 THR A OG1   1 
ATOM   165  C  CG2   . THR A 1 21  ? 8.753   -6.330  -6.614  1.00 38.53 ? 712 THR A CG2   1 
ATOM   166  N  N     . LEU A 1 22  ? 5.360   -5.817  -7.275  1.00 40.66 ? 713 LEU A N     1 
ATOM   167  C  CA    . LEU A 1 22  ? 4.324   -6.829  -7.288  1.00 41.90 ? 713 LEU A CA    1 
ATOM   168  C  C     . LEU A 1 22  ? 4.810   -8.160  -7.872  1.00 42.71 ? 713 LEU A C     1 
ATOM   169  O  O     . LEU A 1 22  ? 5.627   -8.185  -8.802  1.00 42.73 ? 713 LEU A O     1 
ATOM   170  C  CB    . LEU A 1 22  ? 3.080   -6.347  -8.048  1.00 41.87 ? 713 LEU A CB    1 
ATOM   171  C  CG    . LEU A 1 22  ? 2.031   -5.417  -7.418  1.00 42.49 ? 713 LEU A CG    1 
ATOM   172  C  CD1   . LEU A 1 22  ? 0.855   -5.309  -8.387  1.00 42.65 ? 713 LEU A CD1   1 
ATOM   173  C  CD2   . LEU A 1 22  ? 1.526   -5.871  -6.051  1.00 42.11 ? 713 LEU A CD2   1 
ATOM   174  N  N     . GLU A 1 23  ? 4.312   -9.255  -7.290  1.00 43.73 ? 714 GLU A N     1 
ATOM   175  C  CA    . GLU A 1 23  ? 4.443   -10.611 -7.845  1.00 44.69 ? 714 GLU A CA    1 
ATOM   176  C  C     . GLU A 1 23  ? 3.162   -11.370 -7.544  1.00 45.57 ? 714 GLU A C     1 
ATOM   177  O  O     . GLU A 1 23  ? 2.730   -11.436 -6.388  1.00 44.97 ? 714 GLU A O     1 
ATOM   178  C  CB    . GLU A 1 23  ? 5.654   -11.359 -7.264  1.00 44.94 ? 714 GLU A CB    1 
ATOM   179  C  CG    . GLU A 1 23  ? 5.765   -12.848 -7.688  1.00 43.93 ? 714 GLU A CG    1 
ATOM   180  C  CD    . GLU A 1 23  ? 6.934   -13.587 -7.029  1.00 44.55 ? 714 GLU A CD    1 
ATOM   181  O  OE1   . GLU A 1 23  ? 8.063   -13.048 -7.026  1.00 43.78 ? 714 GLU A OE1   1 
ATOM   182  O  OE2   . GLU A 1 23  ? 6.721   -14.714 -6.523  1.00 45.63 ? 714 GLU A OE2   1 
ATOM   183  N  N     . LYS A 1 24  ? 2.568   -11.948 -8.586  1.00 46.84 ? 715 LYS A N     1 
ATOM   184  C  CA    . LYS A 1 24  ? 1.256   -12.603 -8.483  1.00 48.05 ? 715 LYS A CA    1 
ATOM   185  C  C     . LYS A 1 24  ? 0.295   -11.864 -7.528  1.00 49.04 ? 715 LYS A C     1 
ATOM   186  O  O     . LYS A 1 24  ? -0.160  -12.408 -6.502  1.00 49.72 ? 715 LYS A O     1 
ATOM   187  C  CB    . LYS A 1 24  ? 1.390   -14.096 -8.123  1.00 48.38 ? 715 LYS A CB    1 
ATOM   188  C  CG    . LYS A 1 24  ? 2.041   -14.945 -9.214  1.00 49.73 ? 715 LYS A CG    1 
ATOM   189  C  CD    . LYS A 1 24  ? 1.518   -16.380 -9.202  1.00 51.87 ? 715 LYS A CD    1 
ATOM   190  C  CE    . LYS A 1 24  ? 2.589   -17.381 -9.644  1.00 53.60 ? 715 LYS A CE    1 
ATOM   191  N  NZ    . LYS A 1 24  ? 3.589   -17.617 -8.550  1.00 55.07 ? 715 LYS A NZ    1 
ATOM   192  N  N     . GLY A 1 25  ? 0.021   -10.603 -7.875  1.00 48.90 ? 716 GLY A N     1 
ATOM   193  C  CA    . GLY A 1 25  ? -0.962  -9.783  -7.170  1.00 48.84 ? 716 GLY A CA    1 
ATOM   194  C  C     . GLY A 1 25  ? -0.663  -9.480  -5.718  1.00 49.39 ? 716 GLY A C     1 
ATOM   195  O  O     . GLY A 1 25  ? -1.583  -9.180  -4.955  1.00 49.84 ? 716 GLY A O     1 
ATOM   196  N  N     . LYS A 1 26  ? 0.612   -9.550  -5.338  1.00 49.25 ? 717 LYS A N     1 
ATOM   197  C  CA    . LYS A 1 26  ? 1.036   -9.255  -3.959  1.00 48.66 ? 717 LYS A CA    1 
ATOM   198  C  C     . LYS A 1 26  ? 2.378   -8.523  -3.902  1.00 48.13 ? 717 LYS A C     1 
ATOM   199  O  O     . LYS A 1 26  ? 3.104   -8.476  -4.900  1.00 47.54 ? 717 LYS A O     1 
ATOM   200  C  CB    . LYS A 1 26  ? 1.055   -10.537 -3.120  1.00 48.61 ? 717 LYS A CB    1 
ATOM   201  C  CG    . LYS A 1 26  ? -0.293  -10.870 -2.481  1.00 48.84 ? 717 LYS A CG    1 
ATOM   202  C  CD    . LYS A 1 26  ? -0.596  -12.365 -2.504  1.00 49.68 ? 717 LYS A CD    1 
ATOM   203  C  CE    . LYS A 1 26  ? -2.065  -12.647 -2.160  1.00 49.93 ? 717 LYS A CE    1 
ATOM   204  N  NZ    . LYS A 1 26  ? -2.358  -12.383 -0.716  1.00 49.10 ? 717 LYS A NZ    1 
ATOM   205  N  N     . ILE A 1 27  ? 2.698   -7.939  -2.746  1.00 47.97 ? 718 ILE A N     1 
ATOM   206  C  CA    . ILE A 1 27  ? 3.926   -7.141  -2.613  1.00 47.34 ? 718 ILE A CA    1 
ATOM   207  C  C     . ILE A 1 27  ? 5.078   -7.876  -1.933  1.00 47.09 ? 718 ILE A C     1 
ATOM   208  O  O     . ILE A 1 27  ? 4.872   -8.637  -0.982  1.00 47.39 ? 718 ILE A O     1 
ATOM   209  C  CB    . ILE A 1 27  ? 3.693   -5.771  -1.898  1.00 47.62 ? 718 ILE A CB    1 
ATOM   210  C  CG1   . ILE A 1 27  ? 3.033   -5.960  -0.532  1.00 46.88 ? 718 ILE A CG1   1 
ATOM   211  C  CG2   . ILE A 1 27  ? 2.862   -4.843  -2.767  1.00 47.54 ? 718 ILE A CG2   1 
ATOM   212  C  CD1   . ILE A 1 27  ? 3.328   -4.852  0.443   1.00 46.32 ? 718 ILE A CD1   1 
ATOM   213  N  N     . ARG A 1 28  ? 6.286   -7.631  -2.442  1.00 46.74 ? 719 ARG A N     1 
ATOM   214  C  CA    . ARG A 1 28  ? 7.538   -8.123  -1.854  1.00 46.30 ? 719 ARG A CA    1 
ATOM   215  C  C     . ARG A 1 28  ? 8.621   -7.068  -2.054  1.00 46.47 ? 719 ARG A C     1 
ATOM   216  O  O     . ARG A 1 28  ? 8.392   -6.091  -2.769  1.00 46.80 ? 719 ARG A O     1 
ATOM   217  C  CB    . ARG A 1 28  ? 7.980   -9.446  -2.504  1.00 46.32 ? 719 ARG A CB    1 
ATOM   218  C  CG    . ARG A 1 28  ? 8.443   -9.314  -3.967  1.00 45.55 ? 719 ARG A CG    1 
ATOM   219  C  CD    . ARG A 1 28  ? 9.140   -10.568 -4.476  1.00 45.00 ? 719 ARG A CD    1 
ATOM   220  N  NE    . ARG A 1 28  ? 8.963   -10.694 -5.921  1.00 43.18 ? 719 ARG A NE    1 
ATOM   221  C  CZ    . ARG A 1 28  ? 9.789   -10.190 -6.837  1.00 42.73 ? 719 ARG A CZ    1 
ATOM   222  N  NH1   . ARG A 1 28  ? 10.880  -9.517  -6.470  1.00 42.41 ? 719 ARG A NH1   1 
ATOM   223  N  NH2   . ARG A 1 28  ? 9.518   -10.348 -8.128  1.00 41.85 ? 719 ARG A NH2   1 
ATOM   224  N  N     . LYS A 1 29  ? 9.793   -7.273  -1.443  1.00 47.02 ? 720 LYS A N     1 
ATOM   225  C  CA    . LYS A 1 29  ? 10.949  -6.393  -1.650  1.00 47.31 ? 720 LYS A CA    1 
ATOM   226  C  C     . LYS A 1 29  ? 11.282  -6.310  -3.125  1.00 47.98 ? 720 LYS A C     1 
ATOM   227  O  O     . LYS A 1 29  ? 11.105  -7.279  -3.867  1.00 48.19 ? 720 LYS A O     1 
ATOM   228  C  CB    . LYS A 1 29  ? 12.168  -6.898  -0.887  1.00 47.49 ? 720 LYS A CB    1 
ATOM   229  C  CG    . LYS A 1 29  ? 12.140  -6.597  0.587   1.00 47.35 ? 720 LYS A CG    1 
ATOM   230  C  CD    . LYS A 1 29  ? 12.667  -7.760  1.379   1.00 45.42 ? 720 LYS A CD    1 
ATOM   231  C  CE    . LYS A 1 29  ? 12.351  -7.574  2.844   1.00 45.47 ? 720 LYS A CE    1 
ATOM   232  N  NZ    . LYS A 1 29  ? 12.280  -8.885  3.533   1.00 46.98 ? 720 LYS A NZ    1 
ATOM   233  N  N     . ALA A 1 30  ? 11.754  -5.146  -3.549  1.00 48.54 ? 721 ALA A N     1 
ATOM   234  C  CA    . ALA A 1 30  ? 12.058  -4.924  -4.951  1.00 49.17 ? 721 ALA A CA    1 
ATOM   235  C  C     . ALA A 1 30  ? 13.545  -5.123  -5.227  1.00 49.61 ? 721 ALA A C     1 
ATOM   236  O  O     . ALA A 1 30  ? 14.394  -4.559  -4.521  1.00 50.17 ? 721 ALA A O     1 
ATOM   237  C  CB    . ALA A 1 30  ? 11.615  -3.541  -5.368  1.00 49.09 ? 721 ALA A CB    1 
ATOM   238  N  N     . GLU A 1 31  ? 13.845  -5.933  -6.246  1.00 50.29 ? 722 GLU A N     1 
ATOM   239  C  CA    . GLU A 1 31  ? 15.217  -6.179  -6.703  1.00 50.22 ? 722 GLU A CA    1 
ATOM   240  C  C     . GLU A 1 31  ? 15.490  -5.292  -7.923  1.00 51.08 ? 722 GLU A C     1 
ATOM   241  O  O     . GLU A 1 31  ? 14.701  -4.382  -8.209  1.00 51.75 ? 722 GLU A O     1 
ATOM   242  C  CB    . GLU A 1 31  ? 15.430  -7.665  -7.018  1.00 50.05 ? 722 GLU A CB    1 
ATOM   243  C  CG    . GLU A 1 31  ? 14.755  -8.646  -6.042  1.00 48.60 ? 722 GLU A CG    1 
ATOM   244  C  CD    . GLU A 1 31  ? 15.257  -8.540  -4.599  1.00 48.05 ? 722 GLU A CD    1 
ATOM   245  O  OE1   . GLU A 1 31  ? 16.284  -7.866  -4.355  1.00 49.50 ? 722 GLU A OE1   1 
ATOM   246  O  OE2   . GLU A 1 31  ? 14.615  -9.139  -3.705  1.00 46.01 ? 722 GLU A OE2   1 
ATOM   247  N  N     . LYS A 1 32  ? 16.599  -5.525  -8.629  1.00 52.19 ? 723 LYS A N     1 
ATOM   248  C  CA    . LYS A 1 32  ? 16.980  -4.671  -9.773  1.00 52.99 ? 723 LYS A CA    1 
ATOM   249  C  C     . LYS A 1 32  ? 16.066  -4.913  -10.974 1.00 53.48 ? 723 LYS A C     1 
ATOM   250  O  O     . LYS A 1 32  ? 15.373  -5.941  -11.036 1.00 53.90 ? 723 LYS A O     1 
ATOM   251  C  CB    . LYS A 1 32  ? 18.452  -4.885  -10.158 1.00 52.70 ? 723 LYS A CB    1 
ATOM   252  C  CG    . LYS A 1 32  ? 19.102  -3.712  -10.925 1.00 52.70 ? 723 LYS A CG    1 
ATOM   253  C  CD    . LYS A 1 32  ? 20.634  -3.844  -10.999 1.00 53.04 ? 723 LYS A CD    1 
ATOM   254  C  CE    . LYS A 1 32  ? 21.300  -3.529  -9.653  1.00 52.88 ? 723 LYS A CE    1 
ATOM   255  N  NZ    . LYS A 1 32  ? 22.786  -3.676  -9.677  1.00 52.98 ? 723 LYS A NZ    1 
ATOM   256  N  N     . GLY A 1 33  ? 16.048  -3.962  -11.908 1.00 53.65 ? 724 GLY A N     1 
ATOM   257  C  CA    . GLY A 1 33  ? 15.233  -4.077  -13.126 1.00 53.29 ? 724 GLY A CA    1 
ATOM   258  C  C     . GLY A 1 33  ? 13.735  -4.074  -12.860 1.00 52.85 ? 724 GLY A C     1 
ATOM   259  O  O     . GLY A 1 33  ? 12.980  -3.449  -13.605 1.00 52.71 ? 724 GLY A O     1 
ATOM   260  N  N     . GLU A 1 34  ? 13.313  -4.784  -11.804 1.00 52.50 ? 725 GLU A N     1 
ATOM   261  C  CA    . GLU A 1 34  ? 11.908  -4.854  -11.364 1.00 52.20 ? 725 GLU A CA    1 
ATOM   262  C  C     . GLU A 1 34  ? 11.313  -3.446  -11.205 1.00 52.18 ? 725 GLU A C     1 
ATOM   263  O  O     . GLU A 1 34  ? 12.041  -2.480  -10.923 1.00 52.39 ? 725 GLU A O     1 
ATOM   264  C  CB    . GLU A 1 34  ? 11.789  -5.613  -10.032 1.00 52.17 ? 725 GLU A CB    1 
ATOM   265  C  CG    . GLU A 1 34  ? 12.111  -7.113  -10.098 1.00 52.20 ? 725 GLU A CG    1 
ATOM   266  C  CD    . GLU A 1 34  ? 11.913  -7.849  -8.754  1.00 52.34 ? 725 GLU A CD    1 
ATOM   267  O  OE1   . GLU A 1 34  ? 11.737  -9.079  -8.775  1.00 53.37 ? 725 GLU A OE1   1 
ATOM   268  O  OE2   . GLU A 1 34  ? 11.928  -7.224  -7.672  1.00 52.65 ? 725 GLU A OE2   1 
ATOM   269  N  N     . LYS A 1 35  ? 9.998   -3.333  -11.400 1.00 51.94 ? 726 LYS A N     1 
ATOM   270  C  CA    . LYS A 1 35  ? 9.307   -2.038  -11.287 1.00 51.42 ? 726 LYS A CA    1 
ATOM   271  C  C     . LYS A 1 35  ? 8.950   -1.704  -9.836  1.00 50.18 ? 726 LYS A C     1 
ATOM   272  O  O     . LYS A 1 35  ? 8.322   -2.518  -9.158  1.00 50.53 ? 726 LYS A O     1 
ATOM   273  C  CB    . LYS A 1 35  ? 8.060   -2.009  -12.175 1.00 51.88 ? 726 LYS A CB    1 
ATOM   274  C  CG    . LYS A 1 35  ? 8.383   -2.029  -13.668 1.00 55.33 ? 726 LYS A CG    1 
ATOM   275  C  CD    . LYS A 1 35  ? 7.514   -1.050  -14.456 1.00 61.42 ? 726 LYS A CD    1 
ATOM   276  C  CE    . LYS A 1 35  ? 7.970   0.411   -14.260 1.00 63.64 ? 726 LYS A CE    1 
ATOM   277  N  NZ    . LYS A 1 35  ? 7.036   1.340   -14.957 1.00 64.26 ? 726 LYS A NZ    1 
ATOM   278  N  N     . ILE A 1 36  ? 9.364   -0.524  -9.363  1.00 48.24 ? 727 ILE A N     1 
ATOM   279  C  CA    . ILE A 1 36  ? 9.051   -0.081  -8.000  1.00 46.71 ? 727 ILE A CA    1 
ATOM   280  C  C     . ILE A 1 36  ? 7.684   0.572   -8.010  1.00 46.20 ? 727 ILE A C     1 
ATOM   281  O  O     . ILE A 1 36  ? 7.498   1.590   -8.670  1.00 47.55 ? 727 ILE A O     1 
ATOM   282  C  CB    . ILE A 1 36  ? 10.086  0.942   -7.448  1.00 46.83 ? 727 ILE A CB    1 
ATOM   283  C  CG1   . ILE A 1 36  ? 11.519  0.408   -7.547  1.00 46.88 ? 727 ILE A CG1   1 
ATOM   284  C  CG2   . ILE A 1 36  ? 9.772   1.294   -6.000  1.00 45.87 ? 727 ILE A CG2   1 
ATOM   285  C  CD1   . ILE A 1 36  ? 12.591  1.484   -7.438  1.00 46.72 ? 727 ILE A CD1   1 
ATOM   286  N  N     . ILE A 1 37  ? 6.719   -0.011  -7.309  1.00 44.39 ? 728 ILE A N     1 
ATOM   287  C  CA    . ILE A 1 37  ? 5.390   0.592   -7.248  1.00 42.19 ? 728 ILE A CA    1 
ATOM   288  C  C     . ILE A 1 37  ? 5.255   1.567   -6.093  1.00 42.33 ? 728 ILE A C     1 
ATOM   289  O  O     . ILE A 1 37  ? 4.494   2.539   -6.186  1.00 42.48 ? 728 ILE A O     1 
ATOM   290  C  CB    . ILE A 1 37  ? 4.232   -0.429  -7.248  1.00 41.91 ? 728 ILE A CB    1 
ATOM   291  C  CG1   . ILE A 1 37  ? 4.418   -1.526  -6.208  1.00 40.06 ? 728 ILE A CG1   1 
ATOM   292  C  CG2   . ILE A 1 37  ? 4.061   -1.020  -8.612  1.00 40.64 ? 728 ILE A CG2   1 
ATOM   293  C  CD1   . ILE A 1 37  ? 3.441   -1.472  -5.118  1.00 38.01 ? 728 ILE A CD1   1 
ATOM   294  N  N     . GLY A 1 38  ? 6.015   1.333   -5.026  1.00 42.04 ? 729 GLY A N     1 
ATOM   295  C  CA    . GLY A 1 38  ? 5.967   2.211   -3.874  1.00 40.64 ? 729 GLY A CA    1 
ATOM   296  C  C     . GLY A 1 38  ? 6.937   1.854   -2.778  1.00 41.05 ? 729 GLY A C     1 
ATOM   297  O  O     . GLY A 1 38  ? 7.929   1.165   -3.021  1.00 40.72 ? 729 GLY A O     1 
ATOM   298  N  N     . VAL A 1 39  ? 6.639   2.346   -1.571  1.00 40.74 ? 730 VAL A N     1 
ATOM   299  C  CA    . VAL A 1 39  ? 7.475   2.184   -0.387  1.00 39.60 ? 730 VAL A CA    1 
ATOM   300  C  C     . VAL A 1 39  ? 6.545   1.986   0.798   1.00 39.56 ? 730 VAL A C     1 
ATOM   301  O  O     . VAL A 1 39  ? 5.533   2.666   0.899   1.00 39.01 ? 730 VAL A O     1 
ATOM   302  C  CB    . VAL A 1 39  ? 8.290   3.473   -0.133  1.00 41.09 ? 730 VAL A CB    1 
ATOM   303  C  CG1   . VAL A 1 39  ? 9.349   3.262   0.952   1.00 39.65 ? 730 VAL A CG1   1 
ATOM   304  C  CG2   . VAL A 1 39  ? 8.914   3.992   -1.434  1.00 40.27 ? 730 VAL A CG2   1 
ATOM   305  N  N     . ILE A 1 40  ? 6.862   1.061   1.698   1.00 40.17 ? 731 ILE A N     1 
ATOM   306  C  CA    . ILE A 1 40  ? 6.030   0.850   2.898   1.00 40.19 ? 731 ILE A CA    1 
ATOM   307  C  C     . ILE A 1 40  ? 6.090   2.140   3.693   1.00 41.33 ? 731 ILE A C     1 
ATOM   308  O  O     . ILE A 1 40  ? 7.171   2.717   3.832   1.00 41.79 ? 731 ILE A O     1 
ATOM   309  C  CB    . ILE A 1 40  ? 6.541   -0.359  3.755   1.00 40.79 ? 731 ILE A CB    1 
ATOM   310  C  CG1   . ILE A 1 40  ? 6.655   -1.635  2.902   1.00 39.30 ? 731 ILE A CG1   1 
ATOM   311  C  CG2   . ILE A 1 40  ? 5.670   -0.610  4.997   1.00 42.01 ? 731 ILE A CG2   1 
ATOM   312  C  CD1   . ILE A 1 40  ? 5.333   -2.204  2.374   1.00 33.78 ? 731 ILE A CD1   1 
ATOM   313  N  N     . SER A 1 41  ? 4.954   2.622   4.196   1.00 40.82 ? 732 SER A N     1 
ATOM   314  C  CA    . SER A 1 41  ? 4.926   3.975   4.753   1.00 41.08 ? 732 SER A CA    1 
ATOM   315  C  C     . SER A 1 41  ? 4.175   4.084   6.049   1.00 40.68 ? 732 SER A C     1 
ATOM   316  O  O     . SER A 1 41  ? 3.125   3.452   6.227   1.00 42.41 ? 732 SER A O     1 
ATOM   317  C  CB    . SER A 1 41  ? 4.333   4.956   3.737   1.00 41.39 ? 732 SER A CB    1 
ATOM   318  O  OG    . SER A 1 41  ? 4.003   6.208   4.336   1.00 42.72 ? 732 SER A OG    1 
ATOM   319  N  N     . GLU A 1 42  ? 4.703   4.905   6.946   1.00 39.90 ? 733 GLU A N     1 
ATOM   320  C  CA    . GLU A 1 42  ? 4.030   5.227   8.197   1.00 39.60 ? 733 GLU A CA    1 
ATOM   321  C  C     . GLU A 1 42  ? 3.642   6.683   8.187   1.00 40.27 ? 733 GLU A C     1 
ATOM   322  O  O     . GLU A 1 42  ? 3.162   7.197   9.209   1.00 40.50 ? 733 GLU A O     1 
ATOM   323  C  CB    . GLU A 1 42  ? 4.972   5.064   9.388   1.00 39.38 ? 733 GLU A CB    1 
ATOM   324  C  CG    . GLU A 1 42  ? 5.499   3.676   9.702   1.00 39.82 ? 733 GLU A CG    1 
ATOM   325  C  CD    . GLU A 1 42  ? 6.574   3.727   10.813  1.00 39.98 ? 733 GLU A CD    1 
ATOM   326  O  OE1   . GLU A 1 42  ? 6.373   4.462   11.807  1.00 37.58 ? 733 GLU A OE1   1 
ATOM   327  O  OE2   . GLU A 1 42  ? 7.622   3.048   10.681  1.00 41.19 ? 733 GLU A OE2   1 
ATOM   328  N  N     . THR A 1 43  ? 3.888   7.365   7.065   1.00 39.71 ? 734 THR A N     1 
ATOM   329  C  CA    . THR A 1 43  ? 3.628   8.809   6.998   1.00 41.36 ? 734 THR A CA    1 
ATOM   330  C  C     . THR A 1 43  ? 2.386   9.186   6.182   1.00 40.31 ? 734 THR A C     1 
ATOM   331  O  O     . THR A 1 43  ? 2.181   10.363  5.880   1.00 40.92 ? 734 THR A O     1 
ATOM   332  C  CB    . THR A 1 43  ? 4.860   9.611   6.468   1.00 41.38 ? 734 THR A CB    1 
ATOM   333  O  OG1   . THR A 1 43  ? 5.462   8.928   5.354   1.00 44.14 ? 734 THR A OG1   1 
ATOM   334  C  CG2   . THR A 1 43  ? 5.887   9.770   7.547   1.00 41.11 ? 734 THR A CG2   1 
ATOM   335  N  N     . ALA A 1 44  ? 1.563   8.201   5.847   1.00 39.15 ? 735 ALA A N     1 
ATOM   336  C  CA    . ALA A 1 44  ? 0.498   8.409   4.866   1.00 39.50 ? 735 ALA A CA    1 
ATOM   337  C  C     . ALA A 1 44  ? -0.652  9.198   5.453   1.00 39.22 ? 735 ALA A C     1 
ATOM   338  O  O     . ALA A 1 44  ? -1.220  8.800   6.469   1.00 38.76 ? 735 ALA A O     1 
ATOM   339  C  CB    . ALA A 1 44  ? 0.013   7.074   4.284   1.00 38.11 ? 735 ALA A CB    1 
ATOM   340  N  N     . GLY A 1 45  ? -0.969  10.331  4.816   1.00 39.74 ? 736 GLY A N     1 
ATOM   341  C  CA    . GLY A 1 45  ? -2.097  11.173  5.219   1.00 40.02 ? 736 GLY A CA    1 
ATOM   342  C  C     . GLY A 1 45  ? -3.421  10.718  4.602   1.00 40.91 ? 736 GLY A C     1 
ATOM   343  O  O     . GLY A 1 45  ? -4.510  11.079  5.087   1.00 41.08 ? 736 GLY A O     1 
ATOM   344  N  N     . PHE A 1 46  ? -3.329  9.944   3.520   1.00 40.67 ? 737 PHE A N     1 
ATOM   345  C  CA    . PHE A 1 46  ? -4.491  9.484   2.771   1.00 39.80 ? 737 PHE A CA    1 
ATOM   346  C  C     . PHE A 1 46  ? -4.172  8.090   2.273   1.00 40.40 ? 737 PHE A C     1 
ATOM   347  O  O     . PHE A 1 46  ? -3.187  7.887   1.549   1.00 38.70 ? 737 PHE A O     1 
ATOM   348  C  CB    . PHE A 1 46  ? -4.798  10.417  1.600   1.00 39.61 ? 737 PHE A CB    1 
ATOM   349  C  CG    . PHE A 1 46  ? -5.206  11.811  2.019   1.00 40.81 ? 737 PHE A CG    1 
ATOM   350  C  CD1   . PHE A 1 46  ? -6.492  12.069  2.485   1.00 43.88 ? 737 PHE A CD1   1 
ATOM   351  C  CD2   . PHE A 1 46  ? -4.308  12.858  1.958   1.00 41.25 ? 737 PHE A CD2   1 
ATOM   352  C  CE1   . PHE A 1 46  ? -6.870  13.354  2.894   1.00 45.29 ? 737 PHE A CE1   1 
ATOM   353  C  CE2   . PHE A 1 46  ? -4.666  14.146  2.357   1.00 43.42 ? 737 PHE A CE2   1 
ATOM   354  C  CZ    . PHE A 1 46  ? -5.949  14.402  2.817   1.00 42.64 ? 737 PHE A CZ    1 
ATOM   355  N  N     . VAL A 1 47  ? -4.968  7.115   2.695   1.00 41.02 ? 738 VAL A N     1 
ATOM   356  C  CA    . VAL A 1 47  ? -4.689  5.736   2.304   1.00 40.78 ? 738 VAL A CA    1 
ATOM   357  C  C     . VAL A 1 47  ? -5.962  5.043   1.911   1.00 40.90 ? 738 VAL A C     1 
ATOM   358  O  O     . VAL A 1 47  ? -6.961  5.188   2.580   1.00 41.69 ? 738 VAL A O     1 
ATOM   359  C  CB    . VAL A 1 47  ? -3.878  4.968   3.392   1.00 40.49 ? 738 VAL A CB    1 
ATOM   360  C  CG1   . VAL A 1 47  ? -4.155  5.515   4.778   1.00 42.84 ? 738 VAL A CG1   1 
ATOM   361  C  CG2   . VAL A 1 47  ? -4.136  3.501   3.338   1.00 39.52 ? 738 VAL A CG2   1 
ATOM   362  N  N     . LEU A 1 48  ? -5.938  4.326   0.800   1.00 41.16 ? 739 LEU A N     1 
ATOM   363  C  CA    . LEU A 1 48  ? -7.115  3.617   0.323   1.00 41.05 ? 739 LEU A CA    1 
ATOM   364  C  C     . LEU A 1 48  ? -7.027  2.132   0.622   1.00 40.99 ? 739 LEU A C     1 
ATOM   365  O  O     . LEU A 1 48  ? -5.936  1.548   0.610   1.00 39.76 ? 739 LEU A O     1 
ATOM   366  C  CB    . LEU A 1 48  ? -7.238  3.781   -1.188  1.00 43.21 ? 739 LEU A CB    1 
ATOM   367  C  CG    . LEU A 1 48  ? -6.715  5.044   -1.874  1.00 45.20 ? 739 LEU A CG    1 
ATOM   368  C  CD1   . LEU A 1 48  ? -6.284  4.681   -3.283  1.00 50.31 ? 739 LEU A CD1   1 
ATOM   369  C  CD2   . LEU A 1 48  ? -7.750  6.150   -1.888  1.00 45.53 ? 739 LEU A CD2   1 
ATOM   370  N  N     . GLY A 1 49  ? -8.178  1.517   0.864   1.00 41.22 ? 740 GLY A N     1 
ATOM   371  C  CA    . GLY A 1 49  ? -8.258  0.067   1.025   1.00 43.20 ? 740 GLY A CA    1 
ATOM   372  C  C     . GLY A 1 49  ? -8.303  -0.437  2.452   1.00 44.92 ? 740 GLY A C     1 
ATOM   373  O  O     . GLY A 1 49  ? -8.243  -1.640  2.678   1.00 45.51 ? 740 GLY A O     1 
ATOM   374  N  N     . GLU A 1 50  ? -8.395  0.476   3.417   1.00 46.91 ? 741 GLU A N     1 
ATOM   375  C  CA    . GLU A 1 50  ? -8.552  0.112   4.830   1.00 49.43 ? 741 GLU A CA    1 
ATOM   376  C  C     . GLU A 1 50  ? -10.026 -0.025  5.163   1.00 49.43 ? 741 GLU A C     1 
ATOM   377  O  O     . GLU A 1 50  ? -10.686 0.962   5.513   1.00 51.66 ? 741 GLU A O     1 
ATOM   378  C  CB    . GLU A 1 50  ? -7.923  1.176   5.747   1.00 49.90 ? 741 GLU A CB    1 
ATOM   379  C  CG    . GLU A 1 50  ? -8.035  2.620   5.226   1.00 52.43 ? 741 GLU A CG    1 
ATOM   380  C  CD    . GLU A 1 50  ? -7.735  3.684   6.274   1.00 52.44 ? 741 GLU A CD    1 
ATOM   381  O  OE1   . GLU A 1 50  ? -7.153  3.356   7.330   1.00 55.86 ? 741 GLU A OE1   1 
ATOM   382  O  OE2   . GLU A 1 50  ? -8.087  4.860   6.033   1.00 53.83 ? 741 GLU A OE2   1 
ATOM   383  N  N     . SER A 1 51  ? -10.566 -1.235  5.024   1.00 48.54 ? 742 SER A N     1 
ATOM   384  C  CA    . SER A 1 51  ? -11.927 -1.499  5.473   1.00 47.27 ? 742 SER A CA    1 
ATOM   385  C  C     . SER A 1 51  ? -11.795 -1.587  6.973   1.00 46.84 ? 742 SER A C     1 
ATOM   386  O  O     . SER A 1 51  ? -11.075 -2.453  7.463   1.00 46.59 ? 742 SER A O     1 
ATOM   387  C  CB    . SER A 1 51  ? -12.422 -2.818  4.894   1.00 47.01 ? 742 SER A CB    1 
ATOM   388  O  OG    . SER A 1 51  ? -12.028 -2.938  3.537   1.00 46.34 ? 742 SER A OG    1 
ATOM   389  N  N     . SER A 1 52  ? -12.439 -0.691  7.719   1.00 46.48 ? 743 SER A N     1 
ATOM   390  C  CA    . SER A 1 52  ? -11.960 -0.491  9.095   1.00 46.07 ? 743 SER A CA    1 
ATOM   391  C  C     . SER A 1 52  ? -12.801 -0.508  10.412  1.00 45.90 ? 743 SER A C     1 
ATOM   392  O  O     . SER A 1 52  ? -12.285 -0.001  11.420  1.00 46.04 ? 743 SER A O     1 
ATOM   393  C  CB    . SER A 1 52  ? -10.907 0.642   9.131   1.00 45.96 ? 743 SER A CB    1 
ATOM   394  O  OG    . SER A 1 52  ? -11.493 1.904   9.386   1.00 45.33 ? 743 SER A OG    1 
ATOM   395  N  N     . PHE A 1 53  ? -14.058 -0.989  10.488  1.00 45.65 ? 744 PHE A N     1 
ATOM   396  C  CA    . PHE A 1 53  ? -15.297 -0.562  9.765   1.00 45.59 ? 744 PHE A CA    1 
ATOM   397  C  C     . PHE A 1 53  ? -16.336 -1.673  9.457   1.00 45.07 ? 744 PHE A C     1 
ATOM   398  O  O     . PHE A 1 53  ? -17.392 -1.727  10.091  1.00 45.21 ? 744 PHE A O     1 
ATOM   399  C  CB    . PHE A 1 53  ? -15.093 0.488   8.649   1.00 46.21 ? 744 PHE A CB    1 
ATOM   400  C  CG    . PHE A 1 53  ? -14.992 1.922   9.169   1.00 47.01 ? 744 PHE A CG    1 
ATOM   401  C  CD1   . PHE A 1 53  ? -15.360 3.001   8.358   1.00 46.84 ? 744 PHE A CD1   1 
ATOM   402  C  CD2   . PHE A 1 53  ? -14.551 2.189   10.476  1.00 46.64 ? 744 PHE A CD2   1 
ATOM   403  C  CE1   . PHE A 1 53  ? -15.273 4.323   8.830   1.00 46.42 ? 744 PHE A CE1   1 
ATOM   404  C  CE2   . PHE A 1 53  ? -14.457 3.506   10.956  1.00 46.64 ? 744 PHE A CE2   1 
ATOM   405  C  CZ    . PHE A 1 53  ? -14.818 4.573   10.129  1.00 46.63 ? 744 PHE A CZ    1 
ATOM   406  N  N     . GLU A 1 54  ? -16.020 -2.560  8.521   1.00 44.33 ? 745 GLU A N     1 
ATOM   407  C  CA    . GLU A 1 54  ? -16.804 -3.782  8.302   1.00 43.67 ? 745 GLU A CA    1 
ATOM   408  C  C     . GLU A 1 54  ? -15.995 -4.686  7.396   1.00 42.66 ? 745 GLU A C     1 
ATOM   409  O  O     . GLU A 1 54  ? -15.100 -4.217  6.691   1.00 42.80 ? 745 GLU A O     1 
ATOM   410  C  CB    . GLU A 1 54  ? -18.177 -3.489  7.669   1.00 43.42 ? 745 GLU A CB    1 
ATOM   411  C  CG    . GLU A 1 54  ? -18.163 -3.388  6.134   1.00 44.23 ? 745 GLU A CG    1 
ATOM   412  C  CD    . GLU A 1 54  ? -19.396 -2.700  5.543   1.00 44.41 ? 745 GLU A CD    1 
ATOM   413  O  OE1   . GLU A 1 54  ? -19.373 -2.401  4.323   1.00 43.68 ? 745 GLU A OE1   1 
ATOM   414  O  OE2   . GLU A 1 54  ? -20.379 -2.463  6.290   1.00 45.29 ? 745 GLU A OE2   1 
ATOM   415  N  N     . TRP A 1 55  ? -16.305 -5.977  7.407   1.00 41.68 ? 746 TRP A N     1 
ATOM   416  C  CA    . TRP A 1 55  ? -15.666 -6.898  6.475   1.00 40.50 ? 746 TRP A CA    1 
ATOM   417  C  C     . TRP A 1 55  ? -15.873 -6.367  5.065   1.00 39.68 ? 746 TRP A C     1 
ATOM   418  O  O     . TRP A 1 55  ? -16.988 -5.993  4.694   1.00 39.64 ? 746 TRP A O     1 
ATOM   419  C  CB    . TRP A 1 55  ? -16.225 -8.321  6.619   1.00 40.33 ? 746 TRP A CB    1 
ATOM   420  C  CG    . TRP A 1 55  ? -15.599 -9.325  5.679   1.00 40.19 ? 746 TRP A CG    1 
ATOM   421  C  CD1   . TRP A 1 55  ? -14.265 -9.600  5.536   1.00 40.08 ? 746 TRP A CD1   1 
ATOM   422  C  CD2   . TRP A 1 55  ? -16.287 -10.192 4.762   1.00 40.00 ? 746 TRP A CD2   1 
ATOM   423  N  NE1   . TRP A 1 55  ? -14.082 -10.581 4.588   1.00 40.01 ? 746 TRP A NE1   1 
ATOM   424  C  CE2   . TRP A 1 55  ? -15.305 -10.962 4.097   1.00 40.48 ? 746 TRP A CE2   1 
ATOM   425  C  CE3   . TRP A 1 55  ? -17.640 -10.400 4.447   1.00 39.48 ? 746 TRP A CE3   1 
ATOM   426  C  CZ2   . TRP A 1 55  ? -15.632 -11.918 3.127   1.00 40.34 ? 746 TRP A CZ2   1 
ATOM   427  C  CZ3   . TRP A 1 55  ? -17.965 -11.349 3.480   1.00 39.73 ? 746 TRP A CZ3   1 
ATOM   428  C  CH2   . TRP A 1 55  ? -16.964 -12.094 2.832   1.00 40.01 ? 746 TRP A CH2   1 
ATOM   429  N  N     . GLN A 1 56  ? -14.787 -6.317  4.298   1.00 38.77 ? 747 GLN A N     1 
ATOM   430  C  CA    . GLN A 1 56  ? -14.813 -5.818  2.925   1.00 37.46 ? 747 GLN A CA    1 
ATOM   431  C  C     . GLN A 1 56  ? -15.947 -6.419  2.088   1.00 37.24 ? 747 GLN A C     1 
ATOM   432  O  O     . GLN A 1 56  ? -16.321 -5.860  1.053   1.00 36.96 ? 747 GLN A O     1 
ATOM   433  C  CB    . GLN A 1 56  ? -13.460 -6.057  2.246   1.00 37.17 ? 747 GLN A CB    1 
ATOM   434  C  CG    . GLN A 1 56  ? -13.077 -7.519  2.066   1.00 36.48 ? 747 GLN A CG    1 
ATOM   435  C  CD    . GLN A 1 56  ? -13.484 -8.101  0.717   1.00 36.80 ? 747 GLN A CD    1 
ATOM   436  O  OE1   . GLN A 1 56  ? -13.084 -9.214  0.374   1.00 38.85 ? 747 GLN A OE1   1 
ATOM   437  N  NE2   . GLN A 1 56  ? -14.273 -7.358  -0.052  1.00 35.57 ? 747 GLN A NE2   1 
ATOM   438  N  N     . GLY A 1 57  ? -16.486 -7.551  2.543   1.00 36.49 ? 748 GLY A N     1 
ATOM   439  C  CA    . GLY A 1 57  ? -17.510 -8.278  1.798   1.00 36.15 ? 748 GLY A CA    1 
ATOM   440  C  C     . GLY A 1 57  ? -18.937 -8.124  2.293   1.00 35.63 ? 748 GLY A C     1 
ATOM   441  O  O     . GLY A 1 57  ? -19.861 -8.607  1.645   1.00 35.75 ? 748 GLY A O     1 
ATOM   442  N  N     . ALA A 1 58  ? -19.126 -7.461  3.432   1.00 35.27 ? 749 ALA A N     1 
ATOM   443  C  CA    . ALA A 1 58  ? -20.470 -7.235  3.978   1.00 35.39 ? 749 ALA A CA    1 
ATOM   444  C  C     . ALA A 1 58  ? -21.510 -6.996  2.875   1.00 35.75 ? 749 ALA A C     1 
ATOM   445  O  O     . ALA A 1 58  ? -22.549 -7.670  2.828   1.00 35.63 ? 749 ALA A O     1 
ATOM   446  C  CB    . ALA A 1 58  ? -20.462 -6.079  4.972   1.00 35.21 ? 749 ALA A CB    1 
ATOM   447  N  N     . VAL A 1 59  ? -21.212 -6.047  1.986   1.00 36.22 ? 750 VAL A N     1 
ATOM   448  C  CA    . VAL A 1 59  ? -22.047 -5.758  0.812   1.00 36.45 ? 750 VAL A CA    1 
ATOM   449  C  C     . VAL A 1 59  ? -21.479 -6.442  -0.439  1.00 36.19 ? 750 VAL A C     1 
ATOM   450  O  O     . VAL A 1 59  ? -20.259 -6.556  -0.586  1.00 36.82 ? 750 VAL A O     1 
ATOM   451  C  CB    . VAL A 1 59  ? -22.156 -4.234  0.548   1.00 36.25 ? 750 VAL A CB    1 
ATOM   452  C  CG1   . VAL A 1 59  ? -23.121 -3.953  -0.592  1.00 36.92 ? 750 VAL A CG1   1 
ATOM   453  C  CG2   . VAL A 1 59  ? -22.606 -3.491  1.802   1.00 37.14 ? 750 VAL A CG2   1 
ATOM   454  N  N     . LEU A 1 60  ? -22.362 -6.902  -1.332  1.00 35.79 ? 751 LEU A N     1 
ATOM   455  C  CA    . LEU A 1 60  ? -21.938 -7.430  -2.627  1.00 35.21 ? 751 LEU A CA    1 
ATOM   456  C  C     . LEU A 1 60  ? -21.440 -6.317  -3.531  1.00 34.85 ? 751 LEU A C     1 
ATOM   457  O  O     . LEU A 1 60  ? -21.784 -5.156  -3.351  1.00 34.81 ? 751 LEU A O     1 
ATOM   458  C  CB    . LEU A 1 60  ? -23.070 -8.202  -3.316  1.00 34.84 ? 751 LEU A CB    1 
ATOM   459  C  CG    . LEU A 1 60  ? -23.252 -9.649  -2.848  1.00 34.40 ? 751 LEU A CG    1 
ATOM   460  C  CD1   . LEU A 1 60  ? -24.727 -10.020 -2.856  1.00 33.58 ? 751 LEU A CD1   1 
ATOM   461  C  CD2   . LEU A 1 60  ? -22.408 -10.633 -3.674  1.00 32.88 ? 751 LEU A CD2   1 
ATOM   462  N  N     . LYS A 1 61  ? -20.633 -6.694  -4.513  1.00 34.94 ? 752 LYS A N     1 
ATOM   463  C  CA    . LYS A 1 61  ? -20.029 -5.750  -5.439  1.00 35.33 ? 752 LYS A CA    1 
ATOM   464  C  C     . LYS A 1 61  ? -20.036 -6.347  -6.824  1.00 35.11 ? 752 LYS A C     1 
ATOM   465  O  O     . LYS A 1 61  ? -19.943 -7.560  -6.980  1.00 35.14 ? 752 LYS A O     1 
ATOM   466  C  CB    . LYS A 1 61  ? -18.594 -5.437  -5.010  1.00 35.63 ? 752 LYS A CB    1 
ATOM   467  C  CG    . LYS A 1 61  ? -18.496 -4.663  -3.706  1.00 36.16 ? 752 LYS A CG    1 
ATOM   468  C  CD    . LYS A 1 61  ? -17.115 -4.794  -3.082  1.00 39.93 ? 752 LYS A CD    1 
ATOM   469  C  CE    . LYS A 1 61  ? -17.044 -4.099  -1.735  1.00 39.83 ? 752 LYS A CE    1 
ATOM   470  N  NZ    . LYS A 1 61  ? -17.856 -4.833  -0.732  1.00 42.46 ? 752 LYS A NZ    1 
ATOM   471  N  N     . ASN A 1 62  ? -20.152 -5.496  -7.837  1.00 35.17 ? 753 ASN A N     1 
ATOM   472  C  CA    . ASN A 1 62  ? -20.163 -5.960  -9.221  1.00 35.26 ? 753 ASN A CA    1 
ATOM   473  C  C     . ASN A 1 62  ? -18.784 -6.448  -9.648  1.00 35.65 ? 753 ASN A C     1 
ATOM   474  O  O     . ASN A 1 62  ? -17.907 -6.642  -8.810  1.00 36.28 ? 753 ASN A O     1 
ATOM   475  C  CB    . ASN A 1 62  ? -20.703 -4.872  -10.164 1.00 34.78 ? 753 ASN A CB    1 
ATOM   476  C  CG    . ASN A 1 62  ? -19.924 -3.570  -10.078 1.00 35.26 ? 753 ASN A CG    1 
ATOM   477  O  OD1   . ASN A 1 62  ? -18.740 -3.519  -10.415 1.00 39.03 ? 753 ASN A OD1   1 
ATOM   478  N  ND2   . ASN A 1 62  ? -20.593 -2.505  -9.647  1.00 29.97 ? 753 ASN A ND2   1 
ATOM   479  N  N     . GLU A 1 63  ? -18.593 -6.647  -10.946 1.00 36.19 ? 754 GLU A N     1 
ATOM   480  C  CA    . GLU A 1 63  ? -17.321 -7.135  -11.469 1.00 36.46 ? 754 GLU A CA    1 
ATOM   481  C  C     . GLU A 1 63  ? -16.195 -6.093  -11.356 1.00 35.86 ? 754 GLU A C     1 
ATOM   482  O  O     . GLU A 1 63  ? -15.006 -6.434  -11.440 1.00 35.64 ? 754 GLU A O     1 
ATOM   483  C  CB    . GLU A 1 63  ? -17.472 -7.641  -12.915 1.00 36.36 ? 754 GLU A CB    1 
ATOM   484  C  CG    . GLU A 1 63  ? -18.583 -6.971  -13.747 1.00 39.05 ? 754 GLU A CG    1 
ATOM   485  C  CD    . GLU A 1 63  ? -18.503 -7.298  -15.239 1.00 38.75 ? 754 GLU A CD    1 
ATOM   486  O  OE1   . GLU A 1 63  ? -19.351 -6.808  -16.015 1.00 38.22 ? 754 GLU A OE1   1 
ATOM   487  O  OE2   . GLU A 1 63  ? -17.584 -8.035  -15.649 1.00 42.88 ? 754 GLU A OE2   1 
ATOM   488  N  N     . PHE A 1 64  ? -16.569 -4.830  -11.163 1.00 35.02 ? 755 PHE A N     1 
ATOM   489  C  CA    . PHE A 1 64  ? -15.589 -3.747  -11.071 1.00 34.02 ? 755 PHE A CA    1 
ATOM   490  C  C     . PHE A 1 64  ? -15.408 -3.246  -9.640  1.00 33.60 ? 755 PHE A C     1 
ATOM   491  O  O     . PHE A 1 64  ? -14.934 -2.142  -9.425  1.00 32.97 ? 755 PHE A O     1 
ATOM   492  C  CB    . PHE A 1 64  ? -15.959 -2.591  -12.009 1.00 33.41 ? 755 PHE A CB    1 
ATOM   493  C  CG    . PHE A 1 64  ? -16.019 -2.979  -13.453 1.00 32.33 ? 755 PHE A CG    1 
ATOM   494  C  CD1   . PHE A 1 64  ? -14.861 -3.340  -14.142 1.00 31.92 ? 755 PHE A CD1   1 
ATOM   495  C  CD2   . PHE A 1 64  ? -17.237 -2.982  -14.135 1.00 34.64 ? 755 PHE A CD2   1 
ATOM   496  C  CE1   . PHE A 1 64  ? -14.912 -3.702  -15.490 1.00 33.56 ? 755 PHE A CE1   1 
ATOM   497  C  CE2   . PHE A 1 64  ? -17.308 -3.340  -15.479 1.00 35.10 ? 755 PHE A CE2   1 
ATOM   498  C  CZ    . PHE A 1 64  ? -16.137 -3.703  -16.161 1.00 34.25 ? 755 PHE A CZ    1 
ATOM   499  N  N     . GLY A 1 65  ? -15.784 -4.065  -8.665  1.00 34.06 ? 756 GLY A N     1 
ATOM   500  C  CA    . GLY A 1 65  ? -15.572 -3.733  -7.260  1.00 33.87 ? 756 GLY A CA    1 
ATOM   501  C  C     . GLY A 1 65  ? -16.551 -2.730  -6.683  1.00 34.68 ? 756 GLY A C     1 
ATOM   502  O  O     . GLY A 1 65  ? -16.516 -2.449  -5.489  1.00 35.22 ? 756 GLY A O     1 
ATOM   503  N  N     . GLY A 1 66  ? -17.432 -2.195  -7.525  1.00 35.19 ? 757 GLY A N     1 
ATOM   504  C  CA    . GLY A 1 66  ? -18.412 -1.193  -7.098  1.00 35.27 ? 757 GLY A CA    1 
ATOM   505  C  C     . GLY A 1 66  ? -19.643 -1.796  -6.449  1.00 35.26 ? 757 GLY A C     1 
ATOM   506  O  O     . GLY A 1 66  ? -20.174 -2.803  -6.925  1.00 35.63 ? 757 GLY A O     1 
ATOM   507  N  N     . ILE A 1 67  ? -20.090 -1.175  -5.359  1.00 34.77 ? 758 ILE A N     1 
ATOM   508  C  CA    . ILE A 1 67  ? -21.270 -1.604  -4.622  1.00 34.32 ? 758 ILE A CA    1 
ATOM   509  C  C     . ILE A 1 67  ? -22.504 -1.743  -5.527  1.00 33.97 ? 758 ILE A C     1 
ATOM   510  O  O     . ILE A 1 67  ? -22.932 -0.765  -6.162  1.00 34.20 ? 758 ILE A O     1 
ATOM   511  C  CB    . ILE A 1 67  ? -21.582 -0.631  -3.475  1.00 34.63 ? 758 ILE A CB    1 
ATOM   512  C  CG1   . ILE A 1 67  ? -20.499 -0.723  -2.393  1.00 34.32 ? 758 ILE A CG1   1 
ATOM   513  C  CG2   . ILE A 1 67  ? -22.956 -0.916  -2.884  1.00 35.06 ? 758 ILE A CG2   1 
ATOM   514  C  CD1   . ILE A 1 67  ? -20.531 0.422   -1.371  1.00 34.06 ? 758 ILE A CD1   1 
ATOM   515  N  N     . ILE A 1 68  ? -23.041 -2.967  -5.594  1.00 33.94 ? 759 ILE A N     1 
ATOM   516  C  CA    . ILE A 1 68  ? -24.300 -3.265  -6.282  1.00 33.22 ? 759 ILE A CA    1 
ATOM   517  C  C     . ILE A 1 68  ? -25.437 -2.756  -5.409  1.00 33.27 ? 759 ILE A C     1 
ATOM   518  O  O     . ILE A 1 68  ? -25.537 -3.127  -4.237  1.00 32.84 ? 759 ILE A O     1 
ATOM   519  C  CB    . ILE A 1 68  ? -24.501 -4.787  -6.504  1.00 33.41 ? 759 ILE A CB    1 
ATOM   520  C  CG1   . ILE A 1 68  ? -23.507 -5.350  -7.517  1.00 33.01 ? 759 ILE A CG1   1 
ATOM   521  C  CG2   . ILE A 1 68  ? -25.914 -5.087  -6.981  1.00 33.93 ? 759 ILE A CG2   1 
ATOM   522  C  CD1   . ILE A 1 68  ? -23.500 -6.873  -7.575  1.00 31.84 ? 759 ILE A CD1   1 
ATOM   523  N  N     . TYR A 1 69  ? -26.278 -1.899  -5.977  1.00 33.69 ? 760 TYR A N     1 
ATOM   524  C  CA    . TYR A 1 69  ? -27.441 -1.377  -5.261  1.00 34.33 ? 760 TYR A CA    1 
ATOM   525  C  C     . TYR A 1 69  ? -28.723 -1.975  -5.842  1.00 33.96 ? 760 TYR A C     1 
ATOM   526  O  O     . TYR A 1 69  ? -28.897 -1.989  -7.059  1.00 33.94 ? 760 TYR A O     1 
ATOM   527  C  CB    . TYR A 1 69  ? -27.503 0.155   -5.367  1.00 34.98 ? 760 TYR A CB    1 
ATOM   528  C  CG    . TYR A 1 69  ? -26.386 0.921   -4.667  1.00 35.80 ? 760 TYR A CG    1 
ATOM   529  C  CD1   . TYR A 1 69  ? -25.178 1.191   -5.324  1.00 37.75 ? 760 TYR A CD1   1 
ATOM   530  C  CD2   . TYR A 1 69  ? -26.549 1.398   -3.366  1.00 37.13 ? 760 TYR A CD2   1 
ATOM   531  C  CE1   . TYR A 1 69  ? -24.148 1.898   -4.696  1.00 35.78 ? 760 TYR A CE1   1 
ATOM   532  C  CE2   . TYR A 1 69  ? -25.525 2.110   -2.727  1.00 37.91 ? 760 TYR A CE2   1 
ATOM   533  C  CZ    . TYR A 1 69  ? -24.327 2.360   -3.403  1.00 36.86 ? 760 TYR A CZ    1 
ATOM   534  O  OH    . TYR A 1 69  ? -23.317 3.062   -2.778  1.00 36.31 ? 760 TYR A OH    1 
ATOM   535  N  N     . GLU A 1 70  ? -29.614 -2.473  -4.986  1.00 33.47 ? 761 GLU A N     1 
ATOM   536  C  CA    . GLU A 1 70  ? -30.937 -2.886  -5.456  1.00 33.22 ? 761 GLU A CA    1 
ATOM   537  C  C     . GLU A 1 70  ? -31.856 -1.661  -5.504  1.00 32.64 ? 761 GLU A C     1 
ATOM   538  O  O     . GLU A 1 70  ? -31.702 -0.732  -4.705  1.00 32.14 ? 761 GLU A O     1 
ATOM   539  C  CB    . GLU A 1 70  ? -31.521 -4.039  -4.616  1.00 33.11 ? 761 GLU A CB    1 
ATOM   540  C  CG    . GLU A 1 70  ? -32.415 -3.646  -3.434  1.00 34.27 ? 761 GLU A CG    1 
ATOM   541  C  CD    . GLU A 1 70  ? -32.850 -4.847  -2.586  1.00 34.59 ? 761 GLU A CD    1 
ATOM   542  O  OE1   . GLU A 1 70  ? -32.503 -4.885  -1.380  1.00 36.78 ? 761 GLU A OE1   1 
ATOM   543  O  OE2   . GLU A 1 70  ? -33.533 -5.755  -3.116  1.00 35.43 ? 761 GLU A OE2   1 
ATOM   544  N  N     . GLU A 1 71  ? -32.779 -1.644  -6.462  1.00 31.88 ? 762 GLU A N     1 
ATOM   545  C  CA    . GLU A 1 71  ? -33.704 -0.527  -6.607  1.00 32.01 ? 762 GLU A CA    1 
ATOM   546  C  C     . GLU A 1 71  ? -35.033 -0.875  -5.968  1.00 31.11 ? 762 GLU A C     1 
ATOM   547  O  O     . GLU A 1 71  ? -35.762 -1.744  -6.448  1.00 31.48 ? 762 GLU A O     1 
ATOM   548  C  CB    . GLU A 1 71  ? -33.898 -0.140  -8.079  1.00 32.21 ? 762 GLU A CB    1 
ATOM   549  C  CG    . GLU A 1 71  ? -34.498 1.259   -8.271  1.00 33.83 ? 762 GLU A CG    1 
ATOM   550  C  CD    . GLU A 1 71  ? -35.092 1.472   -9.655  1.00 34.40 ? 762 GLU A CD    1 
ATOM   551  O  OE1   . GLU A 1 71  ? -34.322 1.515   -10.648 1.00 38.69 ? 762 GLU A OE1   1 
ATOM   552  O  OE2   . GLU A 1 71  ? -36.330 1.611   -9.750  1.00 35.26 ? 762 GLU A OE2   1 
ATOM   553  N  N     . VAL A 1 72  ? -35.345 -0.180  -4.883  1.00 30.64 ? 763 VAL A N     1 
ATOM   554  C  CA    . VAL A 1 72  ? -36.541 -0.471  -4.103  1.00 30.47 ? 763 VAL A CA    1 
ATOM   555  C  C     . VAL A 1 72  ? -37.685 0.485   -4.462  1.00 30.40 ? 763 VAL A C     1 
ATOM   556  O  O     . VAL A 1 72  ? -37.458 1.668   -4.725  1.00 30.34 ? 763 VAL A O     1 
ATOM   557  C  CB    . VAL A 1 72  ? -36.249 -0.433  -2.591  1.00 30.11 ? 763 VAL A CB    1 
ATOM   558  C  CG1   . VAL A 1 72  ? -37.231 -1.317  -1.860  1.00 30.46 ? 763 VAL A CG1   1 
ATOM   559  C  CG2   . VAL A 1 72  ? -34.831 -0.907  -2.309  1.00 29.68 ? 763 VAL A CG2   1 
ATOM   560  N  N     . THR A 1 73  ? -38.907 -0.040  -4.478  1.00 30.21 ? 764 THR A N     1 
ATOM   561  C  CA    . THR A 1 73  ? -40.075 0.724   -4.903  1.00 30.80 ? 764 THR A CA    1 
ATOM   562  C  C     . THR A 1 73  ? -41.126 0.730   -3.792  1.00 31.27 ? 764 THR A C     1 
ATOM   563  O  O     . THR A 1 73  ? -41.209 -0.215  -3.015  1.00 31.21 ? 764 THR A O     1 
ATOM   564  C  CB    . THR A 1 73  ? -40.623 0.179   -6.242  1.00 30.86 ? 764 THR A CB    1 
ATOM   565  O  OG1   . THR A 1 73  ? -39.598 0.288   -7.237  1.00 30.32 ? 764 THR A OG1   1 
ATOM   566  C  CG2   . THR A 1 73  ? -41.856 0.957   -6.715  1.00 30.76 ? 764 THR A CG2   1 
ATOM   567  N  N     . THR A 1 74  ? -41.922 1.796   -3.715  1.00 32.14 ? 765 THR A N     1 
ATOM   568  C  CA    . THR A 1 74  ? -42.684 2.062   -2.500  1.00 33.22 ? 765 THR A CA    1 
ATOM   569  C  C     . THR A 1 74  ? -44.143 2.519   -2.707  1.00 34.16 ? 765 THR A C     1 
ATOM   570  O  O     . THR A 1 74  ? -44.950 1.769   -3.255  1.00 34.28 ? 765 THR A O     1 
ATOM   571  C  CB    . THR A 1 74  ? -41.861 2.988   -1.545  1.00 32.85 ? 765 THR A CB    1 
ATOM   572  O  OG1   . THR A 1 74  ? -40.707 2.282   -1.071  1.00 32.90 ? 765 THR A OG1   1 
ATOM   573  C  CG2   . THR A 1 74  ? -42.661 3.442   -0.363  1.00 33.97 ? 765 THR A CG2   1 
ATOM   574  N  N     . GLU A 1 75  ? -44.463 3.732   -2.235  1.00 35.59 ? 766 GLU A N     1 
ATOM   575  C  CA    . GLU A 1 75  ? -45.807 4.321   -2.283  1.00 36.40 ? 766 GLU A CA    1 
ATOM   576  C  C     . GLU A 1 75  ? -46.050 4.856   -3.681  1.00 37.15 ? 766 GLU A C     1 
ATOM   577  O  O     . GLU A 1 75  ? -45.656 5.982   -3.990  1.00 37.28 ? 766 GLU A O     1 
ATOM   578  C  CB    . GLU A 1 75  ? -45.909 5.481   -1.285  1.00 36.32 ? 766 GLU A CB    1 
ATOM   579  C  CG    . GLU A 1 75  ? -45.377 5.169   0.111   1.00 36.48 ? 766 GLU A CG    1 
ATOM   580  C  CD    . GLU A 1 75  ? -44.628 6.344   0.734   1.00 36.55 ? 766 GLU A CD    1 
ATOM   581  O  OE1   . GLU A 1 75  ? -45.151 6.918   1.716   1.00 35.06 ? 766 GLU A OE1   1 
ATOM   582  O  OE2   . GLU A 1 75  ? -43.522 6.690   0.245   1.00 35.18 ? 766 GLU A OE2   1 
ATOM   583  N  N     . ASP A 1 76  ? -46.696 4.047   -4.520  1.00 38.18 ? 767 ASP A N     1 
ATOM   584  C  CA    . ASP A 1 76  ? -46.812 4.317   -5.968  1.00 39.19 ? 767 ASP A CA    1 
ATOM   585  C  C     . ASP A 1 76  ? -45.447 4.646   -6.594  1.00 39.21 ? 767 ASP A C     1 
ATOM   586  O  O     . ASP A 1 76  ? -45.365 5.148   -7.718  1.00 39.64 ? 767 ASP A O     1 
ATOM   587  C  CB    . ASP A 1 76  ? -47.865 5.406   -6.279  1.00 39.44 ? 767 ASP A CB    1 
ATOM   588  C  CG    . ASP A 1 76  ? -48.559 5.193   -7.631  1.00 40.85 ? 767 ASP A CG    1 
ATOM   589  O  OD1   . ASP A 1 76  ? -48.842 6.198   -8.329  1.00 41.97 ? 767 ASP A OD1   1 
ATOM   590  O  OD2   . ASP A 1 76  ? -48.828 4.023   -7.992  1.00 42.27 ? 767 ASP A OD2   1 
ATOM   591  N  N     . GLY A 1 77  ? -44.385 4.370   -5.842  1.00 39.04 ? 768 GLY A N     1 
ATOM   592  C  CA    . GLY A 1 77  ? -43.039 4.393   -6.376  1.00 38.91 ? 768 GLY A CA    1 
ATOM   593  C  C     . GLY A 1 77  ? -42.161 5.582   -6.060  1.00 38.88 ? 768 GLY A C     1 
ATOM   594  O  O     . GLY A 1 77  ? -41.815 6.349   -6.961  1.00 38.66 ? 768 GLY A O     1 
ATOM   595  N  N     . VAL A 1 78  ? -41.796 5.750   -4.791  1.00 39.09 ? 769 VAL A N     1 
ATOM   596  C  CA    . VAL A 1 78  ? -40.552 6.462   -4.496  1.00 39.49 ? 769 VAL A CA    1 
ATOM   597  C  C     . VAL A 1 78  ? -39.474 5.399   -4.595  1.00 39.64 ? 769 VAL A C     1 
ATOM   598  O  O     . VAL A 1 78  ? -39.614 4.310   -4.033  1.00 39.50 ? 769 VAL A O     1 
ATOM   599  C  CB    . VAL A 1 78  ? -40.515 7.209   -3.132  1.00 39.64 ? 769 VAL A CB    1 
ATOM   600  C  CG1   . VAL A 1 78  ? -41.426 8.426   -3.160  1.00 39.93 ? 769 VAL A CG1   1 
ATOM   601  C  CG2   . VAL A 1 78  ? -40.858 6.292   -1.964  1.00 40.09 ? 769 VAL A CG2   1 
ATOM   602  N  N     . LYS A 1 79  ? -38.432 5.694   -5.364  1.00 40.02 ? 770 LYS A N     1 
ATOM   603  C  CA    . LYS A 1 79  ? -37.361 4.737   -5.593  1.00 40.07 ? 770 LYS A CA    1 
ATOM   604  C  C     . LYS A 1 79  ? -36.077 5.225   -4.953  1.00 40.35 ? 770 LYS A C     1 
ATOM   605  O  O     . LYS A 1 79  ? -35.721 6.402   -5.048  1.00 40.19 ? 770 LYS A O     1 
ATOM   606  C  CB    . LYS A 1 79  ? -37.150 4.488   -7.085  1.00 40.06 ? 770 LYS A CB    1 
ATOM   607  C  CG    . LYS A 1 79  ? -38.292 3.747   -7.757  1.00 40.29 ? 770 LYS A CG    1 
ATOM   608  C  CD    . LYS A 1 79  ? -38.308 4.003   -9.253  1.00 42.91 ? 770 LYS A CD    1 
ATOM   609  C  CE    . LYS A 1 79  ? -38.683 5.453   -9.583  1.00 45.32 ? 770 LYS A CE    1 
ATOM   610  N  NZ    . LYS A 1 79  ? -38.767 5.707   -11.056 1.00 46.36 ? 770 LYS A NZ    1 
ATOM   611  N  N     . PHE A 1 80  ? -35.399 4.301   -4.289  1.00 40.76 ? 771 PHE A N     1 
ATOM   612  C  CA    . PHE A 1 80  ? -34.106 4.562   -3.705  1.00 41.39 ? 771 PHE A CA    1 
ATOM   613  C  C     . PHE A 1 80  ? -33.257 3.314   -3.844  1.00 42.30 ? 771 PHE A C     1 
ATOM   614  O  O     . PHE A 1 80  ? -33.779 2.212   -4.026  1.00 42.30 ? 771 PHE A O     1 
ATOM   615  C  CB    . PHE A 1 80  ? -34.245 4.949   -2.233  1.00 41.16 ? 771 PHE A CB    1 
ATOM   616  C  CG    . PHE A 1 80  ? -34.906 3.898   -1.384  1.00 40.41 ? 771 PHE A CG    1 
ATOM   617  C  CD1   . PHE A 1 80  ? -34.166 2.838   -0.860  1.00 39.99 ? 771 PHE A CD1   1 
ATOM   618  C  CD2   . PHE A 1 80  ? -36.264 3.975   -1.097  1.00 39.24 ? 771 PHE A CD2   1 
ATOM   619  C  CE1   . PHE A 1 80  ? -34.772 1.864   -0.072  1.00 39.98 ? 771 PHE A CE1   1 
ATOM   620  C  CE2   . PHE A 1 80  ? -36.879 3.010   -0.310  1.00 38.64 ? 771 PHE A CE2   1 
ATOM   621  C  CZ    . PHE A 1 80  ? -36.131 1.951   0.204   1.00 39.74 ? 771 PHE A CZ    1 
ATOM   622  N  N     . LYS A 1 81  ? -31.948 3.496   -3.750  1.00 43.47 ? 772 LYS A N     1 
ATOM   623  C  CA    . LYS A 1 81  ? -31.012 2.395   -3.854  1.00 44.92 ? 772 LYS A CA    1 
ATOM   624  C  C     . LYS A 1 81  ? -30.451 2.023   -2.484  1.00 44.57 ? 772 LYS A C     1 
ATOM   625  O  O     . LYS A 1 81  ? -30.038 2.891   -1.719  1.00 44.67 ? 772 LYS A O     1 
ATOM   626  C  CB    . LYS A 1 81  ? -29.892 2.732   -4.851  1.00 45.22 ? 772 LYS A CB    1 
ATOM   627  C  CG    . LYS A 1 81  ? -29.165 4.070   -4.617  1.00 46.26 ? 772 LYS A CG    1 
ATOM   628  C  CD    . LYS A 1 81  ? -28.008 4.264   -5.607  1.00 46.85 ? 772 LYS A CD    1 
ATOM   629  C  CE    . LYS A 1 81  ? -27.146 5.475   -5.253  1.00 47.50 ? 772 LYS A CE    1 
ATOM   630  N  NZ    . LYS A 1 81  ? -25.946 5.550   -6.128  1.00 46.67 ? 772 LYS A NZ    1 
ATOM   631  N  N     . ARG A 1 82  ? -30.463 0.732   -2.172  1.00 44.92 ? 773 ARG A N     1 
ATOM   632  C  CA    . ARG A 1 82  ? -29.862 0.235   -0.937  1.00 45.77 ? 773 ARG A CA    1 
ATOM   633  C  C     . ARG A 1 82  ? -28.914 -0.940  -1.224  1.00 46.25 ? 773 ARG A C     1 
ATOM   634  O  O     . ARG A 1 82  ? -29.201 -1.763  -2.096  1.00 46.16 ? 773 ARG A O     1 
ATOM   635  C  CB    . ARG A 1 82  ? -30.933 -0.137  0.105   1.00 45.67 ? 773 ARG A CB    1 
ATOM   636  C  CG    . ARG A 1 82  ? -31.720 -1.412  -0.187  1.00 45.44 ? 773 ARG A CG    1 
ATOM   637  C  CD    . ARG A 1 82  ? -32.264 -2.039  1.089   1.00 45.24 ? 773 ARG A CD    1 
ATOM   638  N  NE    . ARG A 1 82  ? -33.017 -3.263  0.809   1.00 45.74 ? 773 ARG A NE    1 
ATOM   639  C  CZ    . ARG A 1 82  ? -34.345 -3.339  0.751   1.00 46.01 ? 773 ARG A CZ    1 
ATOM   640  N  NH1   . ARG A 1 82  ? -35.093 -2.260  0.962   1.00 46.56 ? 773 ARG A NH1   1 
ATOM   641  N  NH2   . ARG A 1 82  ? -34.930 -4.503  0.481   1.00 45.84 ? 773 ARG A NH2   1 
ATOM   642  N  N     . PRO A 1 83  ? -27.781 -1.011  -0.497  1.00 47.09 ? 774 PRO A N     1 
ATOM   643  C  CA    . PRO A 1 83  ? -26.749 -2.025  -0.727  1.00 47.62 ? 774 PRO A CA    1 
ATOM   644  C  C     . PRO A 1 83  ? -27.277 -3.450  -0.637  1.00 48.33 ? 774 PRO A C     1 
ATOM   645  O  O     . PRO A 1 83  ? -28.301 -3.691  -0.002  1.00 48.50 ? 774 PRO A O     1 
ATOM   646  C  CB    . PRO A 1 83  ? -25.732 -1.758  0.391   1.00 47.39 ? 774 PRO A CB    1 
ATOM   647  C  CG    . PRO A 1 83  ? -26.442 -0.919  1.387   1.00 47.72 ? 774 PRO A CG    1 
ATOM   648  C  CD    . PRO A 1 83  ? -27.405 -0.102  0.599   1.00 47.44 ? 774 PRO A CD    1 
ATOM   649  N  N     . LEU A 1 84  ? -26.568 -4.379  -1.267  1.00 49.35 ? 775 LEU A N     1 
ATOM   650  C  CA    . LEU A 1 84  ? -27.057 -5.743  -1.446  1.00 50.30 ? 775 LEU A CA    1 
ATOM   651  C  C     . LEU A 1 84  ? -26.171 -6.741  -0.709  1.00 51.19 ? 775 LEU A C     1 
ATOM   652  O  O     . LEU A 1 84  ? -25.172 -7.210  -1.256  1.00 51.52 ? 775 LEU A O     1 
ATOM   653  C  CB    . LEU A 1 84  ? -27.129 -6.075  -2.942  1.00 50.37 ? 775 LEU A CB    1 
ATOM   654  C  CG    . LEU A 1 84  ? -28.183 -7.064  -3.440  1.00 50.39 ? 775 LEU A CG    1 
ATOM   655  C  CD1   . LEU A 1 84  ? -29.590 -6.695  -2.959  1.00 50.66 ? 775 LEU A CD1   1 
ATOM   656  C  CD2   . LEU A 1 84  ? -28.135 -7.112  -4.955  1.00 50.07 ? 775 LEU A CD2   1 
ATOM   657  N  N     . PRO A 1 85  ? -26.550 -7.077  0.538   1.00 51.97 ? 776 PRO A N     1 
ATOM   658  C  CA    . PRO A 1 85  ? -25.710 -7.839  1.473   1.00 52.40 ? 776 PRO A CA    1 
ATOM   659  C  C     . PRO A 1 85  ? -25.311 -9.213  0.946   1.00 52.94 ? 776 PRO A C     1 
ATOM   660  O  O     . PRO A 1 85  ? -26.073 -9.845  0.216   1.00 52.85 ? 776 PRO A O     1 
ATOM   661  C  CB    . PRO A 1 85  ? -26.599 -7.979  2.708   1.00 52.47 ? 776 PRO A CB    1 
ATOM   662  C  CG    . PRO A 1 85  ? -27.587 -6.852  2.594   1.00 52.35 ? 776 PRO A CG    1 
ATOM   663  C  CD    . PRO A 1 85  ? -27.853 -6.734  1.137   1.00 51.96 ? 776 PRO A CD    1 
ATOM   664  N  N     . ASN A 1 86  ? -24.113 -9.655  1.322   1.00 53.85 ? 777 ASN A N     1 
ATOM   665  C  CA    . ASN A 1 86  ? -23.540 -10.906 0.824   1.00 54.62 ? 777 ASN A CA    1 
ATOM   666  C  C     . ASN A 1 86  ? -24.261 -12.127 1.409   1.00 54.43 ? 777 ASN A C     1 
ATOM   667  O  O     . ASN A 1 86  ? -24.704 -12.077 2.563   1.00 54.55 ? 777 ASN A O     1 
ATOM   668  C  CB    . ASN A 1 86  ? -22.044 -10.974 1.132   1.00 55.01 ? 777 ASN A CB    1 
ATOM   669  C  CG    . ASN A 1 86  ? -21.347 -12.100 0.392   1.00 57.25 ? 777 ASN A CG    1 
ATOM   670  O  OD1   . ASN A 1 86  ? -21.743 -12.470 -0.714  1.00 60.03 ? 777 ASN A OD1   1 
ATOM   671  N  ND2   . ASN A 1 86  ? -20.304 -12.651 1.000   1.00 59.67 ? 777 ASN A ND2   1 
ATOM   672  N  N     . PRO A 1 87  ? -24.394 -13.217 0.612   1.00 54.37 ? 778 PRO A N     1 
ATOM   673  C  CA    . PRO A 1 87  ? -24.891 -14.495 1.155   1.00 54.03 ? 778 PRO A CA    1 
ATOM   674  C  C     . PRO A 1 87  ? -23.922 -15.091 2.181   1.00 53.47 ? 778 PRO A C     1 
ATOM   675  O  O     . PRO A 1 87  ? -24.357 -15.701 3.161   1.00 53.57 ? 778 PRO A O     1 
ATOM   676  C  CB    . PRO A 1 87  ? -24.975 -15.409 -0.083  1.00 54.02 ? 778 PRO A CB    1 
ATOM   677  C  CG    . PRO A 1 87  ? -24.937 -14.493 -1.264  1.00 54.57 ? 778 PRO A CG    1 
ATOM   678  C  CD    . PRO A 1 87  ? -24.114 -13.311 -0.833  1.00 54.42 ? 778 PRO A CD    1 
ATOM   679  N  N     . ASP A 1 88  ? -22.625 -14.893 1.955   1.00 52.96 ? 779 ASP A N     1 
ATOM   680  C  CA    . ASP A 1 88  ? -21.582 -15.429 2.821   1.00 52.35 ? 779 ASP A CA    1 
ATOM   681  C  C     . ASP A 1 88  ? -21.362 -14.628 4.104   1.00 51.56 ? 779 ASP A C     1 
ATOM   682  O  O     . ASP A 1 88  ? -20.552 -15.027 4.943   1.00 51.58 ? 779 ASP A O     1 
ATOM   683  C  CB    . ASP A 1 88  ? -20.258 -15.520 2.058   1.00 52.84 ? 779 ASP A CB    1 
ATOM   684  C  CG    . ASP A 1 88  ? -20.276 -16.573 0.966   1.00 53.74 ? 779 ASP A CG    1 
ATOM   685  O  OD1   . ASP A 1 88  ? -21.333 -16.743 0.312   1.00 53.79 ? 779 ASP A OD1   1 
ATOM   686  O  OD2   . ASP A 1 88  ? -19.218 -17.221 0.759   1.00 54.26 ? 779 ASP A OD2   1 
ATOM   687  N  N     . PHE A 1 89  ? -22.059 -13.505 4.271   1.00 50.61 ? 780 PHE A N     1 
ATOM   688  C  CA    . PHE A 1 89  ? -21.825 -12.640 5.430   1.00 49.98 ? 780 PHE A CA    1 
ATOM   689  C  C     . PHE A 1 89  ? -22.234 -13.291 6.739   1.00 49.26 ? 780 PHE A C     1 
ATOM   690  O  O     . PHE A 1 89  ? -23.279 -13.938 6.811   1.00 49.49 ? 780 PHE A O     1 
ATOM   691  C  CB    . PHE A 1 89  ? -22.524 -11.286 5.300   1.00 50.27 ? 780 PHE A CB    1 
ATOM   692  C  CG    . PHE A 1 89  ? -22.358 -10.413 6.516   1.00 50.89 ? 780 PHE A CG    1 
ATOM   693  C  CD1   . PHE A 1 89  ? -23.386 -10.294 7.451   1.00 51.68 ? 780 PHE A CD1   1 
ATOM   694  C  CD2   . PHE A 1 89  ? -21.156 -9.743  6.750   1.00 50.52 ? 780 PHE A CD2   1 
ATOM   695  C  CE1   . PHE A 1 89  ? -23.231 -9.499  8.587   1.00 51.63 ? 780 PHE A CE1   1 
ATOM   696  C  CE2   . PHE A 1 89  ? -20.988 -8.947  7.884   1.00 50.18 ? 780 PHE A CE2   1 
ATOM   697  C  CZ    . PHE A 1 89  ? -22.031 -8.824  8.804   1.00 50.94 ? 780 PHE A CZ    1 
ATOM   698  N  N     . ASP A 1 90  ? -21.418 -13.088 7.773   1.00 48.39 ? 781 ASP A N     1 
ATOM   699  C  CA    . ASP A 1 90  ? -21.676 -13.656 9.094   1.00 47.64 ? 781 ASP A CA    1 
ATOM   700  C  C     . ASP A 1 90  ? -21.572 -12.615 10.218  1.00 47.29 ? 781 ASP A C     1 
ATOM   701  O  O     . ASP A 1 90  ? -20.464 -12.201 10.580  1.00 47.26 ? 781 ASP A O     1 
ATOM   702  C  CB    . ASP A 1 90  ? -20.719 -14.827 9.362   1.00 47.53 ? 781 ASP A CB    1 
ATOM   703  C  CG    . ASP A 1 90  ? -21.312 -15.871 10.300  1.00 46.47 ? 781 ASP A CG    1 
ATOM   704  O  OD1   . ASP A 1 90  ? -20.819 -17.021 10.300  1.00 45.58 ? 781 ASP A OD1   1 
ATOM   705  O  OD2   . ASP A 1 90  ? -22.276 -15.548 11.025  1.00 45.94 ? 781 ASP A OD2   1 
ATOM   706  N  N     . PRO A 1 91  ? -22.728 -12.193 10.780  1.00 46.89 ? 782 PRO A N     1 
ATOM   707  C  CA    . PRO A 1 91  ? -22.689 -11.350 11.985  1.00 46.22 ? 782 PRO A CA    1 
ATOM   708  C  C     . PRO A 1 91  ? -22.309 -12.159 13.244  1.00 45.46 ? 782 PRO A C     1 
ATOM   709  O  O     . PRO A 1 91  ? -22.192 -11.588 14.336  1.00 45.30 ? 782 PRO A O     1 
ATOM   710  C  CB    . PRO A 1 91  ? -24.120 -10.798 12.083  1.00 46.43 ? 782 PRO A CB    1 
ATOM   711  C  CG    . PRO A 1 91  ? -24.977 -11.802 11.374  1.00 46.64 ? 782 PRO A CG    1 
ATOM   712  C  CD    . PRO A 1 91  ? -24.110 -12.477 10.336  1.00 47.01 ? 782 PRO A CD    1 
ATOM   713  N  N     . ASN A 1 92  ? -22.129 -13.474 13.076  1.00 44.53 ? 783 ASN A N     1 
ATOM   714  C  CA    . ASN A 1 92  ? -21.583 -14.354 14.117  1.00 43.62 ? 783 ASN A CA    1 
ATOM   715  C  C     . ASN A 1 92  ? -20.054 -14.273 14.155  1.00 43.03 ? 783 ASN A C     1 
ATOM   716  O  O     . ASN A 1 92  ? -19.441 -14.474 15.207  1.00 43.15 ? 783 ASN A O     1 
ATOM   717  C  CB    . ASN A 1 92  ? -22.019 -15.812 13.905  1.00 43.52 ? 783 ASN A CB    1 
ATOM   718  C  CG    . ASN A 1 92  ? -23.513 -16.036 14.154  1.00 42.92 ? 783 ASN A CG    1 
ATOM   719  O  OD1   . ASN A 1 92  ? -24.374 -15.463 13.473  1.00 41.98 ? 783 ASN A OD1   1 
ATOM   720  N  ND2   . ASN A 1 92  ? -23.822 -16.897 15.118  1.00 42.21 ? 783 ASN A ND2   1 
ATOM   721  N  N     . LYS A 1 93  ? -19.452 -13.994 12.995  1.00 42.17 ? 784 LYS A N     1 
ATOM   722  C  CA    . LYS A 1 93  ? -18.020 -13.682 12.894  1.00 41.30 ? 784 LYS A CA    1 
ATOM   723  C  C     . LYS A 1 93  ? -17.720 -12.304 13.480  1.00 40.75 ? 784 LYS A C     1 
ATOM   724  O  O     . LYS A 1 93  ? -18.548 -11.390 13.399  1.00 40.62 ? 784 LYS A O     1 
ATOM   725  C  CB    . LYS A 1 93  ? -17.544 -13.745 11.433  1.00 41.01 ? 784 LYS A CB    1 
ATOM   726  C  CG    . LYS A 1 93  ? -16.667 -14.952 11.084  1.00 40.49 ? 784 LYS A CG    1 
ATOM   727  C  CD    . LYS A 1 93  ? -15.286 -14.834 11.730  1.00 40.22 ? 784 LYS A CD    1 
ATOM   728  C  CE    . LYS A 1 93  ? -14.304 -15.866 11.195  1.00 39.68 ? 784 LYS A CE    1 
ATOM   729  N  NZ    . LYS A 1 93  ? -13.749 -15.491 9.860   1.00 39.50 ? 784 LYS A NZ    1 
ATOM   730  N  N     . ASN A 1 94  ? -16.543 -12.164 14.083  1.00 40.16 ? 785 ASN A N     1 
ATOM   731  C  CA    . ASN A 1 94  ? -16.107 -10.870 14.610  1.00 39.51 ? 785 ASN A CA    1 
ATOM   732  C  C     . ASN A 1 94  ? -14.951 -10.271 13.806  1.00 38.48 ? 785 ASN A C     1 
ATOM   733  O  O     . ASN A 1 94  ? -13.926 -10.924 13.578  1.00 38.51 ? 785 ASN A O     1 
ATOM   734  C  CB    . ASN A 1 94  ? -15.745 -10.961 16.094  1.00 39.74 ? 785 ASN A CB    1 
ATOM   735  C  CG    . ASN A 1 94  ? -15.733 -9.602  16.771  1.00 40.23 ? 785 ASN A CG    1 
ATOM   736  O  OD1   . ASN A 1 94  ? -16.688 -8.837  16.670  1.00 42.14 ? 785 ASN A OD1   1 
ATOM   737  N  ND2   . ASN A 1 94  ? -14.646 -9.297  17.466  1.00 39.52 ? 785 ASN A ND2   1 
ATOM   738  N  N     . TYR A 1 95  ? -15.124 -9.019  13.390  1.00 37.14 ? 786 TYR A N     1 
ATOM   739  C  CA    . TYR A 1 95  ? -14.248 -8.401  12.394  1.00 35.95 ? 786 TYR A CA    1 
ATOM   740  C  C     . TYR A 1 95  ? -13.000 -7.674  12.922  1.00 35.34 ? 786 TYR A C     1 
ATOM   741  O  O     . TYR A 1 95  ? -13.089 -6.783  13.771  1.00 34.87 ? 786 TYR A O     1 
ATOM   742  C  CB    . TYR A 1 95  ? -15.065 -7.480  11.479  1.00 35.54 ? 786 TYR A CB    1 
ATOM   743  C  CG    . TYR A 1 95  ? -14.243 -6.825  10.400  1.00 35.08 ? 786 TYR A CG    1 
ATOM   744  C  CD1   . TYR A 1 95  ? -14.082 -5.438  10.363  1.00 34.84 ? 786 TYR A CD1   1 
ATOM   745  C  CD2   . TYR A 1 95  ? -13.603 -7.594  9.430   1.00 34.70 ? 786 TYR A CD2   1 
ATOM   746  C  CE1   . TYR A 1 95  ? -13.317 -4.833  9.376   1.00 33.92 ? 786 TYR A CE1   1 
ATOM   747  C  CE2   . TYR A 1 95  ? -12.835 -7.004  8.442   1.00 35.42 ? 786 TYR A CE2   1 
ATOM   748  C  CZ    . TYR A 1 95  ? -12.702 -5.625  8.419   1.00 34.23 ? 786 TYR A CZ    1 
ATOM   749  O  OH    . TYR A 1 95  ? -11.944 -5.051  7.436   1.00 34.41 ? 786 TYR A OH    1 
ATOM   750  N  N     . ILE A 1 96  ? -11.844 -8.060  12.387  1.00 35.00 ? 787 ILE A N     1 
ATOM   751  C  CA    . ILE A 1 96  ? -10.578 -7.369  12.656  1.00 35.23 ? 787 ILE A CA    1 
ATOM   752  C  C     . ILE A 1 96  ? -10.152 -6.485  11.456  1.00 35.37 ? 787 ILE A C     1 
ATOM   753  O  O     . ILE A 1 96  ? -9.953  -6.994  10.340  1.00 34.88 ? 787 ILE A O     1 
ATOM   754  C  CB    . ILE A 1 96  ? -9.446  -8.358  13.039  1.00 34.98 ? 787 ILE A CB    1 
ATOM   755  C  CG1   . ILE A 1 96  ? -9.836  -9.184  14.270  1.00 36.03 ? 787 ILE A CG1   1 
ATOM   756  C  CG2   . ILE A 1 96  ? -8.145  -7.609  13.338  1.00 34.87 ? 787 ILE A CG2   1 
ATOM   757  C  CD1   . ILE A 1 96  ? -10.497 -10.518 13.964  1.00 36.79 ? 787 ILE A CD1   1 
ATOM   758  N  N     . PRO A 1 97  ? -10.006 -5.158  11.690  1.00 35.68 ? 788 PRO A N     1 
ATOM   759  C  CA    . PRO A 1 97  ? -9.598  -4.185  10.658  1.00 35.90 ? 788 PRO A CA    1 
ATOM   760  C  C     . PRO A 1 97  ? -8.295  -4.579  9.946   1.00 36.50 ? 788 PRO A C     1 
ATOM   761  O  O     . PRO A 1 97  ? -7.562  -5.443  10.433  1.00 36.51 ? 788 PRO A O     1 
ATOM   762  C  CB    . PRO A 1 97  ? -9.390  -2.897  11.460  1.00 35.76 ? 788 PRO A CB    1 
ATOM   763  C  CG    . PRO A 1 97  ? -10.253 -3.049  12.653  1.00 35.89 ? 788 PRO A CG    1 
ATOM   764  C  CD    . PRO A 1 97  ? -10.224 -4.507  12.995  1.00 35.58 ? 788 PRO A CD    1 
ATOM   765  N  N     . ARG A 1 98  ? -8.015  -3.956  8.802   1.00 37.53 ? 789 ARG A N     1 
ATOM   766  C  CA    . ARG A 1 98  ? -6.802  -4.264  8.030   1.00 38.28 ? 789 ARG A CA    1 
ATOM   767  C  C     . ARG A 1 98  ? -5.523  -3.704  8.664   1.00 38.55 ? 789 ARG A C     1 
ATOM   768  O  O     . ARG A 1 98  ? -4.436  -4.256  8.490   1.00 37.39 ? 789 ARG A O     1 
ATOM   769  C  CB    . ARG A 1 98  ? -6.944  -3.774  6.590   1.00 38.14 ? 789 ARG A CB    1 
ATOM   770  C  CG    . ARG A 1 98  ? -7.797  -4.681  5.715   1.00 38.62 ? 789 ARG A CG    1 
ATOM   771  C  CD    . ARG A 1 98  ? -7.673  -4.318  4.258   1.00 36.95 ? 789 ARG A CD    1 
ATOM   772  N  NE    . ARG A 1 98  ? -8.637  -5.037  3.435   1.00 33.49 ? 789 ARG A NE    1 
ATOM   773  C  CZ    . ARG A 1 98  ? -8.834  -4.826  2.135   1.00 32.75 ? 789 ARG A CZ    1 
ATOM   774  N  NH1   . ARG A 1 98  ? -8.132  -3.906  1.481   1.00 26.73 ? 789 ARG A NH1   1 
ATOM   775  N  NH2   . ARG A 1 98  ? -9.738  -5.544  1.478   1.00 31.19 ? 789 ARG A NH2   1 
ATOM   776  N  N     . SER A 1 99  ? -5.681  -2.613  9.408   1.00 40.18 ? 790 SER A N     1 
ATOM   777  C  CA    . SER A 1 99  ? -4.590  -1.955  10.120  1.00 42.03 ? 790 SER A CA    1 
ATOM   778  C  C     . SER A 1 99  ? -4.175  -2.714  11.380  1.00 43.35 ? 790 SER A C     1 
ATOM   779  O  O     . SER A 1 99  ? -3.465  -2.163  12.234  1.00 44.20 ? 790 SER A O     1 
ATOM   780  C  CB    . SER A 1 99  ? -5.018  -0.540  10.514  1.00 42.39 ? 790 SER A CB    1 
ATOM   781  O  OG    . SER A 1 99  ? -6.145  -0.584  11.375  1.00 41.09 ? 790 SER A OG    1 
ATOM   782  N  N     . GLN A 1 100 ? -4.640  -3.960  11.509  1.00 44.07 ? 791 GLN A N     1 
ATOM   783  C  CA    . GLN A 1 100 ? -4.273  -4.826  12.636  1.00 44.42 ? 791 GLN A CA    1 
ATOM   784  C  C     . GLN A 1 100 ? -3.834  -6.216  12.186  1.00 44.73 ? 791 GLN A C     1 
ATOM   785  O  O     . GLN A 1 100 ? -3.114  -6.898  12.915  1.00 45.33 ? 791 GLN A O     1 
ATOM   786  C  CB    . GLN A 1 100 ? -5.398  -4.900  13.673  1.00 45.02 ? 791 GLN A CB    1 
ATOM   787  C  CG    . GLN A 1 100 ? -5.461  -3.673  14.585  1.00 45.29 ? 791 GLN A CG    1 
ATOM   788  C  CD    . GLN A 1 100 ? -6.764  -3.568  15.355  1.00 44.16 ? 791 GLN A CD    1 
ATOM   789  O  OE1   . GLN A 1 100 ? -7.454  -2.548  15.293  1.00 44.27 ? 791 GLN A OE1   1 
ATOM   790  N  NE2   . GLN A 1 100 ? -7.112  -4.623  16.083  1.00 44.88 ? 791 GLN A NE2   1 
ATOM   791  N  N     . ARG A 1 101 ? -4.254  -6.635  10.992  1.00 44.39 ? 792 ARG A N     1 
ATOM   792  C  CA    . ARG A 1 101 ? -3.706  -7.846  10.367  1.00 43.72 ? 792 ARG A CA    1 
ATOM   793  C  C     . ARG A 1 101 ? -2.294  -7.556  9.856   1.00 42.79 ? 792 ARG A C     1 
ATOM   794  O  O     . ARG A 1 101 ? -1.976  -6.411  9.536   1.00 41.36 ? 792 ARG A O     1 
ATOM   795  C  CB    . ARG A 1 101 ? -4.591  -8.327  9.210   1.00 43.89 ? 792 ARG A CB    1 
ATOM   796  C  CG    . ARG A 1 101 ? -5.633  -9.378  9.569   1.00 44.80 ? 792 ARG A CG    1 
ATOM   797  C  CD    . ARG A 1 101 ? -6.928  -8.757  10.088  1.00 46.77 ? 792 ARG A CD    1 
ATOM   798  N  NE    . ARG A 1 101 ? -7.844  -8.198  9.075   1.00 45.92 ? 792 ARG A NE    1 
ATOM   799  C  CZ    . ARG A 1 101 ? -7.862  -8.480  7.771   1.00 45.15 ? 792 ARG A CZ    1 
ATOM   800  N  NH1   . ARG A 1 101 ? -7.005  -9.337  7.224   1.00 46.72 ? 792 ARG A NH1   1 
ATOM   801  N  NH2   . ARG A 1 101 ? -8.764  -7.889  6.996   1.00 44.05 ? 792 ARG A NH2   1 
ATOM   802  N  N     . ARG A 1 102 ? -1.469  -8.593  9.760   1.00 41.79 ? 793 ARG A N     1 
ATOM   803  C  CA    . ARG A 1 102 ? -0.039  -8.438  9.479   1.00 41.77 ? 793 ARG A CA    1 
ATOM   804  C  C     . ARG A 1 102 ? 0.321   -8.558  8.001   1.00 41.23 ? 793 ARG A C     1 
ATOM   805  O  O     . ARG A 1 102 ? 1.374   -8.070  7.573   1.00 41.23 ? 793 ARG A O     1 
ATOM   806  C  CB    . ARG A 1 102 ? 0.770   -9.476  10.268  1.00 42.20 ? 793 ARG A CB    1 
ATOM   807  C  CG    . ARG A 1 102 ? 0.855   -9.245  11.779  1.00 43.22 ? 793 ARG A CG    1 
ATOM   808  C  CD    . ARG A 1 102 ? 1.641   -10.371 12.477  1.00 42.62 ? 793 ARG A CD    1 
ATOM   809  N  NE    . ARG A 1 102 ? 1.176   -11.701 12.061  1.00 44.04 ? 793 ARG A NE    1 
ATOM   810  C  CZ    . ARG A 1 102 ? 1.609   -12.857 12.566  1.00 43.08 ? 793 ARG A CZ    1 
ATOM   811  N  NH1   . ARG A 1 102 ? 1.120   -14.002 12.109  1.00 44.32 ? 793 ARG A NH1   1 
ATOM   812  N  NH2   . ARG A 1 102 ? 2.519   -12.870 13.531  1.00 44.33 ? 793 ARG A NH2   1 
ATOM   813  N  N     . GLU A 1 103 ? -0.526  -9.237  7.230   1.00 40.46 ? 794 GLU A N     1 
ATOM   814  C  CA    . GLU A 1 103 ? -0.322  -9.353  5.785   1.00 40.19 ? 794 GLU A CA    1 
ATOM   815  C  C     . GLU A 1 103 ? -0.580  -8.032  5.033   1.00 39.74 ? 794 GLU A C     1 
ATOM   816  O  O     . GLU A 1 103 ? -0.139  -7.869  3.886   1.00 39.27 ? 794 GLU A O     1 
ATOM   817  C  CB    . GLU A 1 103 ? -1.155  -10.518 5.201   1.00 40.82 ? 794 GLU A CB    1 
ATOM   818  C  CG    . GLU A 1 103 ? -2.684  -10.313 5.089   1.00 42.72 ? 794 GLU A CG    1 
ATOM   819  C  CD    . GLU A 1 103 ? -3.441  -10.469 6.417   1.00 43.83 ? 794 GLU A CD    1 
ATOM   820  O  OE1   . GLU A 1 103 ? -2.796  -10.379 7.488   1.00 42.03 ? 794 GLU A OE1   1 
ATOM   821  O  OE2   . GLU A 1 103 ? -4.693  -10.661 6.381   1.00 42.40 ? 794 GLU A OE2   1 
ATOM   822  N  N     . TRP A 1 104 ? -1.266  -7.097  5.694   1.00 39.23 ? 795 TRP A N     1 
ATOM   823  C  CA    . TRP A 1 104 ? -1.690  -5.828  5.081   1.00 39.24 ? 795 TRP A CA    1 
ATOM   824  C  C     . TRP A 1 104 ? -0.723  -4.675  5.339   1.00 39.30 ? 795 TRP A C     1 
ATOM   825  O  O     . TRP A 1 104 ? -0.461  -4.309  6.490   1.00 38.56 ? 795 TRP A O     1 
ATOM   826  C  CB    . TRP A 1 104 ? -3.081  -5.426  5.589   1.00 39.57 ? 795 TRP A CB    1 
ATOM   827  C  CG    . TRP A 1 104 ? -4.208  -6.162  4.945   1.00 39.92 ? 795 TRP A CG    1 
ATOM   828  C  CD1   . TRP A 1 104 ? -5.070  -7.036  5.549   1.00 41.48 ? 795 TRP A CD1   1 
ATOM   829  C  CD2   . TRP A 1 104 ? -4.608  -6.090  3.570   1.00 42.08 ? 795 TRP A CD2   1 
ATOM   830  N  NE1   . TRP A 1 104 ? -5.982  -7.512  4.636   1.00 41.89 ? 795 TRP A NE1   1 
ATOM   831  C  CE2   . TRP A 1 104 ? -5.717  -6.951  3.413   1.00 43.17 ? 795 TRP A CE2   1 
ATOM   832  C  CE3   . TRP A 1 104 ? -4.135  -5.383  2.457   1.00 41.72 ? 795 TRP A CE3   1 
ATOM   833  C  CZ2   . TRP A 1 104 ? -6.359  -7.126  2.184   1.00 43.06 ? 795 TRP A CZ2   1 
ATOM   834  C  CZ3   . TRP A 1 104 ? -4.774  -5.555  1.239   1.00 41.42 ? 795 TRP A CZ3   1 
ATOM   835  C  CH2   . TRP A 1 104 ? -5.874  -6.421  1.110   1.00 40.80 ? 795 TRP A CH2   1 
ATOM   836  N  N     . HIS A 1 105 ? -0.230  -4.082  4.257   1.00 40.09 ? 796 HIS A N     1 
ATOM   837  C  CA    . HIS A 1 105 ? 0.710   -2.961  4.349   1.00 39.68 ? 796 HIS A CA    1 
ATOM   838  C  C     . HIS A 1 105 ? 0.169   -1.662  3.746   1.00 40.23 ? 796 HIS A C     1 
ATOM   839  O  O     . HIS A 1 105 ? -0.551  -1.678  2.735   1.00 40.49 ? 796 HIS A O     1 
ATOM   840  C  CB    . HIS A 1 105 ? 2.028   -3.324  3.661   1.00 39.40 ? 796 HIS A CB    1 
ATOM   841  C  CG    . HIS A 1 105 ? 2.801   -4.383  4.380   1.00 37.85 ? 796 HIS A CG    1 
ATOM   842  N  ND1   . HIS A 1 105 ? 2.348   -5.682  4.504   1.00 38.05 ? 796 HIS A ND1   1 
ATOM   843  C  CD2   . HIS A 1 105 ? 3.987   -4.332  5.025   1.00 36.44 ? 796 HIS A CD2   1 
ATOM   844  C  CE1   . HIS A 1 105 ? 3.225   -6.384  5.197   1.00 35.21 ? 796 HIS A CE1   1 
ATOM   845  N  NE2   . HIS A 1 105 ? 4.227   -5.588  5.523   1.00 38.06 ? 796 HIS A NE2   1 
ATOM   846  N  N     . VAL A 1 106 ? 0.544   -0.551  4.377   1.00 40.17 ? 797 VAL A N     1 
ATOM   847  C  CA    . VAL A 1 106 ? 0.327   0.778   3.831   1.00 39.15 ? 797 VAL A CA    1 
ATOM   848  C  C     . VAL A 1 106 ? 1.476   1.057   2.879   1.00 39.25 ? 797 VAL A C     1 
ATOM   849  O  O     . VAL A 1 106 ? 2.617   1.199   3.323   1.00 38.56 ? 797 VAL A O     1 
ATOM   850  C  CB    . VAL A 1 106 ? 0.292   1.846   4.935   1.00 39.41 ? 797 VAL A CB    1 
ATOM   851  C  CG1   . VAL A 1 106 ? 0.003   3.213   4.324   1.00 37.24 ? 797 VAL A CG1   1 
ATOM   852  C  CG2   . VAL A 1 106 ? -0.780  1.512   5.985   1.00 35.90 ? 797 VAL A CG2   1 
ATOM   853  N  N     . VAL A 1 107 ? 1.173   1.094   1.577   1.00 38.02 ? 798 VAL A N     1 
ATOM   854  C  CA    . VAL A 1 107 ? 2.171   1.318   0.536   1.00 37.40 ? 798 VAL A CA    1 
ATOM   855  C  C     . VAL A 1 107 ? 2.013   2.717   -0.044  1.00 37.23 ? 798 VAL A C     1 
ATOM   856  O  O     . VAL A 1 107 ? 0.949   3.055   -0.586  1.00 37.84 ? 798 VAL A O     1 
ATOM   857  C  CB    . VAL A 1 107 ? 2.058   0.282   -0.609  1.00 37.60 ? 798 VAL A CB    1 
ATOM   858  C  CG1   . VAL A 1 107 ? 2.989   0.640   -1.747  1.00 38.22 ? 798 VAL A CG1   1 
ATOM   859  C  CG2   . VAL A 1 107 ? 2.430   -1.081  -0.112  1.00 36.77 ? 798 VAL A CG2   1 
ATOM   860  N  N     . GLY A 1 108 ? 3.064   3.530   0.079   1.00 35.90 ? 799 GLY A N     1 
ATOM   861  C  CA    . GLY A 1 108 ? 3.019   4.904   -0.400  1.00 34.83 ? 799 GLY A CA    1 
ATOM   862  C  C     . GLY A 1 108 ? 3.343   4.965   -1.870  1.00 35.08 ? 799 GLY A C     1 
ATOM   863  O  O     . GLY A 1 108 ? 4.375   4.476   -2.295  1.00 34.47 ? 799 GLY A O     1 
ATOM   864  N  N     . LEU A 1 109 ? 2.465   5.603   -2.636  1.00 36.68 ? 800 LEU A N     1 
ATOM   865  C  CA    . LEU A 1 109 ? 2.527   5.607   -4.101  1.00 36.04 ? 800 LEU A CA    1 
ATOM   866  C  C     . LEU A 1 109 ? 2.909   6.963   -4.681  1.00 35.78 ? 800 LEU A C     1 
ATOM   867  O  O     . LEU A 1 109 ? 3.378   7.026   -5.809  1.00 34.90 ? 800 LEU A O     1 
ATOM   868  C  CB    . LEU A 1 109 ? 1.181   5.182   -4.695  1.00 35.46 ? 800 LEU A CB    1 
ATOM   869  C  CG    . LEU A 1 109 ? 0.510   3.858   -4.299  1.00 35.76 ? 800 LEU A CG    1 
ATOM   870  C  CD1   . LEU A 1 109 ? -0.932  3.759   -4.853  1.00 32.68 ? 800 LEU A CD1   1 
ATOM   871  C  CD2   . LEU A 1 109 ? 1.357   2.655   -4.744  1.00 34.32 ? 800 LEU A CD2   1 
ATOM   872  N  N     . LEU A 1 110 ? 2.684   8.048   -3.940  1.00 34.93 ? 801 LEU A N     1 
ATOM   873  C  CA    . LEU A 1 110 ? 2.960   9.378   -4.468  1.00 34.93 ? 801 LEU A CA    1 
ATOM   874  C  C     . LEU A 1 110 ? 3.342   10.307  -3.345  1.00 36.39 ? 801 LEU A C     1 
ATOM   875  O  O     . LEU A 1 110 ? 2.683   10.313  -2.311  1.00 39.31 ? 801 LEU A O     1 
ATOM   876  C  CB    . LEU A 1 110 ? 1.734   9.941   -5.186  1.00 34.60 ? 801 LEU A CB    1 
ATOM   877  C  CG    . LEU A 1 110 ? 1.721   11.386  -5.713  1.00 35.39 ? 801 LEU A CG    1 
ATOM   878  C  CD1   . LEU A 1 110 ? 2.665   11.563  -6.880  1.00 32.26 ? 801 LEU A CD1   1 
ATOM   879  C  CD2   . LEU A 1 110 ? 0.324   11.792  -6.139  1.00 33.79 ? 801 LEU A CD2   1 
ATOM   880  N  N     . GLY A 1 111 ? 4.398   11.090  -3.543  1.00 36.65 ? 802 GLY A N     1 
ATOM   881  C  CA    . GLY A 1 111 ? 4.801   12.085  -2.561  1.00 35.66 ? 802 GLY A CA    1 
ATOM   882  C  C     . GLY A 1 111 ? 6.155   11.803  -1.951  1.00 36.43 ? 802 GLY A C     1 
ATOM   883  O  O     . GLY A 1 111 ? 6.841   10.841  -2.337  1.00 36.22 ? 802 GLY A O     1 
ATOM   884  N  N     . GLN A 1 112 ? 6.539   12.654  -1.002  1.00 36.48 ? 803 GLN A N     1 
ATOM   885  C  CA    . GLN A 1 112 ? 7.799   12.497  -0.269  1.00 36.19 ? 803 GLN A CA    1 
ATOM   886  C  C     . GLN A 1 112 ? 7.675   11.338  0.695   1.00 37.30 ? 803 GLN A C     1 
ATOM   887  O  O     . GLN A 1 112 ? 6.885   11.395  1.622   1.00 38.28 ? 803 GLN A O     1 
ATOM   888  C  CB    . GLN A 1 112 ? 8.102   13.773  0.493   1.00 34.43 ? 803 GLN A CB    1 
ATOM   889  C  CG    . GLN A 1 112 ? 8.308   14.970  -0.419  1.00 35.10 ? 803 GLN A CG    1 
ATOM   890  C  CD    . GLN A 1 112 ? 8.241   16.286  0.321   1.00 37.99 ? 803 GLN A CD    1 
ATOM   891  O  OE1   . GLN A 1 112 ? 8.958   16.511  1.297   1.00 43.15 ? 803 GLN A OE1   1 
ATOM   892  N  NE2   . GLN A 1 112 ? 7.382   17.171  -0.141  1.00 41.57 ? 803 GLN A NE2   1 
ATOM   893  N  N     . ILE A 1 113 ? 8.445   10.272  0.471   1.00 37.52 ? 804 ILE A N     1 
ATOM   894  C  CA    . ILE A 1 113 ? 8.422   9.109   1.366   1.00 37.84 ? 804 ILE A CA    1 
ATOM   895  C  C     . ILE A 1 113 ? 9.836   8.755   1.764   1.00 38.34 ? 804 ILE A C     1 
ATOM   896  O  O     . ILE A 1 113 ? 10.710  8.694   0.900   1.00 38.87 ? 804 ILE A O     1 
ATOM   897  C  CB    . ILE A 1 113 ? 7.843   7.851   0.683   1.00 36.85 ? 804 ILE A CB    1 
ATOM   898  C  CG1   . ILE A 1 113 ? 6.672   8.211   -0.235  1.00 38.08 ? 804 ILE A CG1   1 
ATOM   899  C  CG2   . ILE A 1 113 ? 7.448   6.840   1.726   1.00 39.05 ? 804 ILE A CG2   1 
ATOM   900  C  CD1   . ILE A 1 113 ? 6.220   7.106   -1.169  1.00 37.85 ? 804 ILE A CD1   1 
ATOM   901  N  N     . ALA A 1 114 ? 10.058  8.496   3.051   1.00 38.05 ? 805 ALA A N     1 
ATOM   902  C  CA    . ALA A 1 114 ? 11.380  8.107   3.536   1.00 38.55 ? 805 ALA A CA    1 
ATOM   903  C  C     . ALA A 1 114 ? 11.693  6.686   3.112   1.00 38.85 ? 805 ALA A C     1 
ATOM   904  O  O     . ALA A 1 114 ? 10.852  5.791   3.261   1.00 40.05 ? 805 ALA A O     1 
ATOM   905  C  CB    . ALA A 1 114 ? 11.468  8.248   5.042   1.00 38.99 ? 805 ALA A CB    1 
ATOM   906  N  N     . VAL A 1 115 ? 12.900  6.498   2.573   1.00 38.45 ? 806 VAL A N     1 
ATOM   907  C  CA    . VAL A 1 115 ? 13.355  5.214   2.017   1.00 38.11 ? 806 VAL A CA    1 
ATOM   908  C  C     . VAL A 1 115 ? 14.714  4.780   2.585   1.00 38.67 ? 806 VAL A C     1 
ATOM   909  O  O     . VAL A 1 115 ? 15.600  5.615   2.789   1.00 38.20 ? 806 VAL A O     1 
ATOM   910  C  CB    . VAL A 1 115 ? 13.513  5.291   0.486   1.00 37.68 ? 806 VAL A CB    1 
ATOM   911  C  CG1   . VAL A 1 115 ? 13.960  3.962   -0.056  1.00 37.20 ? 806 VAL A CG1   1 
ATOM   912  C  CG2   . VAL A 1 115 ? 12.220  5.705   -0.174  1.00 37.11 ? 806 VAL A CG2   1 
ATOM   913  N  N     . ARG A 1 116 ? 14.864  3.472   2.813   1.00 39.38 ? 807 ARG A N     1 
ATOM   914  C  CA    . ARG A 1 116 ? 16.148  2.846   3.173   1.00 40.50 ? 807 ARG A CA    1 
ATOM   915  C  C     . ARG A 1 116 ? 17.127  2.931   2.012   1.00 40.96 ? 807 ARG A C     1 
ATOM   916  O  O     . ARG A 1 116 ? 16.811  2.478   0.906   1.00 41.78 ? 807 ARG A O     1 
ATOM   917  C  CB    . ARG A 1 116 ? 15.948  1.375   3.509   1.00 40.55 ? 807 ARG A CB    1 
ATOM   918  C  CG    . ARG A 1 116 ? 15.192  1.118   4.784   1.00 41.85 ? 807 ARG A CG    1 
ATOM   919  C  CD    . ARG A 1 116 ? 14.526  -0.254  4.744   1.00 43.28 ? 807 ARG A CD    1 
ATOM   920  N  NE    . ARG A 1 116 ? 13.802  -0.515  5.983   1.00 43.27 ? 807 ARG A NE    1 
ATOM   921  C  CZ    . ARG A 1 116 ? 14.336  -1.102  7.050   1.00 40.77 ? 807 ARG A CZ    1 
ATOM   922  N  NH1   . ARG A 1 116 ? 15.596  -1.501  7.024   1.00 41.95 ? 807 ARG A NH1   1 
ATOM   923  N  NH2   . ARG A 1 116 ? 13.606  -1.298  8.140   1.00 42.23 ? 807 ARG A NH2   1 
ATOM   924  N  N     . ILE A 1 117 ? 18.309  3.495   2.266   1.00 40.42 ? 808 ILE A N     1 
ATOM   925  C  CA    . ILE A 1 117 ? 19.325  3.701   1.222   1.00 40.06 ? 808 ILE A CA    1 
ATOM   926  C  C     . ILE A 1 117 ? 20.671  3.018   1.547   1.00 40.97 ? 808 ILE A C     1 
ATOM   927  O  O     . ILE A 1 117 ? 20.975  2.725   2.713   1.00 40.83 ? 808 ILE A O     1 
ATOM   928  C  CB    . ILE A 1 117 ? 19.547  5.221   0.946   1.00 40.53 ? 808 ILE A CB    1 
ATOM   929  C  CG1   . ILE A 1 117 ? 20.220  5.908   2.150   1.00 39.55 ? 808 ILE A CG1   1 
ATOM   930  C  CG2   . ILE A 1 117 ? 18.212  5.893   0.572   1.00 38.15 ? 808 ILE A CG2   1 
ATOM   931  C  CD1   . ILE A 1 117 ? 20.592  7.369   1.945   1.00 39.54 ? 808 ILE A CD1   1 
ATOM   932  N  N     . ASP A 1 118 ? 21.469  2.754   0.515   1.00 41.29 ? 809 ASP A N     1 
ATOM   933  C  CA    . ASP A 1 118 ? 22.835  2.273   0.734   1.00 41.53 ? 809 ASP A CA    1 
ATOM   934  C  C     . ASP A 1 118 ? 23.856  3.418   0.613   1.00 41.94 ? 809 ASP A C     1 
ATOM   935  O  O     . ASP A 1 118 ? 23.476  4.594   0.550   1.00 41.63 ? 809 ASP A O     1 
ATOM   936  C  CB    . ASP A 1 118 ? 23.182  1.069   -0.178  1.00 41.71 ? 809 ASP A CB    1 
ATOM   937  C  CG    . ASP A 1 118 ? 23.178  1.415   -1.662  1.00 41.11 ? 809 ASP A CG    1 
ATOM   938  O  OD1   . ASP A 1 118 ? 23.089  0.477   -2.483  1.00 39.12 ? 809 ASP A OD1   1 
ATOM   939  O  OD2   . ASP A 1 118 ? 23.264  2.609   -2.014  1.00 42.25 ? 809 ASP A OD2   1 
ATOM   940  N  N     . GLU A 1 119 ? 25.140  3.064   0.579   0.50 41.80 ? 810 GLU A N     1 
ATOM   941  C  CA    . GLU A 1 119 ? 26.220  4.037   0.412   0.50 42.06 ? 810 GLU A CA    1 
ATOM   942  C  C     . GLU A 1 119 ? 26.175  4.786   -0.928  0.50 42.23 ? 810 GLU A C     1 
ATOM   943  O  O     . GLU A 1 119 ? 26.660  5.916   -1.018  0.50 42.16 ? 810 GLU A O     1 
ATOM   944  C  CB    . GLU A 1 119 ? 27.591  3.369   0.614   0.50 42.29 ? 810 GLU A CB    1 
ATOM   945  C  CG    . GLU A 1 119 ? 27.973  2.287   -0.409  0.50 42.69 ? 810 GLU A CG    1 
ATOM   946  C  CD    . GLU A 1 119 ? 27.279  0.956   -0.173  0.50 43.88 ? 810 GLU A CD    1 
ATOM   947  O  OE1   . GLU A 1 119 ? 26.870  0.324   -1.168  0.50 44.77 ? 810 GLU A OE1   1 
ATOM   948  O  OE2   . GLU A 1 119 ? 27.136  0.541   0.997   0.50 44.14 ? 810 GLU A OE2   1 
ATOM   949  N  N     . THR A 1 120 ? 25.592  4.160   -1.953  1.00 42.44 ? 811 THR A N     1 
ATOM   950  C  CA    . THR A 1 120 ? 25.590  4.717   -3.317  1.00 43.16 ? 811 THR A CA    1 
ATOM   951  C  C     . THR A 1 120 ? 24.650  5.916   -3.516  1.00 43.75 ? 811 THR A C     1 
ATOM   952  O  O     . THR A 1 120 ? 24.935  6.805   -4.325  1.00 43.49 ? 811 THR A O     1 
ATOM   953  C  CB    . THR A 1 120 ? 25.262  3.648   -4.404  1.00 42.85 ? 811 THR A CB    1 
ATOM   954  O  OG1   . THR A 1 120 ? 23.937  3.142   -4.211  1.00 41.84 ? 811 THR A OG1   1 
ATOM   955  C  CG2   . THR A 1 120 ? 26.270  2.491   -4.382  1.00 43.97 ? 811 THR A CG2   1 
ATOM   956  N  N     . VAL A 1 121 ? 23.540  5.937   -2.782  1.00 44.97 ? 812 VAL A N     1 
ATOM   957  C  CA    . VAL A 1 121 ? 22.487  6.935   -2.998  1.00 46.29 ? 812 VAL A CA    1 
ATOM   958  C  C     . VAL A 1 121 ? 22.952  8.374   -2.699  1.00 47.44 ? 812 VAL A C     1 
ATOM   959  O  O     . VAL A 1 121 ? 23.581  8.622   -1.669  1.00 48.01 ? 812 VAL A O     1 
ATOM   960  C  CB    . VAL A 1 121 ? 21.214  6.570   -2.186  1.00 45.97 ? 812 VAL A CB    1 
ATOM   961  C  CG1   . VAL A 1 121 ? 20.265  7.760   -2.056  1.00 46.16 ? 812 VAL A CG1   1 
ATOM   962  C  CG2   . VAL A 1 121 ? 20.505  5.376   -2.816  1.00 46.39 ? 812 VAL A CG2   1 
ATOM   963  N  N     . LYS A 1 122 ? 22.644  9.302   -3.608  1.00 48.12 ? 813 LYS A N     1 
ATOM   964  C  CA    . LYS A 1 122 ? 23.029  10.711  -3.464  1.00 48.99 ? 813 LYS A CA    1 
ATOM   965  C  C     . LYS A 1 122 ? 21.853  11.663  -3.630  1.00 49.54 ? 813 LYS A C     1 
ATOM   966  O  O     . LYS A 1 122 ? 20.897  11.362  -4.359  1.00 49.07 ? 813 LYS A O     1 
ATOM   967  C  CB    . LYS A 1 122 ? 24.096  11.095  -4.502  1.00 48.72 ? 813 LYS A CB    1 
ATOM   968  C  CG    . LYS A 1 122 ? 25.530  11.061  -3.995  1.00 48.86 ? 813 LYS A CG    1 
ATOM   969  C  CD    . LYS A 1 122 ? 26.510  11.579  -5.052  1.00 49.52 ? 813 LYS A CD    1 
ATOM   970  C  CE    . LYS A 1 122 ? 26.706  10.571  -6.204  1.00 50.95 ? 813 LYS A CE    1 
ATOM   971  N  NZ    . LYS A 1 122 ? 27.794  10.960  -7.168  1.00 51.03 ? 813 LYS A NZ    1 
ATOM   972  N  N     . GLN A 1 123 ? 21.954  12.826  -2.978  1.00 50.51 ? 814 GLN A N     1 
ATOM   973  C  CA    . GLN A 1 123 ? 21.011  13.936  -3.161  1.00 51.13 ? 814 GLN A CA    1 
ATOM   974  C  C     . GLN A 1 123 ? 20.867  14.336  -4.634  1.00 51.26 ? 814 GLN A C     1 
ATOM   975  O  O     . GLN A 1 123 ? 21.828  14.273  -5.402  1.00 51.36 ? 814 GLN A O     1 
ATOM   976  C  CB    . GLN A 1 123 ? 21.461  15.140  -2.337  1.00 51.72 ? 814 GLN A CB    1 
ATOM   977  C  CG    . GLN A 1 123 ? 20.461  16.285  -2.281  1.00 53.50 ? 814 GLN A CG    1 
ATOM   978  C  CD    . GLN A 1 123 ? 20.535  17.043  -0.972  1.00 55.81 ? 814 GLN A CD    1 
ATOM   979  O  OE1   . GLN A 1 123 ? 20.542  18.273  -0.953  1.00 56.63 ? 814 GLN A OE1   1 
ATOM   980  N  NE2   . GLN A 1 123 ? 20.602  16.309  0.139   1.00 56.01 ? 814 GLN A NE2   1 
ATOM   981  N  N     . GLY A 1 124 ? 19.655  14.733  -5.018  1.00 51.24 ? 815 GLY A N     1 
ATOM   982  C  CA    . GLY A 1 124 ? 19.360  15.143  -6.391  1.00 51.45 ? 815 GLY A CA    1 
ATOM   983  C  C     . GLY A 1 124 ? 19.521  14.046  -7.431  1.00 51.55 ? 815 GLY A C     1 
ATOM   984  O  O     . GLY A 1 124 ? 19.488  14.320  -8.633  1.00 51.84 ? 815 GLY A O     1 
ATOM   985  N  N     . HIS A 1 125 ? 19.697  12.804  -6.980  1.00 51.65 ? 816 HIS A N     1 
ATOM   986  C  CA    . HIS A 1 125 ? 19.873  11.677  -7.901  1.00 52.43 ? 816 HIS A CA    1 
ATOM   987  C  C     . HIS A 1 125 ? 18.768  10.625  -7.826  1.00 53.37 ? 816 HIS A C     1 
ATOM   988  O  O     . HIS A 1 125 ? 18.109  10.463  -6.797  1.00 53.78 ? 816 HIS A O     1 
ATOM   989  C  CB    . HIS A 1 125 ? 21.264  11.036  -7.739  1.00 52.48 ? 816 HIS A CB    1 
ATOM   990  C  CG    . HIS A 1 125 ? 22.328  11.705  -8.559  1.00 51.28 ? 816 HIS A CG    1 
ATOM   991  N  ND1   . HIS A 1 125 ? 22.503  11.447  -9.904  1.00 50.76 ? 816 HIS A ND1   1 
ATOM   992  C  CD2   . HIS A 1 125 ? 23.251  12.641  -8.232  1.00 49.99 ? 816 HIS A CD2   1 
ATOM   993  C  CE1   . HIS A 1 125 ? 23.492  12.189  -10.369 1.00 50.17 ? 816 HIS A CE1   1 
ATOM   994  N  NE2   . HIS A 1 125 ? 23.963  12.923  -9.374  1.00 50.49 ? 816 HIS A NE2   1 
ATOM   995  N  N     . SER A 1 126 ? 18.570  9.920   -8.938  1.00 54.14 ? 817 SER A N     1 
ATOM   996  C  CA    . SER A 1 126 ? 17.545  8.881   -9.052  1.00 54.39 ? 817 SER A CA    1 
ATOM   997  C  C     . SER A 1 126 ? 17.948  7.605   -8.288  1.00 53.79 ? 817 SER A C     1 
ATOM   998  O  O     . SER A 1 126 ? 19.057  7.541   -7.750  1.00 53.41 ? 817 SER A O     1 
ATOM   999  C  CB    . SER A 1 126 ? 17.288  8.584   -10.531 1.00 55.27 ? 817 SER A CB    1 
ATOM   1000 O  OG    . SER A 1 126 ? 17.372  9.761   -11.329 1.00 56.23 ? 817 SER A OG    1 
ATOM   1001 N  N     . ILE A 1 127 ? 17.049  6.610   -8.230  1.00 52.94 ? 818 ILE A N     1 
ATOM   1002 C  CA    . ILE A 1 127 ? 17.301  5.341   -7.512  1.00 52.27 ? 818 ILE A CA    1 
ATOM   1003 C  C     . ILE A 1 127 ? 16.789  4.072   -8.211  1.00 52.13 ? 818 ILE A C     1 
ATOM   1004 O  O     . ILE A 1 127 ? 15.841  4.115   -9.001  1.00 52.47 ? 818 ILE A O     1 
ATOM   1005 C  CB    . ILE A 1 127 ? 16.713  5.333   -6.063  1.00 51.94 ? 818 ILE A CB    1 
ATOM   1006 C  CG1   . ILE A 1 127 ? 15.194  5.557   -6.080  1.00 52.31 ? 818 ILE A CG1   1 
ATOM   1007 C  CG2   . ILE A 1 127 ? 17.434  6.335   -5.160  1.00 52.15 ? 818 ILE A CG2   1 
ATOM   1008 C  CD1   . ILE A 1 127 ? 14.477  5.150   -4.794  1.00 51.57 ? 818 ILE A CD1   1 
ATOM   1009 N  N     . ASP A 1 128 ? 17.450  2.954   -7.913  1.00 51.82 ? 819 ASP A N     1 
ATOM   1010 C  CA    . ASP A 1 128 ? 16.928  1.604   -8.151  1.00 51.36 ? 819 ASP A CA    1 
ATOM   1011 C  C     . ASP A 1 128 ? 16.867  0.908   -6.801  1.00 51.24 ? 819 ASP A C     1 
ATOM   1012 O  O     . ASP A 1 128 ? 17.095  1.529   -5.756  1.00 51.30 ? 819 ASP A O     1 
ATOM   1013 C  CB    . ASP A 1 128 ? 17.830  0.785   -9.082  1.00 51.55 ? 819 ASP A CB    1 
ATOM   1014 C  CG    . ASP A 1 128 ? 18.057  1.447   -10.427 1.00 52.15 ? 819 ASP A CG    1 
ATOM   1015 O  OD1   . ASP A 1 128 ? 19.149  1.235   -11.000 1.00 54.97 ? 819 ASP A OD1   1 
ATOM   1016 O  OD2   . ASP A 1 128 ? 17.168  2.179   -10.915 1.00 53.50 ? 819 ASP A OD2   1 
ATOM   1017 N  N     . ALA A 1 129 ? 16.581  -0.389  -6.831  1.00 50.88 ? 820 ALA A N     1 
ATOM   1018 C  CA    . ALA A 1 129 ? 16.449  -1.173  -5.615  1.00 50.84 ? 820 ALA A CA    1 
ATOM   1019 C  C     . ALA A 1 129 ? 17.085  -2.535  -5.766  1.00 51.05 ? 820 ALA A C     1 
ATOM   1020 O  O     . ALA A 1 129 ? 17.029  -3.140  -6.837  1.00 51.50 ? 820 ALA A O     1 
ATOM   1021 C  CB    . ALA A 1 129 ? 14.991  -1.332  -5.248  1.00 51.01 ? 820 ALA A CB    1 
ATOM   1022 N  N     . VAL A 1 130 ? 17.709  -2.992  -4.685  1.00 50.75 ? 821 VAL A N     1 
ATOM   1023 C  CA    . VAL A 1 130 ? 18.192  -4.360  -4.556  1.00 50.74 ? 821 VAL A CA    1 
ATOM   1024 C  C     . VAL A 1 130 ? 17.993  -4.687  -3.085  1.00 50.75 ? 821 VAL A C     1 
ATOM   1025 O  O     . VAL A 1 130 ? 18.367  -3.892  -2.216  1.00 50.90 ? 821 VAL A O     1 
ATOM   1026 C  CB    . VAL A 1 130 ? 19.701  -4.533  -4.938  1.00 50.48 ? 821 VAL A CB    1 
ATOM   1027 C  CG1   . VAL A 1 130 ? 20.035  -6.007  -5.160  1.00 50.42 ? 821 VAL A CG1   1 
ATOM   1028 C  CG2   . VAL A 1 130 ? 20.082  -3.723  -6.186  1.00 50.11 ? 821 VAL A CG2   1 
ATOM   1029 N  N     . GLY A 1 131 ? 17.386  -5.842  -2.813  1.00 50.50 ? 822 GLY A N     1 
ATOM   1030 C  CA    . GLY A 1 131 ? 17.005  -6.227  -1.451  1.00 49.87 ? 822 GLY A CA    1 
ATOM   1031 C  C     . GLY A 1 131 ? 15.874  -5.375  -0.887  1.00 49.39 ? 822 GLY A C     1 
ATOM   1032 O  O     . GLY A 1 131 ? 15.544  -5.467  0.302   1.00 49.70 ? 822 GLY A O     1 
ATOM   1033 N  N     . GLY A 1 132 ? 15.277  -4.551  -1.750  1.00 48.79 ? 823 GLY A N     1 
ATOM   1034 C  CA    . GLY A 1 132 ? 14.267  -3.582  -1.340  1.00 47.04 ? 823 GLY A CA    1 
ATOM   1035 C  C     . GLY A 1 132 ? 14.880  -2.277  -0.872  1.00 46.26 ? 823 GLY A C     1 
ATOM   1036 O  O     . GLY A 1 132 ? 14.179  -1.287  -0.685  1.00 47.21 ? 823 GLY A O     1 
ATOM   1037 N  N     . VAL A 1 133 ? 16.194  -2.277  -0.669  1.00 45.99 ? 824 VAL A N     1 
ATOM   1038 C  CA    . VAL A 1 133 ? 16.909  -1.074  -0.257  1.00 44.53 ? 824 VAL A CA    1 
ATOM   1039 C  C     . VAL A 1 133 ? 17.273  -0.255  -1.502  1.00 43.82 ? 824 VAL A C     1 
ATOM   1040 O  O     . VAL A 1 133 ? 17.536  -0.819  -2.572  1.00 43.80 ? 824 VAL A O     1 
ATOM   1041 C  CB    . VAL A 1 133 ? 18.157  -1.428  0.606   1.00 44.42 ? 824 VAL A CB    1 
ATOM   1042 C  CG1   . VAL A 1 133 ? 18.989  -0.184  0.936   1.00 44.18 ? 824 VAL A CG1   1 
ATOM   1043 C  CG2   . VAL A 1 133 ? 17.733  -2.145  1.894   1.00 43.59 ? 824 VAL A CG2   1 
ATOM   1044 N  N     . ALA A 1 134 ? 17.247  1.071   -1.363  1.00 42.35 ? 825 ALA A N     1 
ATOM   1045 C  CA    . ALA A 1 134 ? 17.586  1.973   -2.453  1.00 41.42 ? 825 ALA A CA    1 
ATOM   1046 C  C     . ALA A 1 134 ? 19.052  1.856   -2.837  1.00 41.36 ? 825 ALA A C     1 
ATOM   1047 O  O     . ALA A 1 134 ? 19.903  1.563   -1.998  1.00 41.11 ? 825 ALA A O     1 
ATOM   1048 C  CB    . ALA A 1 134 ? 17.259  3.405   -2.072  1.00 41.36 ? 825 ALA A CB    1 
ATOM   1049 N  N     . THR A 1 135 ? 19.327  2.075   -4.116  1.00 41.22 ? 826 THR A N     1 
ATOM   1050 C  CA    . THR A 1 135 ? 20.689  2.186   -4.627  1.00 41.77 ? 826 THR A CA    1 
ATOM   1051 C  C     . THR A 1 135 ? 20.659  3.095   -5.843  1.00 42.37 ? 826 THR A C     1 
ATOM   1052 O  O     . THR A 1 135 ? 19.691  3.044   -6.605  1.00 41.91 ? 826 THR A O     1 
ATOM   1053 C  CB    . THR A 1 135 ? 21.299  0.808   -5.003  1.00 41.52 ? 826 THR A CB    1 
ATOM   1054 O  OG1   . THR A 1 135 ? 22.632  1.004   -5.489  1.00 41.31 ? 826 THR A OG1   1 
ATOM   1055 C  CG2   . THR A 1 135 ? 20.459  0.069   -6.060  1.00 41.26 ? 826 THR A CG2   1 
ATOM   1056 N  N     . ASP A 1 136 ? 21.701  3.914   -6.036  1.00 42.94 ? 827 ASP A N     1 
ATOM   1057 C  CA    . ASP A 1 136 ? 21.733  4.873   -7.161  1.00 43.64 ? 827 ASP A CA    1 
ATOM   1058 C  C     . ASP A 1 136 ? 21.189  4.248   -8.454  1.00 43.90 ? 827 ASP A C     1 
ATOM   1059 O  O     . ASP A 1 136 ? 21.497  3.092   -8.766  1.00 43.82 ? 827 ASP A O     1 
ATOM   1060 C  CB    . ASP A 1 136 ? 23.136  5.443   -7.391  1.00 43.92 ? 827 ASP A CB    1 
ATOM   1061 C  CG    . ASP A 1 136 ? 23.152  6.545   -8.449  1.00 45.11 ? 827 ASP A CG    1 
ATOM   1062 O  OD1   . ASP A 1 136 ? 22.936  7.730   -8.094  1.00 47.08 ? 827 ASP A OD1   1 
ATOM   1063 O  OD2   . ASP A 1 136 ? 23.383  6.231   -9.644  1.00 46.10 ? 827 ASP A OD2   1 
ATOM   1064 N  N     . GLY A 1 137 ? 20.370  5.003   -9.187  1.00 44.33 ? 828 GLY A N     1 
ATOM   1065 C  CA    . GLY A 1 137 ? 19.703  4.468   -10.370 1.00 44.59 ? 828 GLY A CA    1 
ATOM   1066 C  C     . GLY A 1 137 ? 18.876  5.439   -11.187 1.00 44.69 ? 828 GLY A C     1 
ATOM   1067 O  O     . GLY A 1 137 ? 19.236  6.615   -11.340 1.00 44.88 ? 828 GLY A O     1 
ATOM   1068 N  N     . ASP A 1 138 ? 17.749  4.928   -11.689 1.00 44.69 ? 829 ASP A N     1 
ATOM   1069 C  CA    . ASP A 1 138 ? 16.957  5.564   -12.748 1.00 44.87 ? 829 ASP A CA    1 
ATOM   1070 C  C     . ASP A 1 138 ? 15.624  6.191   -12.309 1.00 44.92 ? 829 ASP A C     1 
ATOM   1071 O  O     . ASP A 1 138 ? 15.017  6.937   -13.084 1.00 45.38 ? 829 ASP A O     1 
ATOM   1072 C  CB    . ASP A 1 138 ? 16.656  4.534   -13.853 1.00 44.88 ? 829 ASP A CB    1 
ATOM   1073 C  CG    . ASP A 1 138 ? 17.882  4.178   -14.686 1.00 47.00 ? 829 ASP A CG    1 
ATOM   1074 O  OD1   . ASP A 1 138 ? 18.486  3.106   -14.435 1.00 49.22 ? 829 ASP A OD1   1 
ATOM   1075 O  OD2   . ASP A 1 138 ? 18.239  4.969   -15.597 1.00 47.96 ? 829 ASP A OD2   1 
ATOM   1076 N  N     . ASN A 1 139 ? 15.155  5.887   -11.096 1.00 43.95 ? 830 ASN A N     1 
ATOM   1077 C  CA    . ASN A 1 139 ? 13.785  6.260   -10.702 1.00 44.04 ? 830 ASN A CA    1 
ATOM   1078 C  C     . ASN A 1 139 ? 13.665  7.336   -9.626  1.00 43.26 ? 830 ASN A C     1 
ATOM   1079 O  O     . ASN A 1 139 ? 14.515  7.451   -8.739  1.00 43.79 ? 830 ASN A O     1 
ATOM   1080 C  CB    . ASN A 1 139 ? 12.996  5.028   -10.262 1.00 43.99 ? 830 ASN A CB    1 
ATOM   1081 C  CG    . ASN A 1 139 ? 13.123  3.885   -11.232 1.00 46.11 ? 830 ASN A CG    1 
ATOM   1082 O  OD1   . ASN A 1 139 ? 12.382  3.797   -12.212 1.00 47.28 ? 830 ASN A OD1   1 
ATOM   1083 N  ND2   . ASN A 1 139 ? 14.072  2.995   -10.968 1.00 49.12 ? 830 ASN A ND2   1 
ATOM   1084 N  N     . PHE A 1 140 ? 12.585  8.110   -9.713  1.00 42.10 ? 831 PHE A N     1 
ATOM   1085 C  CA    . PHE A 1 140 ? 12.237  9.115   -8.705  1.00 42.07 ? 831 PHE A CA    1 
ATOM   1086 C  C     . PHE A 1 140 ? 13.386  10.116  -8.507  1.00 41.36 ? 831 PHE A C     1 
ATOM   1087 O  O     . PHE A 1 140 ? 14.339  10.119  -9.278  1.00 41.68 ? 831 PHE A O     1 
ATOM   1088 C  CB    . PHE A 1 140 ? 11.812  8.450   -7.381  1.00 41.52 ? 831 PHE A CB    1 
ATOM   1089 C  CG    . PHE A 1 140 ? 11.024  7.156   -7.550  1.00 41.83 ? 831 PHE A CG    1 
ATOM   1090 C  CD1   . PHE A 1 140 ? 11.445  5.986   -6.923  1.00 39.57 ? 831 PHE A CD1   1 
ATOM   1091 C  CD2   . PHE A 1 140 ? 9.860   7.111   -8.326  1.00 42.27 ? 831 PHE A CD2   1 
ATOM   1092 C  CE1   . PHE A 1 140 ? 10.732  4.799   -7.067  1.00 39.74 ? 831 PHE A CE1   1 
ATOM   1093 C  CE2   . PHE A 1 140 ? 9.140   5.920   -8.476  1.00 40.78 ? 831 PHE A CE2   1 
ATOM   1094 C  CZ    . PHE A 1 140 ? 9.574   4.769   -7.847  1.00 40.36 ? 831 PHE A CZ    1 
ATOM   1095 N  N     . ILE A 1 141 ? 13.293  10.977  -7.500  1.00 41.59 ? 832 ILE A N     1 
ATOM   1096 C  CA    . ILE A 1 141 ? 14.322  11.978  -7.261  1.00 42.23 ? 832 ILE A CA    1 
ATOM   1097 C  C     . ILE A 1 141 ? 14.581  12.070  -5.776  1.00 42.00 ? 832 ILE A C     1 
ATOM   1098 O  O     . ILE A 1 141 ? 13.690  12.470  -5.018  1.00 42.14 ? 832 ILE A O     1 
ATOM   1099 C  CB    . ILE A 1 141 ? 13.892  13.382  -7.746  1.00 42.89 ? 832 ILE A CB    1 
ATOM   1100 C  CG1   . ILE A 1 141 ? 13.478  13.356  -9.218  1.00 45.60 ? 832 ILE A CG1   1 
ATOM   1101 C  CG2   . ILE A 1 141 ? 15.025  14.412  -7.533  1.00 43.01 ? 832 ILE A CG2   1 
ATOM   1102 C  CD1   . ILE A 1 141 ? 12.544  14.482  -9.606  1.00 47.55 ? 832 ILE A CD1   1 
ATOM   1103 N  N     . VAL A 1 142 ? 15.798  11.718  -5.362  1.00 41.91 ? 833 VAL A N     1 
ATOM   1104 C  CA    . VAL A 1 142 ? 16.166  11.780  -3.944  1.00 41.84 ? 833 VAL A CA    1 
ATOM   1105 C  C     . VAL A 1 142 ? 16.147  13.218  -3.455  1.00 41.98 ? 833 VAL A C     1 
ATOM   1106 O  O     . VAL A 1 142 ? 16.906  14.059  -3.920  1.00 42.06 ? 833 VAL A O     1 
ATOM   1107 C  CB    . VAL A 1 142 ? 17.536  11.152  -3.658  1.00 41.26 ? 833 VAL A CB    1 
ATOM   1108 C  CG1   . VAL A 1 142 ? 17.885  11.301  -2.182  1.00 41.38 ? 833 VAL A CG1   1 
ATOM   1109 C  CG2   . VAL A 1 142 ? 17.532  9.695   -4.050  1.00 41.18 ? 833 VAL A CG2   1 
ATOM   1110 N  N     . GLN A 1 143 ? 15.255  13.496  -2.519  1.00 42.41 ? 834 GLN A N     1 
ATOM   1111 C  CA    . GLN A 1 143 ? 15.123  14.834  -1.975  1.00 43.47 ? 834 GLN A CA    1 
ATOM   1112 C  C     . GLN A 1 143 ? 16.319  15.151  -1.096  1.00 43.30 ? 834 GLN A C     1 
ATOM   1113 O  O     . GLN A 1 143 ? 17.098  16.031  -1.421  1.00 44.69 ? 834 GLN A O     1 
ATOM   1114 C  CB    . GLN A 1 143 ? 13.813  14.961  -1.200  1.00 43.51 ? 834 GLN A CB    1 
ATOM   1115 C  CG    . GLN A 1 143 ? 13.595  16.306  -0.558  1.00 46.14 ? 834 GLN A CG    1 
ATOM   1116 C  CD    . GLN A 1 143 ? 12.194  16.456  -0.032  1.00 52.52 ? 834 GLN A CD    1 
ATOM   1117 O  OE1   . GLN A 1 143 ? 11.991  16.642  1.166   1.00 56.22 ? 834 GLN A OE1   1 
ATOM   1118 N  NE2   . GLN A 1 143 ? 11.202  16.359  -0.926  1.00 51.28 ? 834 GLN A NE2   1 
ATOM   1119 N  N     . GLU A 1 144 ? 16.465  14.419  0.004   1.00 44.00 ? 835 GLU A N     1 
ATOM   1120 C  CA    . GLU A 1 144 ? 17.598  14.584  0.911   1.00 44.19 ? 835 GLU A CA    1 
ATOM   1121 C  C     . GLU A 1 144 ? 17.868  13.331  1.741   1.00 43.61 ? 835 GLU A C     1 
ATOM   1122 O  O     . GLU A 1 144 ? 16.950  12.678  2.240   1.00 43.42 ? 835 GLU A O     1 
ATOM   1123 C  CB    . GLU A 1 144 ? 17.377  15.772  1.846   1.00 44.62 ? 835 GLU A CB    1 
ATOM   1124 C  CG    . GLU A 1 144 ? 16.107  15.673  2.657   1.00 48.12 ? 835 GLU A CG    1 
ATOM   1125 C  CD    . GLU A 1 144 ? 16.103  16.591  3.847   1.00 52.71 ? 835 GLU A CD    1 
ATOM   1126 O  OE1   . GLU A 1 144 ? 17.115  16.602  4.580   1.00 49.23 ? 835 GLU A OE1   1 
ATOM   1127 O  OE2   . GLU A 1 144 ? 15.080  17.289  4.053   1.00 57.01 ? 835 GLU A OE2   1 
ATOM   1128 N  N     . ILE A 1 145 ? 19.144  13.008  1.887   1.00 43.51 ? 836 ILE A N     1 
ATOM   1129 C  CA    . ILE A 1 145 ? 19.570  11.961  2.794   1.00 42.87 ? 836 ILE A CA    1 
ATOM   1130 C  C     . ILE A 1 145 ? 19.397  12.506  4.207   1.00 43.09 ? 836 ILE A C     1 
ATOM   1131 O  O     . ILE A 1 145 ? 19.948  13.558  4.530   1.00 42.52 ? 836 ILE A O     1 
ATOM   1132 C  CB    . ILE A 1 145 ? 21.019  11.555  2.490   1.00 42.39 ? 836 ILE A CB    1 
ATOM   1133 C  CG1   . ILE A 1 145 ? 21.096  11.012  1.061   1.00 41.84 ? 836 ILE A CG1   1 
ATOM   1134 C  CG2   . ILE A 1 145 ? 21.519  10.523  3.493   1.00 41.49 ? 836 ILE A CG2   1 
ATOM   1135 C  CD1   . ILE A 1 145 ? 22.462  11.122  0.412   1.00 43.74 ? 836 ILE A CD1   1 
ATOM   1136 N  N     . THR A 1 146 ? 18.599  11.811  5.023   1.00 42.68 ? 837 THR A N     1 
ATOM   1137 C  CA    . THR A 1 146 ? 18.234  12.290  6.369   1.00 42.72 ? 837 THR A CA    1 
ATOM   1138 C  C     . THR A 1 146 ? 18.947  11.588  7.506   1.00 42.36 ? 837 THR A C     1 
ATOM   1139 O  O     . THR A 1 146 ? 19.039  12.131  8.603   1.00 41.64 ? 837 THR A O     1 
ATOM   1140 C  CB    . THR A 1 146 ? 16.744  12.112  6.662   1.00 42.61 ? 837 THR A CB    1 
ATOM   1141 O  OG1   . THR A 1 146 ? 16.348  10.782  6.302   1.00 42.70 ? 837 THR A OG1   1 
ATOM   1142 C  CG2   . THR A 1 146 ? 15.921  13.137  5.912   1.00 44.23 ? 837 THR A CG2   1 
ATOM   1143 N  N     . THR A 1 147 ? 19.395  10.365  7.250   1.00 42.93 ? 838 THR A N     1 
ATOM   1144 C  CA    . THR A 1 147 ? 20.144  9.561   8.215   1.00 43.41 ? 838 THR A CA    1 
ATOM   1145 C  C     . THR A 1 147 ? 21.159  8.759   7.388   1.00 43.90 ? 838 THR A C     1 
ATOM   1146 O  O     . THR A 1 147 ? 20.797  7.751   6.779   1.00 44.10 ? 838 THR A O     1 
ATOM   1147 C  CB    . THR A 1 147 ? 19.202  8.642   9.056   1.00 43.11 ? 838 THR A CB    1 
ATOM   1148 O  OG1   . THR A 1 147 ? 18.242  9.444   9.758   1.00 44.17 ? 838 THR A OG1   1 
ATOM   1149 C  CG2   . THR A 1 147 ? 19.976  7.820   10.063  1.00 43.17 ? 838 THR A CG2   1 
ATOM   1150 N  N     . PRO A 1 148 ? 22.430  9.223   7.349   1.00 44.03 ? 839 PRO A N     1 
ATOM   1151 C  CA    . PRO A 1 148 ? 23.427  8.781   6.358   1.00 44.48 ? 839 PRO A CA    1 
ATOM   1152 C  C     . PRO A 1 148 ? 23.849  7.317   6.502   1.00 45.01 ? 839 PRO A C     1 
ATOM   1153 O  O     . PRO A 1 148 ? 23.887  6.793   7.617   1.00 45.61 ? 839 PRO A O     1 
ATOM   1154 C  CB    . PRO A 1 148 ? 24.625  9.711   6.617   1.00 44.50 ? 839 PRO A CB    1 
ATOM   1155 C  CG    . PRO A 1 148 ? 24.086  10.839  7.481   1.00 43.92 ? 839 PRO A CG    1 
ATOM   1156 C  CD    . PRO A 1 148 ? 23.000  10.213  8.286   1.00 44.20 ? 839 PRO A CD    1 
ATOM   1157 N  N     . TYR A 1 149 ? 24.168  6.681   5.372   1.00 45.38 ? 840 TYR A N     1 
ATOM   1158 C  CA    . TYR A 1 149 ? 24.506  5.254   5.347   1.00 46.07 ? 840 TYR A CA    1 
ATOM   1159 C  C     . TYR A 1 149 ? 25.724  4.868   6.205   1.00 46.65 ? 840 TYR A C     1 
ATOM   1160 O  O     . TYR A 1 149 ? 26.809  5.450   6.077   1.00 46.37 ? 840 TYR A O     1 
ATOM   1161 C  CB    . TYR A 1 149 ? 24.703  4.731   3.911   1.00 45.86 ? 840 TYR A CB    1 
ATOM   1162 C  CG    . TYR A 1 149 ? 25.158  3.283   3.903   1.00 45.46 ? 840 TYR A CG    1 
ATOM   1163 C  CD1   . TYR A 1 149 ? 26.520  2.953   3.983   1.00 46.17 ? 840 TYR A CD1   1 
ATOM   1164 C  CD2   . TYR A 1 149 ? 24.233  2.242   3.881   1.00 44.59 ? 840 TYR A CD2   1 
ATOM   1165 C  CE1   . TYR A 1 149 ? 26.940  1.626   4.016   1.00 45.02 ? 840 TYR A CE1   1 
ATOM   1166 C  CE2   . TYR A 1 149 ? 24.645  0.914   3.905   1.00 44.86 ? 840 TYR A CE2   1 
ATOM   1167 C  CZ    . TYR A 1 149 ? 25.996  0.615   3.975   1.00 45.27 ? 840 TYR A CZ    1 
ATOM   1168 O  OH    . TYR A 1 149 ? 26.404  -0.695  3.998   1.00 45.54 ? 840 TYR A OH    1 
ATOM   1169 N  N     . THR A 1 150 ? 25.523  3.863   7.057   1.00 47.55 ? 841 THR A N     1 
ATOM   1170 C  CA    . THR A 1 150 ? 26.592  3.250   7.839   1.00 48.10 ? 841 THR A CA    1 
ATOM   1171 C  C     . THR A 1 150 ? 26.606  1.737   7.608   1.00 48.92 ? 841 THR A C     1 
ATOM   1172 O  O     . THR A 1 150 ? 25.546  1.107   7.544   1.00 48.99 ? 841 THR A O     1 
ATOM   1173 C  CB    . THR A 1 150 ? 26.431  3.536   9.351   1.00 47.94 ? 841 THR A CB    1 
ATOM   1174 O  OG1   . THR A 1 150 ? 25.234  2.914   9.841   1.00 47.51 ? 841 THR A OG1   1 
ATOM   1175 C  CG2   . THR A 1 150 ? 26.407  5.049   9.640   1.00 48.12 ? 841 THR A CG2   1 
ATOM   1176 N  N     . LYS A 1 151 ? 27.807  1.165   7.484   1.00 50.68 ? 842 LYS A N     1 
ATOM   1177 C  CA    . LYS A 1 151 ? 27.992  -0.284  7.269   1.00 51.74 ? 842 LYS A CA    1 
ATOM   1178 C  C     . LYS A 1 151 ? 27.524  -1.133  8.457   1.00 52.16 ? 842 LYS A C     1 
ATOM   1179 O  O     . LYS A 1 151 ? 27.062  -2.267  8.277   1.00 52.19 ? 842 LYS A O     1 
ATOM   1180 C  CB    . LYS A 1 151 ? 29.456  -0.594  6.942   1.00 51.89 ? 842 LYS A CB    1 
ATOM   1181 C  CG    . LYS A 1 151 ? 29.798  -0.437  5.473   1.00 53.25 ? 842 LYS A CG    1 
ATOM   1182 C  CD    . LYS A 1 151 ? 31.097  0.325   5.299   1.00 56.24 ? 842 LYS A CD    1 
ATOM   1183 C  CE    . LYS A 1 151 ? 31.173  1.015   3.933   1.00 57.40 ? 842 LYS A CE    1 
ATOM   1184 N  NZ    . LYS A 1 151 ? 31.925  0.213   2.915   1.00 58.15 ? 842 LYS A NZ    1 
ATOM   1185 N  N     . GLU A 1 152 ? 27.656  -0.567  9.658   1.00 52.78 ? 843 GLU A N     1 
ATOM   1186 C  CA    . GLU A 1 152 ? 27.218  -1.194  10.906  1.00 53.39 ? 843 GLU A CA    1 
ATOM   1187 C  C     . GLU A 1 152 ? 25.695  -1.361  10.981  1.00 53.55 ? 843 GLU A C     1 
ATOM   1188 O  O     . GLU A 1 152 ? 25.208  -2.417  11.406  1.00 53.90 ? 843 GLU A O     1 
ATOM   1189 C  CB    . GLU A 1 152 ? 27.751  -0.420  12.123  1.00 53.66 ? 843 GLU A CB    1 
ATOM   1190 C  CG    . GLU A 1 152 ? 27.759  1.113   11.981  1.00 54.35 ? 843 GLU A CG    1 
ATOM   1191 C  CD    . GLU A 1 152 ? 29.033  1.651   11.313  1.00 55.02 ? 843 GLU A CD    1 
ATOM   1192 O  OE1   . GLU A 1 152 ? 30.095  1.697   11.981  1.00 56.13 ? 843 GLU A OE1   1 
ATOM   1193 O  OE2   . GLU A 1 152 ? 28.972  2.038   10.120  1.00 54.54 ? 843 GLU A OE2   1 
ATOM   1194 N  N     . LYS A 1 153 ? 24.953  -0.324  10.570  1.00 53.46 ? 844 LYS A N     1 
ATOM   1195 C  CA    . LYS A 1 153 ? 23.483  -0.396  10.442  1.00 53.69 ? 844 LYS A CA    1 
ATOM   1196 C  C     . LYS A 1 153 ? 23.055  -1.203  9.215   1.00 53.22 ? 844 LYS A C     1 
ATOM   1197 O  O     . LYS A 1 153 ? 22.087  -1.963  9.271   1.00 52.70 ? 844 LYS A O     1 
ATOM   1198 C  CB    . LYS A 1 153 ? 22.868  1.006   10.358  1.00 53.93 ? 844 LYS A CB    1 
ATOM   1199 C  CG    . LYS A 1 153 ? 22.561  1.671   11.700  1.00 55.22 ? 844 LYS A CG    1 
ATOM   1200 C  CD    . LYS A 1 153 ? 21.049  1.720   11.997  1.00 57.67 ? 844 LYS A CD    1 
ATOM   1201 C  CE    . LYS A 1 153 ? 20.530  0.443   12.682  1.00 57.95 ? 844 LYS A CE    1 
ATOM   1202 N  NZ    . LYS A 1 153 ? 19.030  0.387   12.759  1.00 56.83 ? 844 LYS A NZ    1 
ATOM   1203 N  N     . GLY A 1 154 ? 23.785  -1.019  8.114   1.00 52.91 ? 845 GLY A N     1 
ATOM   1204 C  CA    . GLY A 1 154 ? 23.498  -1.694  6.851   1.00 52.43 ? 845 GLY A CA    1 
ATOM   1205 C  C     . GLY A 1 154 ? 22.659  -0.857  5.897   1.00 52.39 ? 845 GLY A C     1 
ATOM   1206 O  O     . GLY A 1 154 ? 22.402  -1.273  4.756   1.00 52.38 ? 845 GLY A O     1 
ATOM   1207 N  N     . TYR A 1 155 ? 22.243  0.326   6.363   1.00 51.91 ? 846 TYR A N     1 
ATOM   1208 C  CA    . TYR A 1 155 ? 21.344  1.209   5.613   1.00 51.40 ? 846 TYR A CA    1 
ATOM   1209 C  C     . TYR A 1 155 ? 21.296  2.646   6.152   1.00 50.77 ? 846 TYR A C     1 
ATOM   1210 O  O     . TYR A 1 155 ? 21.564  2.896   7.333   1.00 50.08 ? 846 TYR A O     1 
ATOM   1211 C  CB    . TYR A 1 155 ? 19.920  0.625   5.594   1.00 52.04 ? 846 TYR A CB    1 
ATOM   1212 C  CG    . TYR A 1 155 ? 19.222  0.630   6.940   1.00 52.29 ? 846 TYR A CG    1 
ATOM   1213 C  CD1   . TYR A 1 155 ? 19.213  -0.508  7.751   1.00 51.71 ? 846 TYR A CD1   1 
ATOM   1214 C  CD2   . TYR A 1 155 ? 18.555  1.772   7.399   1.00 52.20 ? 846 TYR A CD2   1 
ATOM   1215 C  CE1   . TYR A 1 155 ? 18.560  -0.508  8.995   1.00 52.66 ? 846 TYR A CE1   1 
ATOM   1216 C  CE2   . TYR A 1 155 ? 17.905  1.787   8.637   1.00 53.12 ? 846 TYR A CE2   1 
ATOM   1217 C  CZ    . TYR A 1 155 ? 17.910  0.645   9.431   1.00 53.32 ? 846 TYR A CZ    1 
ATOM   1218 O  OH    . TYR A 1 155 ? 17.263  0.668   10.648  1.00 53.54 ? 846 TYR A OH    1 
ATOM   1219 N  N     . GLY A 1 156 ? 20.940  3.578   5.268   1.00 50.27 ? 847 GLY A N     1 
ATOM   1220 C  CA    . GLY A 1 156 ? 20.576  4.944   5.641   1.00 49.08 ? 847 GLY A CA    1 
ATOM   1221 C  C     . GLY A 1 156 ? 19.145  5.262   5.210   1.00 48.79 ? 847 GLY A C     1 
ATOM   1222 O  O     . GLY A 1 156 ? 18.466  4.428   4.602   1.00 49.22 ? 847 GLY A O     1 
ATOM   1223 N  N     . VAL A 1 157 ? 18.682  6.468   5.523   1.00 47.74 ? 848 VAL A N     1 
ATOM   1224 C  CA    . VAL A 1 157 ? 17.334  6.884   5.160   1.00 45.43 ? 848 VAL A CA    1 
ATOM   1225 C  C     . VAL A 1 157 ? 17.399  8.177   4.370   1.00 44.87 ? 848 VAL A C     1 
ATOM   1226 O  O     . VAL A 1 157 ? 17.926  9.177   4.870   1.00 45.26 ? 848 VAL A O     1 
ATOM   1227 C  CB    . VAL A 1 157 ? 16.443  7.105   6.414   1.00 46.00 ? 848 VAL A CB    1 
ATOM   1228 C  CG1   . VAL A 1 157 ? 15.012  7.431   6.012   1.00 42.78 ? 848 VAL A CG1   1 
ATOM   1229 C  CG2   . VAL A 1 157 ? 16.473  5.885   7.344   1.00 44.39 ? 848 VAL A CG2   1 
ATOM   1230 N  N     . ALA A 1 158 ? 16.883  8.149   3.139   1.00 43.60 ? 849 ALA A N     1 
ATOM   1231 C  CA    . ALA A 1 158 ? 16.620  9.376   2.365   1.00 42.51 ? 849 ALA A CA    1 
ATOM   1232 C  C     . ALA A 1 158 ? 15.130  9.587   2.072   1.00 42.81 ? 849 ALA A C     1 
ATOM   1233 O  O     . ALA A 1 158 ? 14.365  8.630   1.896   1.00 43.57 ? 849 ALA A O     1 
ATOM   1234 C  CB    . ALA A 1 158 ? 17.400  9.379   1.065   1.00 42.61 ? 849 ALA A CB    1 
ATOM   1235 N  N     . ILE A 1 159 ? 14.718  10.846  2.023   1.00 41.82 ? 850 ILE A N     1 
ATOM   1236 C  CA    . ILE A 1 159 ? 13.430  11.182  1.465   1.00 40.62 ? 850 ILE A CA    1 
ATOM   1237 C  C     . ILE A 1 159 ? 13.575  11.100  -0.049  1.00 41.08 ? 850 ILE A C     1 
ATOM   1238 O  O     . ILE A 1 159 ? 14.468  11.718  -0.641  1.00 41.01 ? 850 ILE A O     1 
ATOM   1239 C  CB    . ILE A 1 159 ? 12.972  12.603  1.859   1.00 40.71 ? 850 ILE A CB    1 
ATOM   1240 C  CG1   . ILE A 1 159 ? 13.245  12.900  3.344   1.00 38.21 ? 850 ILE A CG1   1 
ATOM   1241 C  CG2   . ILE A 1 159 ? 11.512  12.813  1.477   1.00 36.80 ? 850 ILE A CG2   1 
ATOM   1242 C  CD1   . ILE A 1 159 ? 12.324  12.237  4.322   1.00 42.00 ? 850 ILE A CD1   1 
ATOM   1243 N  N     . VAL A 1 160 ? 12.708  10.307  -0.660  1.00 41.16 ? 851 VAL A N     1 
ATOM   1244 C  CA    . VAL A 1 160 ? 12.587  10.224  -2.102  1.00 40.15 ? 851 VAL A CA    1 
ATOM   1245 C  C     . VAL A 1 160 ? 11.219  10.806  -2.456  1.00 40.57 ? 851 VAL A C     1 
ATOM   1246 O  O     . VAL A 1 160 ? 10.258  10.629  -1.703  1.00 40.73 ? 851 VAL A O     1 
ATOM   1247 C  CB    . VAL A 1 160 ? 12.667  8.752   -2.566  1.00 40.30 ? 851 VAL A CB    1 
ATOM   1248 C  CG1   . VAL A 1 160 ? 12.460  8.624   -4.072  1.00 39.84 ? 851 VAL A CG1   1 
ATOM   1249 C  CG2   . VAL A 1 160 ? 13.989  8.147   -2.162  1.00 38.83 ? 851 VAL A CG2   1 
ATOM   1250 N  N     . LEU A 1 161 ? 11.135  11.513  -3.578  1.00 40.85 ? 852 LEU A N     1 
ATOM   1251 C  CA    . LEU A 1 161 ? 9.845   11.932  -4.119  1.00 41.39 ? 852 LEU A CA    1 
ATOM   1252 C  C     . LEU A 1 161 ? 9.322   10.889  -5.110  1.00 41.29 ? 852 LEU A C     1 
ATOM   1253 O  O     . LEU A 1 161 ? 9.615   10.948  -6.299  1.00 41.32 ? 852 LEU A O     1 
ATOM   1254 C  CB    . LEU A 1 161 ? 9.925   13.322  -4.766  1.00 40.15 ? 852 LEU A CB    1 
ATOM   1255 C  CG    . LEU A 1 161 ? 8.709   13.837  -5.553  1.00 39.94 ? 852 LEU A CG    1 
ATOM   1256 C  CD1   . LEU A 1 161 ? 7.389   13.732  -4.791  1.00 38.35 ? 852 LEU A CD1   1 
ATOM   1257 C  CD2   . LEU A 1 161 ? 8.944   15.268  -5.936  1.00 41.99 ? 852 LEU A CD2   1 
ATOM   1258 N  N     . VAL A 1 162 ? 8.555   9.928   -4.605  1.00 42.39 ? 853 VAL A N     1 
ATOM   1259 C  CA    . VAL A 1 162 ? 7.955   8.906   -5.466  1.00 43.01 ? 853 VAL A CA    1 
ATOM   1260 C  C     . VAL A 1 162 ? 6.799   9.524   -6.219  1.00 43.20 ? 853 VAL A C     1 
ATOM   1261 O  O     . VAL A 1 162 ? 5.964   10.199  -5.619  1.00 42.62 ? 853 VAL A O     1 
ATOM   1262 C  CB    . VAL A 1 162 ? 7.399   7.739   -4.663  1.00 42.20 ? 853 VAL A CB    1 
ATOM   1263 C  CG1   . VAL A 1 162 ? 6.954   6.620   -5.587  1.00 44.49 ? 853 VAL A CG1   1 
ATOM   1264 C  CG2   . VAL A 1 162 ? 8.432   7.237   -3.664  1.00 44.21 ? 853 VAL A CG2   1 
ATOM   1265 N  N     . LYS A 1 163 ? 6.770   9.301   -7.527  1.00 43.94 ? 854 LYS A N     1 
ATOM   1266 C  CA    . LYS A 1 163 ? 5.640   9.661   -8.378  1.00 45.54 ? 854 LYS A CA    1 
ATOM   1267 C  C     . LYS A 1 163 ? 5.323   8.496   -9.318  1.00 47.10 ? 854 LYS A C     1 
ATOM   1268 O  O     . LYS A 1 163 ? 4.161   8.173   -9.574  1.00 48.75 ? 854 LYS A O     1 
ATOM   1269 C  CB    . LYS A 1 163 ? 5.945   10.909  -9.199  1.00 45.38 ? 854 LYS A CB    1 
ATOM   1270 C  CG    . LYS A 1 163 ? 6.222   12.164  -8.379  1.00 45.93 ? 854 LYS A CG    1 
ATOM   1271 C  CD    . LYS A 1 163 ? 5.914   13.438  -9.164  1.00 48.27 ? 854 LYS A CD    1 
ATOM   1272 C  CE    . LYS A 1 163 ? 4.436   13.513  -9.551  1.00 50.82 ? 854 LYS A CE    1 
ATOM   1273 N  NZ    . LYS A 1 163 ? 4.053   14.821  -10.171 1.00 51.06 ? 854 LYS A NZ    1 
ATOM   1274 O  OXT   . LYS A 1 163 ? 6.219   7.828   -9.850  1.00 47.52 ? 854 LYS A OXT   1 
HETATM 1275 P  PG    . ATP B 2 .   ? -9.177  -9.162  3.698   1.00 68.17 ? 1   ATP A PG    1 
HETATM 1276 O  O1G   . ATP B 2 .   ? -9.132  -9.036  2.192   1.00 59.55 ? 1   ATP A O1G   1 
HETATM 1277 O  O2G   . ATP B 2 .   ? -8.129  -10.103 4.261   1.00 63.74 ? 1   ATP A O2G   1 
HETATM 1278 O  O3G   . ATP B 2 .   ? -9.379  -7.886  4.466   1.00 63.63 ? 1   ATP A O3G   1 
HETATM 1279 P  PB    . ATP B 2 .   ? -10.893 -11.440 3.622   1.00 70.30 ? 1   ATP A PB    1 
HETATM 1280 O  O1B   . ATP B 2 .   ? -9.759  -11.936 2.726   1.00 66.39 ? 1   ATP A O1B   1 
HETATM 1281 O  O2B   . ATP B 2 .   ? -12.326 -11.499 3.119   1.00 70.86 ? 1   ATP A O2B   1 
HETATM 1282 O  O3B   . ATP B 2 .   ? -10.581 -9.902  4.033   1.00 70.97 ? 1   ATP A O3B   1 
HETATM 1283 P  PA    . ATP B 2 .   ? -10.017 -11.988 6.306   1.00 77.74 ? 1   ATP A PA    1 
HETATM 1284 O  O1A   . ATP B 2 .   ? -10.233 -10.526 6.604   1.00 84.60 ? 1   ATP A O1A   1 
HETATM 1285 O  O2A   . ATP B 2 .   ? -8.630  -12.519 6.002   1.00 79.98 ? 1   ATP A O2A   1 
HETATM 1286 O  O3A   . ATP B 2 .   ? -10.939 -12.292 5.013   1.00 76.68 ? 1   ATP A O3A   1 
HETATM 1287 O  "O5'" . ATP B 2 .   ? -10.695 -12.812 7.510   1.00 75.32 ? 1   ATP A "O5'" 1 
HETATM 1288 C  "C5'" . ATP B 2 .   ? -10.486 -12.427 8.870   1.00 76.74 ? 1   ATP A "C5'" 1 
HETATM 1289 C  "C4'" . ATP B 2 .   ? -11.315 -11.189 9.215   1.00 74.97 ? 1   ATP A "C4'" 1 
HETATM 1290 O  "O4'" . ATP B 2 .   ? -12.313 -10.944 8.218   1.00 76.25 ? 1   ATP A "O4'" 1 
HETATM 1291 C  "C3'" . ATP B 2 .   ? -12.049 -11.340 10.534  1.00 76.92 ? 1   ATP A "C3'" 1 
HETATM 1292 O  "O3'" . ATP B 2 .   ? -11.963 -10.086 11.220  1.00 77.81 ? 1   ATP A "O3'" 1 
HETATM 1293 C  "C2'" . ATP B 2 .   ? -13.492 -11.642 10.171  1.00 75.94 ? 1   ATP A "C2'" 1 
HETATM 1294 O  "O2'" . ATP B 2 .   ? -14.400 -10.909 10.990  1.00 77.67 ? 1   ATP A "O2'" 1 
HETATM 1295 C  "C1'" . ATP B 2 .   ? -13.641 -11.151 8.739   1.00 73.88 ? 1   ATP A "C1'" 1 
HETATM 1296 N  N9    . ATP B 2 .   ? -14.436 -12.095 7.895   1.00 71.45 ? 1   ATP A N9    1 
HETATM 1297 C  C8    . ATP B 2 .   ? -13.928 -13.017 7.054   1.00 71.15 ? 1   ATP A C8    1 
HETATM 1298 N  N7    . ATP B 2 .   ? -14.910 -13.708 6.417   1.00 70.36 ? 1   ATP A N7    1 
HETATM 1299 C  C5    . ATP B 2 .   ? -16.085 -13.216 6.862   1.00 69.79 ? 1   ATP A C5    1 
HETATM 1300 C  C6    . ATP B 2 .   ? -17.524 -13.490 6.598   1.00 72.09 ? 1   ATP A C6    1 
HETATM 1301 N  N6    . ATP B 2 .   ? -17.884 -14.459 5.709   1.00 70.26 ? 1   ATP A N6    1 
HETATM 1302 N  N1    . ATP B 2 .   ? -18.446 -12.744 7.270   1.00 70.69 ? 1   ATP A N1    1 
HETATM 1303 C  C2    . ATP B 2 .   ? -18.085 -11.781 8.147   1.00 69.71 ? 1   ATP A C2    1 
HETATM 1304 N  N3    . ATP B 2 .   ? -16.795 -11.481 8.429   1.00 69.71 ? 1   ATP A N3    1 
HETATM 1305 C  C4    . ATP B 2 .   ? -15.770 -12.152 7.833   1.00 68.68 ? 1   ATP A C4    1 
HETATM 1306 MG MG    . MG  C 3 .   ? -7.489  -11.703 2.696   1.00 74.43 ? 855 MG  A MG    1 
HETATM 1307 O  O     . HOH D 4 .   ? 9.979   1.251   -11.876 1.00 56.26 ? 2   HOH A O     1 
HETATM 1308 O  O     . HOH D 4 .   ? 8.446   4.978   4.379   1.00 54.85 ? 3   HOH A O     1 
HETATM 1309 O  O     . HOH D 4 .   ? 4.589   12.820  1.894   1.00 49.95 ? 856 HOH A O     1 
# 
loop_
_pdbx_poly_seq_scheme.asym_id 
_pdbx_poly_seq_scheme.entity_id 
_pdbx_poly_seq_scheme.seq_id 
_pdbx_poly_seq_scheme.mon_id 
_pdbx_poly_seq_scheme.ndb_seq_num 
_pdbx_poly_seq_scheme.pdb_seq_num 
_pdbx_poly_seq_scheme.auth_seq_num 
_pdbx_poly_seq_scheme.pdb_mon_id 
_pdbx_poly_seq_scheme.auth_mon_id 
_pdbx_poly_seq_scheme.pdb_strand_id 
_pdbx_poly_seq_scheme.pdb_ins_code 
_pdbx_poly_seq_scheme.hetero 
A 1 1   ASP 1   692 692 ASP ASP A . n 
A 1 2   PHE 2   693 693 PHE PHE A . n 
A 1 3   ALA 3   694 694 ALA ALA A . n 
A 1 4   GLU 4   695 695 GLU GLU A . n 
A 1 5   TYR 5   696 696 TYR TYR A . n 
A 1 6   PHE 6   697 697 PHE PHE A . n 
A 1 7   GLU 7   698 698 GLU GLU A . n 
A 1 8   SER 8   699 699 SER SER A . n 
A 1 9   LEU 9   700 700 LEU LEU A . n 
A 1 10  GLY 10  701 701 GLY GLY A . n 
A 1 11  GLY 11  702 702 GLY GLY A . n 
A 1 12  GLN 12  703 703 GLN GLN A . n 
A 1 13  VAL 13  704 704 VAL VAL A . n 
A 1 14  ILE 14  705 705 ILE ILE A . n 
A 1 15  GLU 15  706 706 GLU GLU A . n 
A 1 16  THR 16  707 707 THR THR A . n 
A 1 17  GLY 17  708 708 GLY GLY A . n 
A 1 18  TYR 18  709 709 TYR TYR A . n 
A 1 19  LEU 19  710 710 LEU LEU A . n 
A 1 20  VAL 20  711 711 VAL VAL A . n 
A 1 21  THR 21  712 712 THR THR A . n 
A 1 22  LEU 22  713 713 LEU LEU A . n 
A 1 23  GLU 23  714 714 GLU GLU A . n 
A 1 24  LYS 24  715 715 LYS LYS A . n 
A 1 25  GLY 25  716 716 GLY GLY A . n 
A 1 26  LYS 26  717 717 LYS LYS A . n 
A 1 27  ILE 27  718 718 ILE ILE A . n 
A 1 28  ARG 28  719 719 ARG ARG A . n 
A 1 29  LYS 29  720 720 LYS LYS A . n 
A 1 30  ALA 30  721 721 ALA ALA A . n 
A 1 31  GLU 31  722 722 GLU GLU A . n 
A 1 32  LYS 32  723 723 LYS LYS A . n 
A 1 33  GLY 33  724 724 GLY GLY A . n 
A 1 34  GLU 34  725 725 GLU GLU A . n 
A 1 35  LYS 35  726 726 LYS LYS A . n 
A 1 36  ILE 36  727 727 ILE ILE A . n 
A 1 37  ILE 37  728 728 ILE ILE A . n 
A 1 38  GLY 38  729 729 GLY GLY A . n 
A 1 39  VAL 39  730 730 VAL VAL A . n 
A 1 40  ILE 40  731 731 ILE ILE A . n 
A 1 41  SER 41  732 732 SER SER A . n 
A 1 42  GLU 42  733 733 GLU GLU A . n 
A 1 43  THR 43  734 734 THR THR A . n 
A 1 44  ALA 44  735 735 ALA ALA A . n 
A 1 45  GLY 45  736 736 GLY GLY A . n 
A 1 46  PHE 46  737 737 PHE PHE A . n 
A 1 47  VAL 47  738 738 VAL VAL A . n 
A 1 48  LEU 48  739 739 LEU LEU A . n 
A 1 49  GLY 49  740 740 GLY GLY A . n 
A 1 50  GLU 50  741 741 GLU GLU A . n 
A 1 51  SER 51  742 742 SER SER A . n 
A 1 52  SER 52  743 743 SER SER A . n 
A 1 53  PHE 53  744 744 PHE PHE A . n 
A 1 54  GLU 54  745 745 GLU GLU A . n 
A 1 55  TRP 55  746 746 TRP TRP A . n 
A 1 56  GLN 56  747 747 GLN GLN A . n 
A 1 57  GLY 57  748 748 GLY GLY A . n 
A 1 58  ALA 58  749 749 ALA ALA A . n 
A 1 59  VAL 59  750 750 VAL VAL A . n 
A 1 60  LEU 60  751 751 LEU LEU A . n 
A 1 61  LYS 61  752 752 LYS LYS A . n 
A 1 62  ASN 62  753 753 ASN ASN A . n 
A 1 63  GLU 63  754 754 GLU GLU A . n 
A 1 64  PHE 64  755 755 PHE PHE A . n 
A 1 65  GLY 65  756 756 GLY GLY A . n 
A 1 66  GLY 66  757 757 GLY GLY A . n 
A 1 67  ILE 67  758 758 ILE ILE A . n 
A 1 68  ILE 68  759 759 ILE ILE A . n 
A 1 69  TYR 69  760 760 TYR TYR A . n 
A 1 70  GLU 70  761 761 GLU GLU A . n 
A 1 71  GLU 71  762 762 GLU GLU A . n 
A 1 72  VAL 72  763 763 VAL VAL A . n 
A 1 73  THR 73  764 764 THR THR A . n 
A 1 74  THR 74  765 765 THR THR A . n 
A 1 75  GLU 75  766 766 GLU GLU A . n 
A 1 76  ASP 76  767 767 ASP ASP A . n 
A 1 77  GLY 77  768 768 GLY GLY A . n 
A 1 78  VAL 78  769 769 VAL VAL A . n 
A 1 79  LYS 79  770 770 LYS LYS A . n 
A 1 80  PHE 80  771 771 PHE PHE A . n 
A 1 81  LYS 81  772 772 LYS LYS A . n 
A 1 82  ARG 82  773 773 ARG ARG A . n 
A 1 83  PRO 83  774 774 PRO PRO A . n 
A 1 84  LEU 84  775 775 LEU LEU A . n 
A 1 85  PRO 85  776 776 PRO PRO A . n 
A 1 86  ASN 86  777 777 ASN ASN A . n 
A 1 87  PRO 87  778 778 PRO PRO A . n 
A 1 88  ASP 88  779 779 ASP ASP A . n 
A 1 89  PHE 89  780 780 PHE PHE A . n 
A 1 90  ASP 90  781 781 ASP ASP A . n 
A 1 91  PRO 91  782 782 PRO PRO A . n 
A 1 92  ASN 92  783 783 ASN ASN A . n 
A 1 93  LYS 93  784 784 LYS LYS A . n 
A 1 94  ASN 94  785 785 ASN ASN A . n 
A 1 95  TYR 95  786 786 TYR TYR A . n 
A 1 96  ILE 96  787 787 ILE ILE A . n 
A 1 97  PRO 97  788 788 PRO PRO A . n 
A 1 98  ARG 98  789 789 ARG ARG A . n 
A 1 99  SER 99  790 790 SER SER A . n 
A 1 100 GLN 100 791 791 GLN GLN A . n 
A 1 101 ARG 101 792 792 ARG ARG A . n 
A 1 102 ARG 102 793 793 ARG ARG A . n 
A 1 103 GLU 103 794 794 GLU GLU A . n 
A 1 104 TRP 104 795 795 TRP TRP A . n 
A 1 105 HIS 105 796 796 HIS HIS A . n 
A 1 106 VAL 106 797 797 VAL VAL A . n 
A 1 107 VAL 107 798 798 VAL VAL A . n 
A 1 108 GLY 108 799 799 GLY GLY A . n 
A 1 109 LEU 109 800 800 LEU LEU A . n 
A 1 110 LEU 110 801 801 LEU LEU A . n 
A 1 111 GLY 111 802 802 GLY GLY A . n 
A 1 112 GLN 112 803 803 GLN GLN A . n 
A 1 113 ILE 113 804 804 ILE ILE A . n 
A 1 114 ALA 114 805 805 ALA ALA A . n 
A 1 115 VAL 115 806 806 VAL VAL A . n 
A 1 116 ARG 116 807 807 ARG ARG A . n 
A 1 117 ILE 117 808 808 ILE ILE A . n 
A 1 118 ASP 118 809 809 ASP ASP A . n 
A 1 119 GLU 119 810 810 GLU GLU A . n 
A 1 120 THR 120 811 811 THR THR A . n 
A 1 121 VAL 121 812 812 VAL VAL A . n 
A 1 122 LYS 122 813 813 LYS LYS A . n 
A 1 123 GLN 123 814 814 GLN GLN A . n 
A 1 124 GLY 124 815 815 GLY GLY A . n 
A 1 125 HIS 125 816 816 HIS HIS A . n 
A 1 126 SER 126 817 817 SER SER A . n 
A 1 127 ILE 127 818 818 ILE ILE A . n 
A 1 128 ASP 128 819 819 ASP ASP A . n 
A 1 129 ALA 129 820 820 ALA ALA A . n 
A 1 130 VAL 130 821 821 VAL VAL A . n 
A 1 131 GLY 131 822 822 GLY GLY A . n 
A 1 132 GLY 132 823 823 GLY GLY A . n 
A 1 133 VAL 133 824 824 VAL VAL A . n 
A 1 134 ALA 134 825 825 ALA ALA A . n 
A 1 135 THR 135 826 826 THR THR A . n 
A 1 136 ASP 136 827 827 ASP ASP A . n 
A 1 137 GLY 137 828 828 GLY GLY A . n 
A 1 138 ASP 138 829 829 ASP ASP A . n 
A 1 139 ASN 139 830 830 ASN ASN A . n 
A 1 140 PHE 140 831 831 PHE PHE A . n 
A 1 141 ILE 141 832 832 ILE ILE A . n 
A 1 142 VAL 142 833 833 VAL VAL A . n 
A 1 143 GLN 143 834 834 GLN GLN A . n 
A 1 144 GLU 144 835 835 GLU GLU A . n 
A 1 145 ILE 145 836 836 ILE ILE A . n 
A 1 146 THR 146 837 837 THR THR A . n 
A 1 147 THR 147 838 838 THR THR A . n 
A 1 148 PRO 148 839 839 PRO PRO A . n 
A 1 149 TYR 149 840 840 TYR TYR A . n 
A 1 150 THR 150 841 841 THR THR A . n 
A 1 151 LYS 151 842 842 LYS LYS A . n 
A 1 152 GLU 152 843 843 GLU GLU A . n 
A 1 153 LYS 153 844 844 LYS LYS A . n 
A 1 154 GLY 154 845 845 GLY GLY A . n 
A 1 155 TYR 155 846 846 TYR TYR A . n 
A 1 156 GLY 156 847 847 GLY GLY A . n 
A 1 157 VAL 157 848 848 VAL VAL A . n 
A 1 158 ALA 158 849 849 ALA ALA A . n 
A 1 159 ILE 159 850 850 ILE ILE A . n 
A 1 160 VAL 160 851 851 VAL VAL A . n 
A 1 161 LEU 161 852 852 LEU LEU A . n 
A 1 162 VAL 162 853 853 VAL VAL A . n 
A 1 163 LYS 163 854 854 LYS LYS A . n 
# 
loop_
_pdbx_nonpoly_scheme.asym_id 
_pdbx_nonpoly_scheme.entity_id 
_pdbx_nonpoly_scheme.mon_id 
_pdbx_nonpoly_scheme.ndb_seq_num 
_pdbx_nonpoly_scheme.pdb_seq_num 
_pdbx_nonpoly_scheme.auth_seq_num 
_pdbx_nonpoly_scheme.pdb_mon_id 
_pdbx_nonpoly_scheme.auth_mon_id 
_pdbx_nonpoly_scheme.pdb_strand_id 
_pdbx_nonpoly_scheme.pdb_ins_code 
B 2 ATP 1 1   1 ATP ATP A . 
C 3 MG  1 855 1 MG  MG  A . 
D 4 HOH 1 2   2 HOH HOH A . 
D 4 HOH 2 3   3 HOH HOH A . 
D 4 HOH 3 856 1 HOH HOH A . 
# 
_pdbx_struct_assembly.id                   1 
_pdbx_struct_assembly.details              author_and_software_defined_assembly 
_pdbx_struct_assembly.method_details       PISA 
_pdbx_struct_assembly.oligomeric_details   trimeric 
_pdbx_struct_assembly.oligomeric_count     3 
# 
_pdbx_struct_assembly_gen.assembly_id       1 
_pdbx_struct_assembly_gen.oper_expression   1,2,3 
_pdbx_struct_assembly_gen.asym_id_list      A,B,C,D 
# 
loop_
_pdbx_struct_assembly_prop.biol_id 
_pdbx_struct_assembly_prop.type 
_pdbx_struct_assembly_prop.value 
_pdbx_struct_assembly_prop.details 
1 'ABSA (A^2)' 8110  ? 
1 MORE         -62   ? 
1 'SSA (A^2)'  24940 ? 
# 
loop_
_pdbx_struct_oper_list.id 
_pdbx_struct_oper_list.type 
_pdbx_struct_oper_list.name 
_pdbx_struct_oper_list.symmetry_operation 
_pdbx_struct_oper_list.matrix[1][1] 
_pdbx_struct_oper_list.matrix[1][2] 
_pdbx_struct_oper_list.matrix[1][3] 
_pdbx_struct_oper_list.vector[1] 
_pdbx_struct_oper_list.matrix[2][1] 
_pdbx_struct_oper_list.matrix[2][2] 
_pdbx_struct_oper_list.matrix[2][3] 
_pdbx_struct_oper_list.vector[2] 
_pdbx_struct_oper_list.matrix[3][1] 
_pdbx_struct_oper_list.matrix[3][2] 
_pdbx_struct_oper_list.matrix[3][3] 
_pdbx_struct_oper_list.vector[3] 
1 'identity operation'         1_555 x,y,z 1.0000000000 0.0000000000  0.0000000000  0.0000000000   0.0000000000  1.0000000000  0.0000000000  0.0000000000  0.0000000000  0.0000000000  1.0000000000 0.0000000000   
2 'crystal symmetry operation' 5_555 z,x,y 0.1068783626 0.4307917205  -0.8961001669 -12.0154010366 -0.8503164382 -0.4274974197 -0.3069330725 11.5113010063 -0.5153047356 0.7947732065  0.3206190571 -13.7544152536 
3 'crystal symmetry operation' 9_555 y,z,x 0.1068783626 -0.8503164382 -0.5153047356 3.9847195447   0.4307917205  -0.4274974197 0.7947732065  21.0288274765 -0.8961001669 -0.3069330725 0.3206190571 -2.8238762382 
# 
_pdbx_struct_conn_angle.id                    1 
_pdbx_struct_conn_angle.ptnr1_label_atom_id   O2G 
_pdbx_struct_conn_angle.ptnr1_label_alt_id    ? 
_pdbx_struct_conn_angle.ptnr1_label_asym_id   B 
_pdbx_struct_conn_angle.ptnr1_label_comp_id   ATP 
_pdbx_struct_conn_angle.ptnr1_label_seq_id    . 
_pdbx_struct_conn_angle.ptnr1_auth_atom_id    ? 
_pdbx_struct_conn_angle.ptnr1_auth_asym_id    A 
_pdbx_struct_conn_angle.ptnr1_auth_comp_id    ATP 
_pdbx_struct_conn_angle.ptnr1_auth_seq_id     1 
_pdbx_struct_conn_angle.ptnr1_PDB_ins_code    ? 
_pdbx_struct_conn_angle.ptnr1_symmetry        1_555 
_pdbx_struct_conn_angle.ptnr2_label_atom_id   MG 
_pdbx_struct_conn_angle.ptnr2_label_alt_id    ? 
_pdbx_struct_conn_angle.ptnr2_label_asym_id   C 
_pdbx_struct_conn_angle.ptnr2_label_comp_id   MG 
_pdbx_struct_conn_angle.ptnr2_label_seq_id    . 
_pdbx_struct_conn_angle.ptnr2_auth_atom_id    ? 
_pdbx_struct_conn_angle.ptnr2_auth_asym_id    A 
_pdbx_struct_conn_angle.ptnr2_auth_comp_id    MG 
_pdbx_struct_conn_angle.ptnr2_auth_seq_id     855 
_pdbx_struct_conn_angle.ptnr2_PDB_ins_code    ? 
_pdbx_struct_conn_angle.ptnr2_symmetry        1_555 
_pdbx_struct_conn_angle.ptnr3_label_atom_id   O1B 
_pdbx_struct_conn_angle.ptnr3_label_alt_id    ? 
_pdbx_struct_conn_angle.ptnr3_label_asym_id   B 
_pdbx_struct_conn_angle.ptnr3_label_comp_id   ATP 
_pdbx_struct_conn_angle.ptnr3_label_seq_id    . 
_pdbx_struct_conn_angle.ptnr3_auth_atom_id    ? 
_pdbx_struct_conn_angle.ptnr3_auth_asym_id    A 
_pdbx_struct_conn_angle.ptnr3_auth_comp_id    ATP 
_pdbx_struct_conn_angle.ptnr3_auth_seq_id     1 
_pdbx_struct_conn_angle.ptnr3_PDB_ins_code    ? 
_pdbx_struct_conn_angle.ptnr3_symmetry        1_555 
_pdbx_struct_conn_angle.value                 77.7 
_pdbx_struct_conn_angle.value_esd             ? 
# 
loop_
_pdbx_audit_revision_history.ordinal 
_pdbx_audit_revision_history.data_content_type 
_pdbx_audit_revision_history.major_revision 
_pdbx_audit_revision_history.minor_revision 
_pdbx_audit_revision_history.revision_date 
1 'Structure model' 1 0 2009-05-26 
2 'Structure model' 1 1 2011-07-13 
3 'Structure model' 1 2 2012-03-21 
4 'Structure model' 1 3 2017-11-01 
5 'Structure model' 1 4 2023-09-06 
# 
_pdbx_audit_revision_details.ordinal             1 
_pdbx_audit_revision_details.revision_ordinal    1 
_pdbx_audit_revision_details.data_content_type   'Structure model' 
_pdbx_audit_revision_details.provider            repository 
_pdbx_audit_revision_details.type                'Initial release' 
_pdbx_audit_revision_details.description         ? 
_pdbx_audit_revision_details.details             ? 
# 
loop_
_pdbx_audit_revision_group.ordinal 
_pdbx_audit_revision_group.revision_ordinal 
_pdbx_audit_revision_group.data_content_type 
_pdbx_audit_revision_group.group 
1 2 'Structure model' Advisory                    
2 2 'Structure model' 'Version format compliance' 
3 3 'Structure model' 'Database references'       
4 4 'Structure model' 'Refinement description'    
5 5 'Structure model' 'Data collection'           
6 5 'Structure model' 'Database references'       
7 5 'Structure model' 'Derived calculations'      
8 5 'Structure model' 'Refinement description'    
# 
loop_
_pdbx_audit_revision_category.ordinal 
_pdbx_audit_revision_category.revision_ordinal 
_pdbx_audit_revision_category.data_content_type 
_pdbx_audit_revision_category.category 
1 4 'Structure model' software                      
2 5 'Structure model' chem_comp_atom                
3 5 'Structure model' chem_comp_bond                
4 5 'Structure model' database_2                    
5 5 'Structure model' pdbx_initial_refinement_model 
6 5 'Structure model' struct_site                   
# 
loop_
_pdbx_audit_revision_item.ordinal 
_pdbx_audit_revision_item.revision_ordinal 
_pdbx_audit_revision_item.data_content_type 
_pdbx_audit_revision_item.item 
1 5 'Structure model' '_database_2.pdbx_DOI'                
2 5 'Structure model' '_database_2.pdbx_database_accession' 
3 5 'Structure model' '_struct_site.pdbx_auth_asym_id'      
4 5 'Structure model' '_struct_site.pdbx_auth_comp_id'      
5 5 'Structure model' '_struct_site.pdbx_auth_seq_id'       
# 
loop_
_pdbx_refine_tls.id 
_pdbx_refine_tls.details 
_pdbx_refine_tls.method 
_pdbx_refine_tls.origin_x 
_pdbx_refine_tls.origin_y 
_pdbx_refine_tls.origin_z 
_pdbx_refine_tls.T[1][1] 
_pdbx_refine_tls.T[2][2] 
_pdbx_refine_tls.T[3][3] 
_pdbx_refine_tls.T[1][2] 
_pdbx_refine_tls.T[1][3] 
_pdbx_refine_tls.T[2][3] 
_pdbx_refine_tls.L[1][1] 
_pdbx_refine_tls.L[2][2] 
_pdbx_refine_tls.L[3][3] 
_pdbx_refine_tls.L[1][2] 
_pdbx_refine_tls.L[1][3] 
_pdbx_refine_tls.L[2][3] 
_pdbx_refine_tls.S[1][1] 
_pdbx_refine_tls.S[2][2] 
_pdbx_refine_tls.S[3][3] 
_pdbx_refine_tls.S[1][2] 
_pdbx_refine_tls.S[1][3] 
_pdbx_refine_tls.S[2][3] 
_pdbx_refine_tls.S[2][1] 
_pdbx_refine_tls.S[3][1] 
_pdbx_refine_tls.S[3][2] 
_pdbx_refine_tls.pdbx_refine_id 
1 ? refined 9.5072   1.4997  -0.0629 0.1177 0.2864 0.5623 0.1513  -0.0907 0.0027 9.1631  8.6298 6.6488 0.4037 1.8600 -0.1592 0.4106 -0.1966 -0.2140 0.3122  -1.4086 -1.6943 0.0790 0.7017 1.1960  'X-RAY DIFFRACTION' 
2 ? refined -24.3048 -4.3489 0.6883  0.6783 0.7118 0.7034 -0.1402 -0.1324 0.0886 10.6734 1.1312 4.0537 3.2645 2.4257 0.0601  0.0582 -0.3360 0.2778  -1.7045 -0.8611 -0.0571 0.7015 0.0230 -0.9390 'X-RAY DIFFRACTION' 
# 
loop_
_pdbx_refine_tls_group.id 
_pdbx_refine_tls_group.refine_tls_id 
_pdbx_refine_tls_group.beg_auth_asym_id 
_pdbx_refine_tls_group.end_auth_asym_id 
_pdbx_refine_tls_group.end_auth_seq_id 
_pdbx_refine_tls_group.selection 
_pdbx_refine_tls_group.beg_auth_seq_id 
_pdbx_refine_tls_group.beg_label_asym_id 
_pdbx_refine_tls_group.beg_label_seq_id 
_pdbx_refine_tls_group.end_label_asym_id 
_pdbx_refine_tls_group.end_label_seq_id 
_pdbx_refine_tls_group.pdbx_refine_id 
_pdbx_refine_tls_group.selection_details 
1 1 A A 741 ? 692 . . . . 'X-RAY DIFFRACTION' ? 
2 1 A A 854 ? 789 . . . . 'X-RAY DIFFRACTION' ? 
3 2 A A 788 ? 742 . . . . 'X-RAY DIFFRACTION' ? 
# 
loop_
_software.name 
_software.version 
_software.date 
_software.type 
_software.contact_author 
_software.contact_author_email 
_software.classification 
_software.location 
_software.language 
_software.citation_id 
_software.pdbx_ordinal 
DENZO       .        ?               package 'Zbyszek Otwinowski' hkl@hkl-xray.com      'data reduction'  http://www.hkl-xray.com/ 
?          ? 1 
SCALEPACK   .        ?               package 'Zbyszek Otwinowski' hkl@hkl-xray.com      'data scaling'    http://www.hkl-xray.com/ 
?          ? 2 
REFMAC      5.2.0019 ?               program 'Garib N. Murshudov' garib@ysbl.york.ac.uk refinement        
http://www.ccp4.ac.uk/dist/html/refmac5.html Fortran_77 ? 3 
PDB_EXTRACT 3.006    'June 11, 2008' package PDB                  help@deposit.rcsb.org 'data extraction' 
http://sw-tools.pdb.org/apps/PDB_EXTRACT/    C++        ? 4 
HKL-2000    .        ?               ?       ?                    ?                     'data reduction'  ? ?          ? 5 
HKL-2000    .        ?               ?       ?                    ?                     'data scaling'    ? ?          ? 6 
# 
_pdbx_entry_details.entry_id                 3GQK 
_pdbx_entry_details.sequence_details         'THESE MUTATIONS MIGHT BE AN ACCUMULATED RESULT OF THE PHAGE PASSAGING' 
_pdbx_entry_details.compound_details         ? 
_pdbx_entry_details.source_details           ? 
_pdbx_entry_details.nonpolymer_details       ? 
_pdbx_entry_details.has_ligand_of_interest   ? 
# 
_pdbx_validate_rmsd_angle.id                         1 
_pdbx_validate_rmsd_angle.PDB_model_num              1 
_pdbx_validate_rmsd_angle.auth_atom_id_1             N 
_pdbx_validate_rmsd_angle.auth_asym_id_1             A 
_pdbx_validate_rmsd_angle.auth_comp_id_1             SER 
_pdbx_validate_rmsd_angle.auth_seq_id_1              743 
_pdbx_validate_rmsd_angle.PDB_ins_code_1             ? 
_pdbx_validate_rmsd_angle.label_alt_id_1             ? 
_pdbx_validate_rmsd_angle.auth_atom_id_2             CA 
_pdbx_validate_rmsd_angle.auth_asym_id_2             A 
_pdbx_validate_rmsd_angle.auth_comp_id_2             SER 
_pdbx_validate_rmsd_angle.auth_seq_id_2              743 
_pdbx_validate_rmsd_angle.PDB_ins_code_2             ? 
_pdbx_validate_rmsd_angle.label_alt_id_2             ? 
_pdbx_validate_rmsd_angle.auth_atom_id_3             C 
_pdbx_validate_rmsd_angle.auth_asym_id_3             A 
_pdbx_validate_rmsd_angle.auth_comp_id_3             SER 
_pdbx_validate_rmsd_angle.auth_seq_id_3              743 
_pdbx_validate_rmsd_angle.PDB_ins_code_3             ? 
_pdbx_validate_rmsd_angle.label_alt_id_3             ? 
_pdbx_validate_rmsd_angle.angle_value                127.74 
_pdbx_validate_rmsd_angle.angle_target_value         111.00 
_pdbx_validate_rmsd_angle.angle_deviation            16.74 
_pdbx_validate_rmsd_angle.angle_standard_deviation   2.70 
_pdbx_validate_rmsd_angle.linker_flag                N 
# 
loop_
_pdbx_validate_torsion.id 
_pdbx_validate_torsion.PDB_model_num 
_pdbx_validate_torsion.auth_comp_id 
_pdbx_validate_torsion.auth_asym_id 
_pdbx_validate_torsion.auth_seq_id 
_pdbx_validate_torsion.PDB_ins_code 
_pdbx_validate_torsion.label_alt_id 
_pdbx_validate_torsion.phi 
_pdbx_validate_torsion.psi 
1 1 GLN A 703 ? ? -52.64  -155.57 
2 1 LYS A 715 ? ? 37.07   60.08   
3 1 PHE A 744 ? ? 148.07  -71.53  
4 1 GLN A 747 ? ? -48.22  -19.06  
5 1 ASN A 753 ? ? -71.07  -167.09 
6 1 THR A 765 ? ? -137.54 -118.83 
7 1 ASP A 767 ? ? 49.76   13.38   
8 1 PHE A 831 ? ? 56.44   -171.12 
# 
_pdbx_validate_peptide_omega.id               1 
_pdbx_validate_peptide_omega.PDB_model_num    1 
_pdbx_validate_peptide_omega.auth_comp_id_1   SER 
_pdbx_validate_peptide_omega.auth_asym_id_1   A 
_pdbx_validate_peptide_omega.auth_seq_id_1    743 
_pdbx_validate_peptide_omega.PDB_ins_code_1   ? 
_pdbx_validate_peptide_omega.label_alt_id_1   ? 
_pdbx_validate_peptide_omega.auth_comp_id_2   PHE 
_pdbx_validate_peptide_omega.auth_asym_id_2   A 
_pdbx_validate_peptide_omega.auth_seq_id_2    744 
_pdbx_validate_peptide_omega.PDB_ins_code_2   ? 
_pdbx_validate_peptide_omega.label_alt_id_2   ? 
_pdbx_validate_peptide_omega.omega            -59.90 
# 
loop_
_chem_comp_atom.comp_id 
_chem_comp_atom.atom_id 
_chem_comp_atom.type_symbol 
_chem_comp_atom.pdbx_aromatic_flag 
_chem_comp_atom.pdbx_stereo_config 
_chem_comp_atom.pdbx_ordinal 
ALA N      N  N N 1   
ALA CA     C  N S 2   
ALA C      C  N N 3   
ALA O      O  N N 4   
ALA CB     C  N N 5   
ALA OXT    O  N N 6   
ALA H      H  N N 7   
ALA H2     H  N N 8   
ALA HA     H  N N 9   
ALA HB1    H  N N 10  
ALA HB2    H  N N 11  
ALA HB3    H  N N 12  
ALA HXT    H  N N 13  
ARG N      N  N N 14  
ARG CA     C  N S 15  
ARG C      C  N N 16  
ARG O      O  N N 17  
ARG CB     C  N N 18  
ARG CG     C  N N 19  
ARG CD     C  N N 20  
ARG NE     N  N N 21  
ARG CZ     C  N N 22  
ARG NH1    N  N N 23  
ARG NH2    N  N N 24  
ARG OXT    O  N N 25  
ARG H      H  N N 26  
ARG H2     H  N N 27  
ARG HA     H  N N 28  
ARG HB2    H  N N 29  
ARG HB3    H  N N 30  
ARG HG2    H  N N 31  
ARG HG3    H  N N 32  
ARG HD2    H  N N 33  
ARG HD3    H  N N 34  
ARG HE     H  N N 35  
ARG HH11   H  N N 36  
ARG HH12   H  N N 37  
ARG HH21   H  N N 38  
ARG HH22   H  N N 39  
ARG HXT    H  N N 40  
ASN N      N  N N 41  
ASN CA     C  N S 42  
ASN C      C  N N 43  
ASN O      O  N N 44  
ASN CB     C  N N 45  
ASN CG     C  N N 46  
ASN OD1    O  N N 47  
ASN ND2    N  N N 48  
ASN OXT    O  N N 49  
ASN H      H  N N 50  
ASN H2     H  N N 51  
ASN HA     H  N N 52  
ASN HB2    H  N N 53  
ASN HB3    H  N N 54  
ASN HD21   H  N N 55  
ASN HD22   H  N N 56  
ASN HXT    H  N N 57  
ASP N      N  N N 58  
ASP CA     C  N S 59  
ASP C      C  N N 60  
ASP O      O  N N 61  
ASP CB     C  N N 62  
ASP CG     C  N N 63  
ASP OD1    O  N N 64  
ASP OD2    O  N N 65  
ASP OXT    O  N N 66  
ASP H      H  N N 67  
ASP H2     H  N N 68  
ASP HA     H  N N 69  
ASP HB2    H  N N 70  
ASP HB3    H  N N 71  
ASP HD2    H  N N 72  
ASP HXT    H  N N 73  
ATP PG     P  N N 74  
ATP O1G    O  N N 75  
ATP O2G    O  N N 76  
ATP O3G    O  N N 77  
ATP PB     P  N R 78  
ATP O1B    O  N N 79  
ATP O2B    O  N N 80  
ATP O3B    O  N N 81  
ATP PA     P  N R 82  
ATP O1A    O  N N 83  
ATP O2A    O  N N 84  
ATP O3A    O  N N 85  
ATP "O5'"  O  N N 86  
ATP "C5'"  C  N N 87  
ATP "C4'"  C  N R 88  
ATP "O4'"  O  N N 89  
ATP "C3'"  C  N S 90  
ATP "O3'"  O  N N 91  
ATP "C2'"  C  N R 92  
ATP "O2'"  O  N N 93  
ATP "C1'"  C  N R 94  
ATP N9     N  Y N 95  
ATP C8     C  Y N 96  
ATP N7     N  Y N 97  
ATP C5     C  Y N 98  
ATP C6     C  Y N 99  
ATP N6     N  N N 100 
ATP N1     N  Y N 101 
ATP C2     C  Y N 102 
ATP N3     N  Y N 103 
ATP C4     C  Y N 104 
ATP HOG2   H  N N 105 
ATP HOG3   H  N N 106 
ATP HOB2   H  N N 107 
ATP HOA2   H  N N 108 
ATP "H5'1" H  N N 109 
ATP "H5'2" H  N N 110 
ATP "H4'"  H  N N 111 
ATP "H3'"  H  N N 112 
ATP "HO3'" H  N N 113 
ATP "H2'"  H  N N 114 
ATP "HO2'" H  N N 115 
ATP "H1'"  H  N N 116 
ATP H8     H  N N 117 
ATP HN61   H  N N 118 
ATP HN62   H  N N 119 
ATP H2     H  N N 120 
GLN N      N  N N 121 
GLN CA     C  N S 122 
GLN C      C  N N 123 
GLN O      O  N N 124 
GLN CB     C  N N 125 
GLN CG     C  N N 126 
GLN CD     C  N N 127 
GLN OE1    O  N N 128 
GLN NE2    N  N N 129 
GLN OXT    O  N N 130 
GLN H      H  N N 131 
GLN H2     H  N N 132 
GLN HA     H  N N 133 
GLN HB2    H  N N 134 
GLN HB3    H  N N 135 
GLN HG2    H  N N 136 
GLN HG3    H  N N 137 
GLN HE21   H  N N 138 
GLN HE22   H  N N 139 
GLN HXT    H  N N 140 
GLU N      N  N N 141 
GLU CA     C  N S 142 
GLU C      C  N N 143 
GLU O      O  N N 144 
GLU CB     C  N N 145 
GLU CG     C  N N 146 
GLU CD     C  N N 147 
GLU OE1    O  N N 148 
GLU OE2    O  N N 149 
GLU OXT    O  N N 150 
GLU H      H  N N 151 
GLU H2     H  N N 152 
GLU HA     H  N N 153 
GLU HB2    H  N N 154 
GLU HB3    H  N N 155 
GLU HG2    H  N N 156 
GLU HG3    H  N N 157 
GLU HE2    H  N N 158 
GLU HXT    H  N N 159 
GLY N      N  N N 160 
GLY CA     C  N N 161 
GLY C      C  N N 162 
GLY O      O  N N 163 
GLY OXT    O  N N 164 
GLY H      H  N N 165 
GLY H2     H  N N 166 
GLY HA2    H  N N 167 
GLY HA3    H  N N 168 
GLY HXT    H  N N 169 
HIS N      N  N N 170 
HIS CA     C  N S 171 
HIS C      C  N N 172 
HIS O      O  N N 173 
HIS CB     C  N N 174 
HIS CG     C  Y N 175 
HIS ND1    N  Y N 176 
HIS CD2    C  Y N 177 
HIS CE1    C  Y N 178 
HIS NE2    N  Y N 179 
HIS OXT    O  N N 180 
HIS H      H  N N 181 
HIS H2     H  N N 182 
HIS HA     H  N N 183 
HIS HB2    H  N N 184 
HIS HB3    H  N N 185 
HIS HD1    H  N N 186 
HIS HD2    H  N N 187 
HIS HE1    H  N N 188 
HIS HE2    H  N N 189 
HIS HXT    H  N N 190 
HOH O      O  N N 191 
HOH H1     H  N N 192 
HOH H2     H  N N 193 
ILE N      N  N N 194 
ILE CA     C  N S 195 
ILE C      C  N N 196 
ILE O      O  N N 197 
ILE CB     C  N S 198 
ILE CG1    C  N N 199 
ILE CG2    C  N N 200 
ILE CD1    C  N N 201 
ILE OXT    O  N N 202 
ILE H      H  N N 203 
ILE H2     H  N N 204 
ILE HA     H  N N 205 
ILE HB     H  N N 206 
ILE HG12   H  N N 207 
ILE HG13   H  N N 208 
ILE HG21   H  N N 209 
ILE HG22   H  N N 210 
ILE HG23   H  N N 211 
ILE HD11   H  N N 212 
ILE HD12   H  N N 213 
ILE HD13   H  N N 214 
ILE HXT    H  N N 215 
LEU N      N  N N 216 
LEU CA     C  N S 217 
LEU C      C  N N 218 
LEU O      O  N N 219 
LEU CB     C  N N 220 
LEU CG     C  N N 221 
LEU CD1    C  N N 222 
LEU CD2    C  N N 223 
LEU OXT    O  N N 224 
LEU H      H  N N 225 
LEU H2     H  N N 226 
LEU HA     H  N N 227 
LEU HB2    H  N N 228 
LEU HB3    H  N N 229 
LEU HG     H  N N 230 
LEU HD11   H  N N 231 
LEU HD12   H  N N 232 
LEU HD13   H  N N 233 
LEU HD21   H  N N 234 
LEU HD22   H  N N 235 
LEU HD23   H  N N 236 
LEU HXT    H  N N 237 
LYS N      N  N N 238 
LYS CA     C  N S 239 
LYS C      C  N N 240 
LYS O      O  N N 241 
LYS CB     C  N N 242 
LYS CG     C  N N 243 
LYS CD     C  N N 244 
LYS CE     C  N N 245 
LYS NZ     N  N N 246 
LYS OXT    O  N N 247 
LYS H      H  N N 248 
LYS H2     H  N N 249 
LYS HA     H  N N 250 
LYS HB2    H  N N 251 
LYS HB3    H  N N 252 
LYS HG2    H  N N 253 
LYS HG3    H  N N 254 
LYS HD2    H  N N 255 
LYS HD3    H  N N 256 
LYS HE2    H  N N 257 
LYS HE3    H  N N 258 
LYS HZ1    H  N N 259 
LYS HZ2    H  N N 260 
LYS HZ3    H  N N 261 
LYS HXT    H  N N 262 
MG  MG     MG N N 263 
PHE N      N  N N 264 
PHE CA     C  N S 265 
PHE C      C  N N 266 
PHE O      O  N N 267 
PHE CB     C  N N 268 
PHE CG     C  Y N 269 
PHE CD1    C  Y N 270 
PHE CD2    C  Y N 271 
PHE CE1    C  Y N 272 
PHE CE2    C  Y N 273 
PHE CZ     C  Y N 274 
PHE OXT    O  N N 275 
PHE H      H  N N 276 
PHE H2     H  N N 277 
PHE HA     H  N N 278 
PHE HB2    H  N N 279 
PHE HB3    H  N N 280 
PHE HD1    H  N N 281 
PHE HD2    H  N N 282 
PHE HE1    H  N N 283 
PHE HE2    H  N N 284 
PHE HZ     H  N N 285 
PHE HXT    H  N N 286 
PRO N      N  N N 287 
PRO CA     C  N S 288 
PRO C      C  N N 289 
PRO O      O  N N 290 
PRO CB     C  N N 291 
PRO CG     C  N N 292 
PRO CD     C  N N 293 
PRO OXT    O  N N 294 
PRO H      H  N N 295 
PRO HA     H  N N 296 
PRO HB2    H  N N 297 
PRO HB3    H  N N 298 
PRO HG2    H  N N 299 
PRO HG3    H  N N 300 
PRO HD2    H  N N 301 
PRO HD3    H  N N 302 
PRO HXT    H  N N 303 
SER N      N  N N 304 
SER CA     C  N S 305 
SER C      C  N N 306 
SER O      O  N N 307 
SER CB     C  N N 308 
SER OG     O  N N 309 
SER OXT    O  N N 310 
SER H      H  N N 311 
SER H2     H  N N 312 
SER HA     H  N N 313 
SER HB2    H  N N 314 
SER HB3    H  N N 315 
SER HG     H  N N 316 
SER HXT    H  N N 317 
THR N      N  N N 318 
THR CA     C  N S 319 
THR C      C  N N 320 
THR O      O  N N 321 
THR CB     C  N R 322 
THR OG1    O  N N 323 
THR CG2    C  N N 324 
THR OXT    O  N N 325 
THR H      H  N N 326 
THR H2     H  N N 327 
THR HA     H  N N 328 
THR HB     H  N N 329 
THR HG1    H  N N 330 
THR HG21   H  N N 331 
THR HG22   H  N N 332 
THR HG23   H  N N 333 
THR HXT    H  N N 334 
TRP N      N  N N 335 
TRP CA     C  N S 336 
TRP C      C  N N 337 
TRP O      O  N N 338 
TRP CB     C  N N 339 
TRP CG     C  Y N 340 
TRP CD1    C  Y N 341 
TRP CD2    C  Y N 342 
TRP NE1    N  Y N 343 
TRP CE2    C  Y N 344 
TRP CE3    C  Y N 345 
TRP CZ2    C  Y N 346 
TRP CZ3    C  Y N 347 
TRP CH2    C  Y N 348 
TRP OXT    O  N N 349 
TRP H      H  N N 350 
TRP H2     H  N N 351 
TRP HA     H  N N 352 
TRP HB2    H  N N 353 
TRP HB3    H  N N 354 
TRP HD1    H  N N 355 
TRP HE1    H  N N 356 
TRP HE3    H  N N 357 
TRP HZ2    H  N N 358 
TRP HZ3    H  N N 359 
TRP HH2    H  N N 360 
TRP HXT    H  N N 361 
TYR N      N  N N 362 
TYR CA     C  N S 363 
TYR C      C  N N 364 
TYR O      O  N N 365 
TYR CB     C  N N 366 
TYR CG     C  Y N 367 
TYR CD1    C  Y N 368 
TYR CD2    C  Y N 369 
TYR CE1    C  Y N 370 
TYR CE2    C  Y N 371 
TYR CZ     C  Y N 372 
TYR OH     O  N N 373 
TYR OXT    O  N N 374 
TYR H      H  N N 375 
TYR H2     H  N N 376 
TYR HA     H  N N 377 
TYR HB2    H  N N 378 
TYR HB3    H  N N 379 
TYR HD1    H  N N 380 
TYR HD2    H  N N 381 
TYR HE1    H  N N 382 
TYR HE2    H  N N 383 
TYR HH     H  N N 384 
TYR HXT    H  N N 385 
VAL N      N  N N 386 
VAL CA     C  N S 387 
VAL C      C  N N 388 
VAL O      O  N N 389 
VAL CB     C  N N 390 
VAL CG1    C  N N 391 
VAL CG2    C  N N 392 
VAL OXT    O  N N 393 
VAL H      H  N N 394 
VAL H2     H  N N 395 
VAL HA     H  N N 396 
VAL HB     H  N N 397 
VAL HG11   H  N N 398 
VAL HG12   H  N N 399 
VAL HG13   H  N N 400 
VAL HG21   H  N N 401 
VAL HG22   H  N N 402 
VAL HG23   H  N N 403 
VAL HXT    H  N N 404 
# 
loop_
_chem_comp_bond.comp_id 
_chem_comp_bond.atom_id_1 
_chem_comp_bond.atom_id_2 
_chem_comp_bond.value_order 
_chem_comp_bond.pdbx_aromatic_flag 
_chem_comp_bond.pdbx_stereo_config 
_chem_comp_bond.pdbx_ordinal 
ALA N     CA     sing N N 1   
ALA N     H      sing N N 2   
ALA N     H2     sing N N 3   
ALA CA    C      sing N N 4   
ALA CA    CB     sing N N 5   
ALA CA    HA     sing N N 6   
ALA C     O      doub N N 7   
ALA C     OXT    sing N N 8   
ALA CB    HB1    sing N N 9   
ALA CB    HB2    sing N N 10  
ALA CB    HB3    sing N N 11  
ALA OXT   HXT    sing N N 12  
ARG N     CA     sing N N 13  
ARG N     H      sing N N 14  
ARG N     H2     sing N N 15  
ARG CA    C      sing N N 16  
ARG CA    CB     sing N N 17  
ARG CA    HA     sing N N 18  
ARG C     O      doub N N 19  
ARG C     OXT    sing N N 20  
ARG CB    CG     sing N N 21  
ARG CB    HB2    sing N N 22  
ARG CB    HB3    sing N N 23  
ARG CG    CD     sing N N 24  
ARG CG    HG2    sing N N 25  
ARG CG    HG3    sing N N 26  
ARG CD    NE     sing N N 27  
ARG CD    HD2    sing N N 28  
ARG CD    HD3    sing N N 29  
ARG NE    CZ     sing N N 30  
ARG NE    HE     sing N N 31  
ARG CZ    NH1    sing N N 32  
ARG CZ    NH2    doub N N 33  
ARG NH1   HH11   sing N N 34  
ARG NH1   HH12   sing N N 35  
ARG NH2   HH21   sing N N 36  
ARG NH2   HH22   sing N N 37  
ARG OXT   HXT    sing N N 38  
ASN N     CA     sing N N 39  
ASN N     H      sing N N 40  
ASN N     H2     sing N N 41  
ASN CA    C      sing N N 42  
ASN CA    CB     sing N N 43  
ASN CA    HA     sing N N 44  
ASN C     O      doub N N 45  
ASN C     OXT    sing N N 46  
ASN CB    CG     sing N N 47  
ASN CB    HB2    sing N N 48  
ASN CB    HB3    sing N N 49  
ASN CG    OD1    doub N N 50  
ASN CG    ND2    sing N N 51  
ASN ND2   HD21   sing N N 52  
ASN ND2   HD22   sing N N 53  
ASN OXT   HXT    sing N N 54  
ASP N     CA     sing N N 55  
ASP N     H      sing N N 56  
ASP N     H2     sing N N 57  
ASP CA    C      sing N N 58  
ASP CA    CB     sing N N 59  
ASP CA    HA     sing N N 60  
ASP C     O      doub N N 61  
ASP C     OXT    sing N N 62  
ASP CB    CG     sing N N 63  
ASP CB    HB2    sing N N 64  
ASP CB    HB3    sing N N 65  
ASP CG    OD1    doub N N 66  
ASP CG    OD2    sing N N 67  
ASP OD2   HD2    sing N N 68  
ASP OXT   HXT    sing N N 69  
ATP PG    O1G    doub N N 70  
ATP PG    O2G    sing N N 71  
ATP PG    O3G    sing N N 72  
ATP PG    O3B    sing N N 73  
ATP O2G   HOG2   sing N N 74  
ATP O3G   HOG3   sing N N 75  
ATP PB    O1B    doub N N 76  
ATP PB    O2B    sing N N 77  
ATP PB    O3B    sing N N 78  
ATP PB    O3A    sing N N 79  
ATP O2B   HOB2   sing N N 80  
ATP PA    O1A    doub N N 81  
ATP PA    O2A    sing N N 82  
ATP PA    O3A    sing N N 83  
ATP PA    "O5'"  sing N N 84  
ATP O2A   HOA2   sing N N 85  
ATP "O5'" "C5'"  sing N N 86  
ATP "C5'" "C4'"  sing N N 87  
ATP "C5'" "H5'1" sing N N 88  
ATP "C5'" "H5'2" sing N N 89  
ATP "C4'" "O4'"  sing N N 90  
ATP "C4'" "C3'"  sing N N 91  
ATP "C4'" "H4'"  sing N N 92  
ATP "O4'" "C1'"  sing N N 93  
ATP "C3'" "O3'"  sing N N 94  
ATP "C3'" "C2'"  sing N N 95  
ATP "C3'" "H3'"  sing N N 96  
ATP "O3'" "HO3'" sing N N 97  
ATP "C2'" "O2'"  sing N N 98  
ATP "C2'" "C1'"  sing N N 99  
ATP "C2'" "H2'"  sing N N 100 
ATP "O2'" "HO2'" sing N N 101 
ATP "C1'" N9     sing N N 102 
ATP "C1'" "H1'"  sing N N 103 
ATP N9    C8     sing Y N 104 
ATP N9    C4     sing Y N 105 
ATP C8    N7     doub Y N 106 
ATP C8    H8     sing N N 107 
ATP N7    C5     sing Y N 108 
ATP C5    C6     sing Y N 109 
ATP C5    C4     doub Y N 110 
ATP C6    N6     sing N N 111 
ATP C6    N1     doub Y N 112 
ATP N6    HN61   sing N N 113 
ATP N6    HN62   sing N N 114 
ATP N1    C2     sing Y N 115 
ATP C2    N3     doub Y N 116 
ATP C2    H2     sing N N 117 
ATP N3    C4     sing Y N 118 
GLN N     CA     sing N N 119 
GLN N     H      sing N N 120 
GLN N     H2     sing N N 121 
GLN CA    C      sing N N 122 
GLN CA    CB     sing N N 123 
GLN CA    HA     sing N N 124 
GLN C     O      doub N N 125 
GLN C     OXT    sing N N 126 
GLN CB    CG     sing N N 127 
GLN CB    HB2    sing N N 128 
GLN CB    HB3    sing N N 129 
GLN CG    CD     sing N N 130 
GLN CG    HG2    sing N N 131 
GLN CG    HG3    sing N N 132 
GLN CD    OE1    doub N N 133 
GLN CD    NE2    sing N N 134 
GLN NE2   HE21   sing N N 135 
GLN NE2   HE22   sing N N 136 
GLN OXT   HXT    sing N N 137 
GLU N     CA     sing N N 138 
GLU N     H      sing N N 139 
GLU N     H2     sing N N 140 
GLU CA    C      sing N N 141 
GLU CA    CB     sing N N 142 
GLU CA    HA     sing N N 143 
GLU C     O      doub N N 144 
GLU C     OXT    sing N N 145 
GLU CB    CG     sing N N 146 
GLU CB    HB2    sing N N 147 
GLU CB    HB3    sing N N 148 
GLU CG    CD     sing N N 149 
GLU CG    HG2    sing N N 150 
GLU CG    HG3    sing N N 151 
GLU CD    OE1    doub N N 152 
GLU CD    OE2    sing N N 153 
GLU OE2   HE2    sing N N 154 
GLU OXT   HXT    sing N N 155 
GLY N     CA     sing N N 156 
GLY N     H      sing N N 157 
GLY N     H2     sing N N 158 
GLY CA    C      sing N N 159 
GLY CA    HA2    sing N N 160 
GLY CA    HA3    sing N N 161 
GLY C     O      doub N N 162 
GLY C     OXT    sing N N 163 
GLY OXT   HXT    sing N N 164 
HIS N     CA     sing N N 165 
HIS N     H      sing N N 166 
HIS N     H2     sing N N 167 
HIS CA    C      sing N N 168 
HIS CA    CB     sing N N 169 
HIS CA    HA     sing N N 170 
HIS C     O      doub N N 171 
HIS C     OXT    sing N N 172 
HIS CB    CG     sing N N 173 
HIS CB    HB2    sing N N 174 
HIS CB    HB3    sing N N 175 
HIS CG    ND1    sing Y N 176 
HIS CG    CD2    doub Y N 177 
HIS ND1   CE1    doub Y N 178 
HIS ND1   HD1    sing N N 179 
HIS CD2   NE2    sing Y N 180 
HIS CD2   HD2    sing N N 181 
HIS CE1   NE2    sing Y N 182 
HIS CE1   HE1    sing N N 183 
HIS NE2   HE2    sing N N 184 
HIS OXT   HXT    sing N N 185 
HOH O     H1     sing N N 186 
HOH O     H2     sing N N 187 
ILE N     CA     sing N N 188 
ILE N     H      sing N N 189 
ILE N     H2     sing N N 190 
ILE CA    C      sing N N 191 
ILE CA    CB     sing N N 192 
ILE CA    HA     sing N N 193 
ILE C     O      doub N N 194 
ILE C     OXT    sing N N 195 
ILE CB    CG1    sing N N 196 
ILE CB    CG2    sing N N 197 
ILE CB    HB     sing N N 198 
ILE CG1   CD1    sing N N 199 
ILE CG1   HG12   sing N N 200 
ILE CG1   HG13   sing N N 201 
ILE CG2   HG21   sing N N 202 
ILE CG2   HG22   sing N N 203 
ILE CG2   HG23   sing N N 204 
ILE CD1   HD11   sing N N 205 
ILE CD1   HD12   sing N N 206 
ILE CD1   HD13   sing N N 207 
ILE OXT   HXT    sing N N 208 
LEU N     CA     sing N N 209 
LEU N     H      sing N N 210 
LEU N     H2     sing N N 211 
LEU CA    C      sing N N 212 
LEU CA    CB     sing N N 213 
LEU CA    HA     sing N N 214 
LEU C     O      doub N N 215 
LEU C     OXT    sing N N 216 
LEU CB    CG     sing N N 217 
LEU CB    HB2    sing N N 218 
LEU CB    HB3    sing N N 219 
LEU CG    CD1    sing N N 220 
LEU CG    CD2    sing N N 221 
LEU CG    HG     sing N N 222 
LEU CD1   HD11   sing N N 223 
LEU CD1   HD12   sing N N 224 
LEU CD1   HD13   sing N N 225 
LEU CD2   HD21   sing N N 226 
LEU CD2   HD22   sing N N 227 
LEU CD2   HD23   sing N N 228 
LEU OXT   HXT    sing N N 229 
LYS N     CA     sing N N 230 
LYS N     H      sing N N 231 
LYS N     H2     sing N N 232 
LYS CA    C      sing N N 233 
LYS CA    CB     sing N N 234 
LYS CA    HA     sing N N 235 
LYS C     O      doub N N 236 
LYS C     OXT    sing N N 237 
LYS CB    CG     sing N N 238 
LYS CB    HB2    sing N N 239 
LYS CB    HB3    sing N N 240 
LYS CG    CD     sing N N 241 
LYS CG    HG2    sing N N 242 
LYS CG    HG3    sing N N 243 
LYS CD    CE     sing N N 244 
LYS CD    HD2    sing N N 245 
LYS CD    HD3    sing N N 246 
LYS CE    NZ     sing N N 247 
LYS CE    HE2    sing N N 248 
LYS CE    HE3    sing N N 249 
LYS NZ    HZ1    sing N N 250 
LYS NZ    HZ2    sing N N 251 
LYS NZ    HZ3    sing N N 252 
LYS OXT   HXT    sing N N 253 
PHE N     CA     sing N N 254 
PHE N     H      sing N N 255 
PHE N     H2     sing N N 256 
PHE CA    C      sing N N 257 
PHE CA    CB     sing N N 258 
PHE CA    HA     sing N N 259 
PHE C     O      doub N N 260 
PHE C     OXT    sing N N 261 
PHE CB    CG     sing N N 262 
PHE CB    HB2    sing N N 263 
PHE CB    HB3    sing N N 264 
PHE CG    CD1    doub Y N 265 
PHE CG    CD2    sing Y N 266 
PHE CD1   CE1    sing Y N 267 
PHE CD1   HD1    sing N N 268 
PHE CD2   CE2    doub Y N 269 
PHE CD2   HD2    sing N N 270 
PHE CE1   CZ     doub Y N 271 
PHE CE1   HE1    sing N N 272 
PHE CE2   CZ     sing Y N 273 
PHE CE2   HE2    sing N N 274 
PHE CZ    HZ     sing N N 275 
PHE OXT   HXT    sing N N 276 
PRO N     CA     sing N N 277 
PRO N     CD     sing N N 278 
PRO N     H      sing N N 279 
PRO CA    C      sing N N 280 
PRO CA    CB     sing N N 281 
PRO CA    HA     sing N N 282 
PRO C     O      doub N N 283 
PRO C     OXT    sing N N 284 
PRO CB    CG     sing N N 285 
PRO CB    HB2    sing N N 286 
PRO CB    HB3    sing N N 287 
PRO CG    CD     sing N N 288 
PRO CG    HG2    sing N N 289 
PRO CG    HG3    sing N N 290 
PRO CD    HD2    sing N N 291 
PRO CD    HD3    sing N N 292 
PRO OXT   HXT    sing N N 293 
SER N     CA     sing N N 294 
SER N     H      sing N N 295 
SER N     H2     sing N N 296 
SER CA    C      sing N N 297 
SER CA    CB     sing N N 298 
SER CA    HA     sing N N 299 
SER C     O      doub N N 300 
SER C     OXT    sing N N 301 
SER CB    OG     sing N N 302 
SER CB    HB2    sing N N 303 
SER CB    HB3    sing N N 304 
SER OG    HG     sing N N 305 
SER OXT   HXT    sing N N 306 
THR N     CA     sing N N 307 
THR N     H      sing N N 308 
THR N     H2     sing N N 309 
THR CA    C      sing N N 310 
THR CA    CB     sing N N 311 
THR CA    HA     sing N N 312 
THR C     O      doub N N 313 
THR C     OXT    sing N N 314 
THR CB    OG1    sing N N 315 
THR CB    CG2    sing N N 316 
THR CB    HB     sing N N 317 
THR OG1   HG1    sing N N 318 
THR CG2   HG21   sing N N 319 
THR CG2   HG22   sing N N 320 
THR CG2   HG23   sing N N 321 
THR OXT   HXT    sing N N 322 
TRP N     CA     sing N N 323 
TRP N     H      sing N N 324 
TRP N     H2     sing N N 325 
TRP CA    C      sing N N 326 
TRP CA    CB     sing N N 327 
TRP CA    HA     sing N N 328 
TRP C     O      doub N N 329 
TRP C     OXT    sing N N 330 
TRP CB    CG     sing N N 331 
TRP CB    HB2    sing N N 332 
TRP CB    HB3    sing N N 333 
TRP CG    CD1    doub Y N 334 
TRP CG    CD2    sing Y N 335 
TRP CD1   NE1    sing Y N 336 
TRP CD1   HD1    sing N N 337 
TRP CD2   CE2    doub Y N 338 
TRP CD2   CE3    sing Y N 339 
TRP NE1   CE2    sing Y N 340 
TRP NE1   HE1    sing N N 341 
TRP CE2   CZ2    sing Y N 342 
TRP CE3   CZ3    doub Y N 343 
TRP CE3   HE3    sing N N 344 
TRP CZ2   CH2    doub Y N 345 
TRP CZ2   HZ2    sing N N 346 
TRP CZ3   CH2    sing Y N 347 
TRP CZ3   HZ3    sing N N 348 
TRP CH2   HH2    sing N N 349 
TRP OXT   HXT    sing N N 350 
TYR N     CA     sing N N 351 
TYR N     H      sing N N 352 
TYR N     H2     sing N N 353 
TYR CA    C      sing N N 354 
TYR CA    CB     sing N N 355 
TYR CA    HA     sing N N 356 
TYR C     O      doub N N 357 
TYR C     OXT    sing N N 358 
TYR CB    CG     sing N N 359 
TYR CB    HB2    sing N N 360 
TYR CB    HB3    sing N N 361 
TYR CG    CD1    doub Y N 362 
TYR CG    CD2    sing Y N 363 
TYR CD1   CE1    sing Y N 364 
TYR CD1   HD1    sing N N 365 
TYR CD2   CE2    doub Y N 366 
TYR CD2   HD2    sing N N 367 
TYR CE1   CZ     doub Y N 368 
TYR CE1   HE1    sing N N 369 
TYR CE2   CZ     sing Y N 370 
TYR CE2   HE2    sing N N 371 
TYR CZ    OH     sing N N 372 
TYR OH    HH     sing N N 373 
TYR OXT   HXT    sing N N 374 
VAL N     CA     sing N N 375 
VAL N     H      sing N N 376 
VAL N     H2     sing N N 377 
VAL CA    C      sing N N 378 
VAL CA    CB     sing N N 379 
VAL CA    HA     sing N N 380 
VAL C     O      doub N N 381 
VAL C     OXT    sing N N 382 
VAL CB    CG1    sing N N 383 
VAL CB    CG2    sing N N 384 
VAL CB    HB     sing N N 385 
VAL CG1   HG11   sing N N 386 
VAL CG1   HG12   sing N N 387 
VAL CG1   HG13   sing N N 388 
VAL CG2   HG21   sing N N 389 
VAL CG2   HG22   sing N N 390 
VAL CG2   HG23   sing N N 391 
VAL OXT   HXT    sing N N 392 
# 
loop_
_pdbx_entity_nonpoly.entity_id 
_pdbx_entity_nonpoly.name 
_pdbx_entity_nonpoly.comp_id 
2 "ADENOSINE-5'-TRIPHOSPHATE" ATP 
3 'MAGNESIUM ION'             MG  
4 water                       HOH 
# 
_pdbx_initial_refinement_model.id               1 
_pdbx_initial_refinement_model.entity_id_list   ? 
_pdbx_initial_refinement_model.type             'experimental model' 
_pdbx_initial_refinement_model.source_name      PDB 
_pdbx_initial_refinement_model.accession_code   3GQH 
_pdbx_initial_refinement_model.details          ? 
# 
